data_3QV7
#
_entry.id   3QV7
#
_cell.length_a   182.109
_cell.length_b   164.798
_cell.length_c   123.348
_cell.angle_alpha   90.00
_cell.angle_beta   115.80
_cell.angle_gamma   90.00
#
_symmetry.space_group_name_H-M   'C 1 2 1'
#
loop_
_entity.id
_entity.type
_entity.pdbx_description
1 polymer 'Pyruvate kinase'
2 non-polymer 'SULFATE ION'
3 non-polymer 'POTASSIUM ION'
4 non-polymer '3-hydroxy-4-[(E)-{2-sulfo-4-[(E)-(4-sulfophenyl)diazenyl]phenyl}diazenyl]naphthalene-2,7-disulfonic acid'
5 non-polymer '9,10-dioxo-4-(phenylamino)-9,10-dihydroanthracene-2-sulfonic acid'
6 water water
#
_entity_poly.entity_id   1
_entity_poly.type   'polypeptide(L)'
_entity_poly.pdbx_seq_one_letter_code
;MSQLAHNLTLSIFDPVANYRAARIICTIGPSTQSVEALKGLIQSGMSVARMNFSHGSHEYHQTTINNVRQAAAELGVNIA
IALDTKGPEIRTGQFVGGDAVMERGATCYVTTDPAFADKGTKDKFYIDYQNLSKVVRPGNYIYIDDGILILQVQSHEDEQ
TLECTVTNSHTISDRRGVNLPGCDVDLPAVSAKDRVDLQFGVEQGVDMIFASFIRSAEQVGDVRKALGPKGRDIMIICKI
ENHQGVQNIDSIIEESDGIMVARGDLGVEIPAEKVVVAQKILISKCNVAGKPVICATQMLESMTYNPRPTRAEVSDVANA
VFNGADCVMLSGETAKGKYPNEVVQYMARICLEAQSALNEYVFFNSIKKLQHIPMSADEAVCSSAVNSVYETKAKAMVVL
SNTGRSARLVAKYRPNCPIVCVTTRLQTCRQLNITQGVESVFFDADKLGHDEGKEHRVAAGVEFAKSKGYVQTGDYCVVI
HADHKVKGYANQTRILLVE
;
_entity_poly.pdbx_strand_id   D,A,B,C
#
loop_
_chem_comp.id
_chem_comp.type
_chem_comp.name
_chem_comp.formula
K non-polymer 'POTASSIUM ION' 'K 1'
QV7 non-polymer '3-hydroxy-4-[(E)-{2-sulfo-4-[(E)-(4-sulfophenyl)diazenyl]phenyl}diazenyl]naphthalene-2,7-disulfonic acid' 'C22 H16 N4 O13 S4'
QV8 non-polymer '9,10-dioxo-4-(phenylamino)-9,10-dihydroanthracene-2-sulfonic acid' 'C20 H13 N O5 S'
SO4 non-polymer 'SULFATE ION' 'O4 S -2'
#
# COMPACT_ATOMS: atom_id res chain seq x y z
N SER A 2 -7.45 0.09 2.92
CA SER A 2 -7.55 -1.39 2.76
C SER A 2 -8.96 -1.86 3.05
N GLN A 3 -9.33 -3.03 2.51
CA GLN A 3 -10.65 -3.61 2.72
C GLN A 3 -10.91 -3.91 4.20
N LEU A 4 -9.89 -4.42 4.88
CA LEU A 4 -9.98 -4.74 6.31
C LEU A 4 -10.25 -3.49 7.16
N ALA A 5 -9.53 -2.41 6.85
CA ALA A 5 -9.69 -1.14 7.58
C ALA A 5 -11.04 -0.50 7.30
N HIS A 6 -11.53 -0.69 6.08
CA HIS A 6 -12.84 -0.19 5.66
C HIS A 6 -13.97 -0.92 6.40
N ASN A 7 -13.78 -2.23 6.60
CA ASN A 7 -14.73 -3.06 7.34
C ASN A 7 -14.98 -2.60 8.77
N LEU A 8 -13.96 -2.03 9.39
CA LEU A 8 -14.04 -1.53 10.77
C LEU A 8 -15.00 -0.35 10.90
N THR A 9 -15.06 0.49 9.87
CA THR A 9 -15.85 1.70 9.89
C THR A 9 -17.31 1.50 9.46
N LEU A 10 -17.63 0.28 9.02
CA LEU A 10 -18.97 -0.02 8.48
C LEU A 10 -20.04 -0.19 9.55
N SER A 11 -21.27 0.18 9.18
CA SER A 11 -22.45 -0.09 10.00
C SER A 11 -23.60 -0.58 9.13
N ILE A 12 -24.16 -1.73 9.50
CA ILE A 12 -25.26 -2.33 8.73
C ILE A 12 -26.60 -1.60 8.91
N PHE A 13 -26.57 -0.48 9.64
CA PHE A 13 -27.77 0.32 9.89
C PHE A 13 -27.69 1.68 9.19
N ASP A 14 -26.54 1.96 8.58
CA ASP A 14 -26.38 3.12 7.72
C ASP A 14 -27.21 2.94 6.45
N PRO A 15 -27.70 4.05 5.86
CA PRO A 15 -28.37 3.96 4.56
C PRO A 15 -27.40 3.49 3.47
N VAL A 16 -27.91 2.69 2.53
CA VAL A 16 -27.11 2.17 1.43
C VAL A 16 -26.71 3.26 0.43
N ALA A 17 -25.75 2.94 -0.42
CA ALA A 17 -25.27 3.87 -1.46
C ALA A 17 -26.42 4.36 -2.34
N ASN A 18 -26.27 5.58 -2.86
CA ASN A 18 -27.30 6.18 -3.71
C ASN A 18 -27.29 5.66 -5.15
N TYR A 19 -26.48 4.61 -5.40
CA TYR A 19 -26.34 4.03 -6.73
CA TYR A 19 -26.27 4.06 -6.74
C TYR A 19 -25.81 2.59 -6.67
N ARG A 20 -26.26 1.78 -7.63
CA ARG A 20 -25.82 0.38 -7.73
C ARG A 20 -24.90 0.19 -8.94
N ALA A 21 -23.69 -0.30 -8.67
CA ALA A 21 -22.65 -0.43 -9.70
C ALA A 21 -22.77 -1.71 -10.53
N ALA A 22 -23.00 -2.84 -9.86
CA ALA A 22 -23.09 -4.14 -10.53
C ALA A 22 -24.31 -4.23 -11.44
N ARG A 23 -24.21 -5.07 -12.48
CA ARG A 23 -25.27 -5.20 -13.48
C ARG A 23 -25.91 -6.60 -13.47
N ILE A 24 -27.21 -6.65 -13.73
CA ILE A 24 -27.96 -7.91 -13.67
C ILE A 24 -28.38 -8.40 -15.06
N ILE A 25 -28.00 -9.63 -15.38
CA ILE A 25 -28.37 -10.28 -16.63
C ILE A 25 -29.48 -11.30 -16.38
N CYS A 26 -30.59 -11.15 -17.09
CA CYS A 26 -31.73 -12.05 -16.95
C CYS A 26 -31.96 -12.93 -18.18
N THR A 27 -32.23 -14.21 -17.95
CA THR A 27 -32.58 -15.14 -19.01
C THR A 27 -34.08 -15.10 -19.25
N ILE A 28 -34.46 -14.84 -20.51
CA ILE A 28 -35.87 -14.73 -20.88
C ILE A 28 -36.42 -16.10 -21.25
N GLY A 29 -37.59 -16.41 -20.70
CA GLY A 29 -38.30 -17.64 -21.02
C GLY A 29 -39.80 -17.51 -20.84
N PRO A 30 -40.52 -18.64 -20.74
CA PRO A 30 -41.98 -18.68 -20.58
C PRO A 30 -42.54 -17.77 -19.49
N SER A 31 -41.75 -17.54 -18.44
CA SER A 31 -42.18 -16.70 -17.31
C SER A 31 -42.12 -15.21 -17.62
N THR A 32 -41.24 -14.82 -18.55
CA THR A 32 -40.86 -13.42 -18.70
C THR A 32 -40.76 -12.91 -20.15
N GLN A 33 -41.30 -13.66 -21.10
CA GLN A 33 -41.20 -13.28 -22.52
C GLN A 33 -42.15 -12.14 -22.94
N SER A 34 -43.33 -12.06 -22.31
CA SER A 34 -44.31 -11.04 -22.66
C SER A 34 -43.81 -9.63 -22.35
N VAL A 35 -44.28 -8.66 -23.15
CA VAL A 35 -43.90 -7.25 -23.00
C VAL A 35 -44.08 -6.77 -21.56
N GLU A 36 -45.26 -7.03 -20.99
CA GLU A 36 -45.59 -6.63 -19.62
C GLU A 36 -44.63 -7.23 -18.59
N ALA A 37 -44.33 -8.52 -18.74
CA ALA A 37 -43.40 -9.22 -17.85
C ALA A 37 -41.98 -8.66 -17.95
N LEU A 38 -41.59 -8.27 -19.17
CA LEU A 38 -40.28 -7.65 -19.41
C LEU A 38 -40.16 -6.27 -18.79
N LYS A 39 -41.26 -5.51 -18.81
CA LYS A 39 -41.29 -4.19 -18.19
C LYS A 39 -41.11 -4.30 -16.69
N GLY A 40 -41.69 -5.36 -16.10
CA GLY A 40 -41.49 -5.69 -14.69
C GLY A 40 -40.04 -6.01 -14.38
N LEU A 41 -39.40 -6.76 -15.28
CA LEU A 41 -37.98 -7.09 -15.17
C LEU A 41 -37.07 -5.85 -15.24
N ILE A 42 -37.34 -4.97 -16.20
CA ILE A 42 -36.56 -3.74 -16.37
C ILE A 42 -36.63 -2.86 -15.12
N GLN A 43 -37.84 -2.69 -14.59
CA GLN A 43 -38.05 -1.89 -13.38
C GLN A 43 -37.47 -2.56 -12.13
N SER A 44 -37.44 -3.89 -12.14
CA SER A 44 -36.84 -4.67 -11.06
C SER A 44 -35.31 -4.58 -11.07
N GLY A 45 -34.73 -4.36 -12.25
CA GLY A 45 -33.29 -4.11 -12.37
C GLY A 45 -32.53 -4.85 -13.47
N MET A 46 -33.25 -5.36 -14.47
CA MET A 46 -32.60 -6.05 -15.59
C MET A 46 -31.90 -5.07 -16.52
N SER A 47 -30.63 -5.33 -16.78
CA SER A 47 -29.85 -4.51 -17.72
C SER A 47 -29.64 -5.23 -19.05
N VAL A 48 -29.56 -6.55 -19.01
CA VAL A 48 -29.31 -7.37 -20.19
C VAL A 48 -30.32 -8.52 -20.28
N ALA A 49 -30.92 -8.67 -21.46
CA ALA A 49 -31.80 -9.81 -21.75
C ALA A 49 -31.03 -10.92 -22.43
N ARG A 50 -31.07 -12.12 -21.85
CA ARG A 50 -30.32 -13.26 -22.35
C ARG A 50 -31.25 -14.28 -23.03
N MET A 51 -30.85 -14.71 -24.22
CA MET A 51 -31.58 -15.74 -24.97
C MET A 51 -30.79 -17.03 -24.99
N ASN A 52 -31.37 -18.08 -24.41
CA ASN A 52 -30.73 -19.40 -24.35
C ASN A 52 -31.03 -20.20 -25.61
N PHE A 53 -30.06 -20.24 -26.53
CA PHE A 53 -30.24 -20.90 -27.82
C PHE A 53 -30.03 -22.42 -27.77
N SER A 54 -30.02 -22.97 -26.57
CA SER A 54 -30.04 -24.42 -26.38
C SER A 54 -31.45 -24.96 -26.63
N HIS A 55 -32.43 -24.06 -26.54
CA HIS A 55 -33.83 -24.40 -26.75
C HIS A 55 -34.57 -23.28 -27.47
N GLY A 56 -35.65 -23.63 -28.15
CA GLY A 56 -36.47 -22.66 -28.86
C GLY A 56 -36.03 -22.43 -30.29
N SER A 57 -37.02 -22.17 -31.15
CA SER A 57 -36.76 -21.90 -32.56
C SER A 57 -36.38 -20.44 -32.77
N HIS A 58 -35.89 -20.13 -33.97
CA HIS A 58 -35.56 -18.75 -34.36
C HIS A 58 -36.76 -17.81 -34.25
N GLU A 59 -37.96 -18.37 -34.15
CA GLU A 59 -39.18 -17.59 -34.01
C GLU A 59 -39.51 -17.26 -32.55
N TYR A 60 -39.15 -18.17 -31.65
CA TYR A 60 -39.28 -17.92 -30.22
C TYR A 60 -38.38 -16.77 -29.80
N HIS A 61 -37.14 -16.80 -30.27
CA HIS A 61 -36.16 -15.78 -29.93
C HIS A 61 -36.43 -14.47 -30.68
N GLN A 62 -37.16 -14.56 -31.78
CA GLN A 62 -37.64 -13.37 -32.50
C GLN A 62 -38.68 -12.63 -31.65
N THR A 63 -39.56 -13.38 -31.00
CA THR A 63 -40.54 -12.80 -30.10
C THR A 63 -39.84 -12.07 -28.96
N THR A 64 -38.84 -12.72 -28.37
CA THR A 64 -38.04 -12.14 -27.28
C THR A 64 -37.40 -10.82 -27.73
N ILE A 65 -36.69 -10.85 -28.86
CA ILE A 65 -36.06 -9.65 -29.44
C ILE A 65 -37.05 -8.49 -29.62
N ASN A 66 -38.18 -8.77 -30.28
CA ASN A 66 -39.19 -7.75 -30.53
C ASN A 66 -39.80 -7.19 -29.26
N ASN A 67 -40.13 -8.08 -28.32
CA ASN A 67 -40.74 -7.69 -27.05
C ASN A 67 -39.79 -6.92 -26.13
N VAL A 68 -38.51 -7.32 -26.12
CA VAL A 68 -37.48 -6.61 -25.35
C VAL A 68 -37.34 -5.18 -25.85
N ARG A 69 -37.28 -5.03 -27.17
CA ARG A 69 -37.18 -3.72 -27.80
C ARG A 69 -38.41 -2.85 -27.51
N GLN A 70 -39.59 -3.45 -27.57
CA GLN A 70 -40.83 -2.73 -27.29
C GLN A 70 -40.93 -2.30 -25.81
N ALA A 71 -40.56 -3.19 -24.90
CA ALA A 71 -40.59 -2.92 -23.47
C ALA A 71 -39.63 -1.80 -23.08
N ALA A 72 -38.41 -1.85 -23.61
CA ALA A 72 -37.39 -0.84 -23.35
C ALA A 72 -37.80 0.53 -23.91
N ALA A 73 -38.36 0.53 -25.12
CA ALA A 73 -38.81 1.77 -25.78
C ALA A 73 -39.97 2.44 -25.05
N GLU A 74 -40.87 1.64 -24.49
CA GLU A 74 -42.01 2.14 -23.73
C GLU A 74 -41.60 2.76 -22.39
N LEU A 75 -40.43 2.37 -21.89
CA LEU A 75 -39.91 2.89 -20.63
C LEU A 75 -38.75 3.88 -20.84
N GLY A 76 -38.38 4.09 -22.10
CA GLY A 76 -37.33 5.05 -22.47
C GLY A 76 -35.94 4.66 -22.02
N VAL A 77 -35.66 3.36 -21.97
CA VAL A 77 -34.36 2.85 -21.54
C VAL A 77 -33.67 2.04 -22.65
N ASN A 78 -32.37 1.78 -22.46
CA ASN A 78 -31.60 0.94 -23.37
C ASN A 78 -31.22 -0.39 -22.72
N ILE A 79 -31.70 -1.49 -23.32
CA ILE A 79 -31.45 -2.84 -22.80
C ILE A 79 -30.66 -3.67 -23.81
N ALA A 80 -29.57 -4.28 -23.36
CA ALA A 80 -28.74 -5.12 -24.21
C ALA A 80 -29.38 -6.50 -24.46
N ILE A 81 -29.22 -7.00 -25.68
CA ILE A 81 -29.69 -8.34 -26.03
C ILE A 81 -28.50 -9.26 -26.30
N ALA A 82 -28.47 -10.38 -25.59
CA ALA A 82 -27.38 -11.35 -25.68
C ALA A 82 -27.86 -12.68 -26.24
N LEU A 83 -27.04 -13.26 -27.13
CA LEU A 83 -27.33 -14.56 -27.71
C LEU A 83 -26.37 -15.59 -27.11
N ASP A 84 -26.90 -16.46 -26.26
CA ASP A 84 -26.11 -17.53 -25.65
C ASP A 84 -26.24 -18.79 -26.51
N THR A 85 -25.15 -19.15 -27.19
CA THR A 85 -25.14 -20.29 -28.12
C THR A 85 -25.26 -21.62 -27.39
N LYS A 86 -25.80 -22.63 -28.09
CA LYS A 86 -25.85 -24.00 -27.58
C LYS A 86 -24.44 -24.59 -27.46
N GLY A 87 -23.65 -24.41 -28.52
CA GLY A 87 -22.28 -24.91 -28.55
C GLY A 87 -22.16 -26.38 -28.89
N PRO A 88 -20.93 -26.87 -29.08
CA PRO A 88 -20.65 -28.28 -29.33
C PRO A 88 -20.94 -29.14 -28.11
N GLU A 89 -21.41 -30.37 -28.34
CA GLU A 89 -21.79 -31.27 -27.25
C GLU A 89 -21.32 -32.71 -27.48
N ILE A 90 -20.85 -33.34 -26.40
CA ILE A 90 -20.60 -34.77 -26.38
C ILE A 90 -21.78 -35.45 -25.68
N ARG A 91 -22.48 -36.32 -26.40
CA ARG A 91 -23.64 -37.03 -25.85
C ARG A 91 -23.53 -38.53 -26.16
N THR A 92 -24.22 -39.34 -25.36
CA THR A 92 -24.30 -40.78 -25.61
C THR A 92 -25.33 -41.07 -26.69
N GLY A 93 -25.40 -42.33 -27.12
CA GLY A 93 -26.41 -42.77 -28.07
C GLY A 93 -27.69 -43.19 -27.37
N GLN A 94 -28.47 -44.04 -28.04
CA GLN A 94 -29.74 -44.52 -27.51
C GLN A 94 -29.61 -45.92 -26.91
N PHE A 95 -30.59 -46.28 -26.08
CA PHE A 95 -30.58 -47.57 -25.39
C PHE A 95 -31.82 -48.41 -25.70
N VAL A 96 -31.64 -49.73 -25.72
CA VAL A 96 -32.74 -50.67 -25.91
C VAL A 96 -33.66 -50.61 -24.68
N GLY A 97 -34.94 -50.38 -24.94
CA GLY A 97 -35.93 -50.17 -23.88
C GLY A 97 -35.91 -48.73 -23.38
N GLY A 98 -35.12 -47.89 -24.04
CA GLY A 98 -34.96 -46.48 -23.68
C GLY A 98 -34.24 -46.24 -22.36
N ASP A 99 -33.52 -47.26 -21.89
CA ASP A 99 -32.95 -47.25 -20.55
C ASP A 99 -31.76 -48.19 -20.39
N ALA A 100 -30.85 -47.83 -19.50
CA ALA A 100 -29.71 -48.67 -19.14
C ALA A 100 -29.36 -48.53 -17.66
N VAL A 101 -29.43 -49.65 -16.93
CA VAL A 101 -29.08 -49.67 -15.52
C VAL A 101 -27.60 -50.02 -15.36
N MET A 102 -26.85 -49.09 -14.78
CA MET A 102 -25.41 -49.27 -14.56
C MET A 102 -25.13 -49.53 -13.08
N GLU A 103 -24.49 -50.66 -12.80
CA GLU A 103 -24.21 -51.07 -11.42
C GLU A 103 -22.73 -50.97 -11.08
N ARG A 104 -22.45 -50.58 -9.84
CA ARG A 104 -21.07 -50.43 -9.35
C ARG A 104 -20.31 -51.74 -9.45
N GLY A 105 -19.09 -51.67 -9.98
CA GLY A 105 -18.21 -52.83 -10.10
C GLY A 105 -18.26 -53.50 -11.47
N ALA A 106 -19.33 -53.26 -12.21
CA ALA A 106 -19.52 -53.87 -13.53
C ALA A 106 -18.57 -53.32 -14.59
N THR A 107 -18.38 -54.09 -15.66
CA THR A 107 -17.56 -53.67 -16.80
C THR A 107 -18.45 -53.33 -17.98
N CYS A 108 -18.11 -52.25 -18.69
CA CYS A 108 -18.84 -51.84 -19.87
C CYS A 108 -17.91 -51.36 -20.98
N TYR A 109 -18.45 -51.22 -22.18
CA TYR A 109 -17.67 -50.82 -23.35
C TYR A 109 -18.28 -49.60 -24.03
N VAL A 110 -17.54 -48.50 -24.04
CA VAL A 110 -17.97 -47.31 -24.78
C VAL A 110 -17.33 -47.32 -26.16
N THR A 111 -18.17 -47.14 -27.19
CA THR A 111 -17.69 -47.18 -28.57
C THR A 111 -18.10 -45.95 -29.38
N THR A 112 -17.26 -45.58 -30.34
CA THR A 112 -17.53 -44.46 -31.23
C THR A 112 -17.95 -44.95 -32.62
N ASP A 113 -18.26 -46.24 -32.71
CA ASP A 113 -18.78 -46.86 -33.93
C ASP A 113 -20.25 -46.51 -34.08
N PRO A 114 -20.59 -45.76 -35.16
CA PRO A 114 -21.95 -45.24 -35.38
C PRO A 114 -23.05 -46.31 -35.46
N ALA A 115 -22.64 -47.57 -35.58
CA ALA A 115 -23.59 -48.70 -35.65
C ALA A 115 -24.38 -48.88 -34.35
N PHE A 116 -23.75 -48.55 -33.22
CA PHE A 116 -24.34 -48.76 -31.90
C PHE A 116 -25.17 -47.58 -31.38
N ALA A 117 -25.42 -46.60 -32.26
CA ALA A 117 -26.12 -45.37 -31.89
C ALA A 117 -27.58 -45.59 -31.46
N ASP A 118 -28.21 -46.64 -31.97
CA ASP A 118 -29.62 -46.92 -31.66
C ASP A 118 -29.90 -48.30 -31.07
N LYS A 119 -28.86 -48.97 -30.58
CA LYS A 119 -29.01 -50.28 -29.92
C LYS A 119 -28.05 -50.48 -28.73
N GLY A 120 -27.81 -49.41 -27.97
CA GLY A 120 -26.94 -49.47 -26.81
C GLY A 120 -27.54 -50.23 -25.65
N THR A 121 -26.69 -50.98 -24.94
CA THR A 121 -27.09 -51.70 -23.73
C THR A 121 -26.15 -51.33 -22.59
N LYS A 122 -26.40 -51.89 -21.41
CA LYS A 122 -25.55 -51.66 -20.23
C LYS A 122 -24.12 -52.17 -20.44
N ASP A 123 -23.96 -53.09 -21.39
CA ASP A 123 -22.66 -53.68 -21.72
C ASP A 123 -21.88 -52.85 -22.73
N LYS A 124 -22.60 -52.30 -23.72
CA LYS A 124 -21.97 -51.54 -24.80
C LYS A 124 -22.90 -50.45 -25.34
N PHE A 125 -22.39 -49.23 -25.44
CA PHE A 125 -23.15 -48.10 -25.99
C PHE A 125 -22.30 -47.07 -26.74
N TYR A 126 -22.98 -46.18 -27.46
CA TYR A 126 -22.34 -45.21 -28.33
C TYR A 126 -22.08 -43.86 -27.65
N ILE A 127 -20.99 -43.22 -28.02
CA ILE A 127 -20.69 -41.83 -27.66
C ILE A 127 -20.27 -41.08 -28.93
N ASP A 128 -20.98 -39.99 -29.24
CA ASP A 128 -20.86 -39.32 -30.55
C ASP A 128 -19.56 -38.56 -30.81
N TYR A 129 -18.75 -38.33 -29.79
CA TYR A 129 -17.45 -37.69 -29.96
C TYR A 129 -16.47 -38.67 -30.61
N GLN A 130 -16.25 -38.48 -31.91
CA GLN A 130 -15.51 -39.45 -32.73
C GLN A 130 -14.03 -39.63 -32.35
N ASN A 131 -13.43 -38.60 -31.77
CA ASN A 131 -12.02 -38.64 -31.38
C ASN A 131 -11.79 -39.10 -29.93
N LEU A 132 -12.81 -39.68 -29.32
CA LEU A 132 -12.78 -40.09 -27.91
C LEU A 132 -11.55 -40.95 -27.56
N SER A 133 -11.27 -41.98 -28.35
CA SER A 133 -10.18 -42.92 -28.09
C SER A 133 -8.80 -42.29 -28.22
N LYS A 134 -8.69 -41.30 -29.11
CA LYS A 134 -7.43 -40.59 -29.37
C LYS A 134 -7.08 -39.63 -28.23
N VAL A 135 -8.11 -39.14 -27.55
CA VAL A 135 -7.96 -38.15 -26.48
C VAL A 135 -7.81 -38.83 -25.11
N VAL A 136 -8.59 -39.88 -24.88
CA VAL A 136 -8.64 -40.55 -23.57
C VAL A 136 -7.62 -41.69 -23.45
N ARG A 137 -6.94 -41.76 -22.31
CA ARG A 137 -6.00 -42.83 -22.00
C ARG A 137 -6.48 -43.65 -20.79
N PRO A 138 -5.92 -44.87 -20.60
CA PRO A 138 -6.26 -45.67 -19.41
C PRO A 138 -5.94 -44.96 -18.10
N GLY A 139 -6.93 -44.89 -17.21
CA GLY A 139 -6.79 -44.16 -15.95
C GLY A 139 -7.73 -42.97 -15.89
N ASN A 140 -8.05 -42.40 -17.05
CA ASN A 140 -8.97 -41.26 -17.16
C ASN A 140 -10.41 -41.63 -16.81
N TYR A 141 -11.24 -40.62 -16.60
CA TYR A 141 -12.63 -40.81 -16.22
C TYR A 141 -13.60 -40.28 -17.26
N ILE A 142 -14.70 -41.00 -17.47
CA ILE A 142 -15.77 -40.55 -18.34
C ILE A 142 -17.01 -40.26 -17.50
N TYR A 143 -17.46 -39.02 -17.55
CA TYR A 143 -18.63 -38.57 -16.79
C TYR A 143 -19.87 -38.60 -17.68
N ILE A 144 -20.96 -39.16 -17.17
CA ILE A 144 -22.21 -39.25 -17.91
C ILE A 144 -23.39 -38.76 -17.07
N ASP A 145 -24.31 -38.03 -17.71
CA ASP A 145 -25.51 -37.47 -17.09
C ASP A 145 -25.18 -36.46 -15.98
N ASP A 146 -24.76 -35.26 -16.40
CA ASP A 146 -24.34 -34.19 -15.50
C ASP A 146 -23.30 -34.66 -14.46
N GLY A 147 -22.45 -35.59 -14.87
CA GLY A 147 -21.38 -36.11 -14.02
C GLY A 147 -21.82 -37.01 -12.87
N ILE A 148 -23.08 -37.46 -12.91
CA ILE A 148 -23.60 -38.36 -11.87
C ILE A 148 -22.98 -39.76 -12.00
N LEU A 149 -22.93 -40.28 -13.23
CA LEU A 149 -22.30 -41.56 -13.50
C LEU A 149 -20.83 -41.36 -13.87
N ILE A 150 -19.96 -42.06 -13.14
CA ILE A 150 -18.51 -41.97 -13.35
C ILE A 150 -17.95 -43.31 -13.81
N LEU A 151 -17.35 -43.31 -15.00
CA LEU A 151 -16.69 -44.50 -15.55
C LEU A 151 -15.18 -44.30 -15.54
N GLN A 152 -14.45 -45.37 -15.23
CA GLN A 152 -12.98 -45.33 -15.29
C GLN A 152 -12.48 -46.20 -16.45
N VAL A 153 -11.65 -45.60 -17.30
CA VAL A 153 -11.10 -46.28 -18.46
C VAL A 153 -10.00 -47.25 -18.04
N GLN A 154 -10.11 -48.49 -18.53
CA GLN A 154 -9.13 -49.54 -18.21
C GLN A 154 -8.13 -49.76 -19.34
N SER A 155 -8.62 -49.95 -20.56
CA SER A 155 -7.76 -50.18 -21.73
C SER A 155 -8.54 -49.99 -23.03
N HIS A 156 -7.81 -49.99 -24.14
CA HIS A 156 -8.40 -49.94 -25.47
C HIS A 156 -8.72 -51.36 -25.93
N GLU A 157 -10.00 -51.65 -26.11
CA GLU A 157 -10.43 -52.93 -26.67
C GLU A 157 -10.00 -52.99 -28.15
N ASP A 158 -10.25 -51.90 -28.87
CA ASP A 158 -9.70 -51.67 -30.20
C ASP A 158 -9.52 -50.17 -30.44
N GLU A 159 -9.58 -49.74 -31.70
CA GLU A 159 -9.40 -48.32 -32.03
C GLU A 159 -10.65 -47.47 -31.78
N GLN A 160 -11.80 -48.12 -31.66
CA GLN A 160 -13.08 -47.42 -31.51
C GLN A 160 -13.82 -47.75 -30.22
N THR A 161 -13.26 -48.65 -29.42
CA THR A 161 -13.92 -49.14 -28.21
C THR A 161 -12.99 -49.09 -27.00
N LEU A 162 -13.56 -48.71 -25.85
CA LEU A 162 -12.81 -48.61 -24.60
C LEU A 162 -13.44 -49.47 -23.50
N GLU A 163 -12.59 -50.21 -22.77
CA GLU A 163 -13.04 -51.00 -21.63
C GLU A 163 -13.12 -50.12 -20.39
N CYS A 164 -14.28 -50.11 -19.74
CA CYS A 164 -14.53 -49.21 -18.62
C CYS A 164 -15.11 -49.92 -17.40
N THR A 165 -14.78 -49.39 -16.21
CA THR A 165 -15.36 -49.86 -14.95
C THR A 165 -16.40 -48.84 -14.49
N VAL A 166 -17.55 -49.35 -14.03
CA VAL A 166 -18.59 -48.51 -13.44
C VAL A 166 -18.27 -48.33 -11.95
N THR A 167 -18.02 -47.09 -11.54
CA THR A 167 -17.58 -46.79 -10.17
C THR A 167 -18.73 -46.46 -9.20
N ASN A 168 -19.90 -46.16 -9.76
CA ASN A 168 -21.10 -45.90 -8.95
C ASN A 168 -22.38 -46.30 -9.68
N SER A 169 -23.41 -46.66 -8.91
CA SER A 169 -24.67 -47.10 -9.49
C SER A 169 -25.60 -45.95 -9.87
N HIS A 170 -25.90 -45.85 -11.16
CA HIS A 170 -26.83 -44.84 -11.69
C HIS A 170 -27.50 -45.34 -12.95
N THR A 171 -28.75 -44.93 -13.18
CA THR A 171 -29.51 -45.34 -14.34
C THR A 171 -29.62 -44.20 -15.36
N ILE A 172 -28.95 -44.37 -16.49
CA ILE A 172 -28.93 -43.36 -17.54
C ILE A 172 -29.93 -43.65 -18.66
N SER A 173 -30.70 -42.63 -19.04
CA SER A 173 -31.65 -42.74 -20.14
C SER A 173 -31.00 -42.36 -21.48
N ASP A 174 -31.81 -42.09 -22.49
CA ASP A 174 -31.32 -41.80 -23.85
C ASP A 174 -30.58 -40.47 -23.98
N ARG A 175 -29.52 -40.48 -24.79
CA ARG A 175 -28.76 -39.28 -25.15
C ARG A 175 -28.42 -38.35 -23.98
N ARG A 176 -27.62 -38.87 -23.05
CA ARG A 176 -27.15 -38.10 -21.91
C ARG A 176 -25.84 -37.38 -22.22
N GLY A 177 -25.67 -36.21 -21.61
CA GLY A 177 -24.47 -35.40 -21.79
C GLY A 177 -23.26 -36.03 -21.12
N VAL A 178 -22.16 -36.11 -21.84
CA VAL A 178 -20.93 -36.71 -21.31
C VAL A 178 -19.79 -35.70 -21.22
N ASN A 179 -19.08 -35.74 -20.09
CA ASN A 179 -17.94 -34.87 -19.84
C ASN A 179 -16.64 -35.65 -19.72
N LEU A 180 -15.54 -35.05 -20.17
CA LEU A 180 -14.22 -35.68 -20.18
C LEU A 180 -13.20 -34.89 -19.35
N PRO A 181 -13.27 -35.01 -18.01
CA PRO A 181 -12.38 -34.23 -17.15
C PRO A 181 -10.90 -34.60 -17.31
N GLY A 182 -10.05 -33.59 -17.48
CA GLY A 182 -8.62 -33.81 -17.65
C GLY A 182 -8.23 -34.19 -19.07
N CYS A 183 -9.18 -34.10 -19.99
CA CYS A 183 -8.96 -34.45 -21.39
C CYS A 183 -9.10 -33.23 -22.29
N ASP A 184 -8.24 -33.14 -23.30
CA ASP A 184 -8.27 -32.04 -24.25
C ASP A 184 -9.27 -32.31 -25.38
N VAL A 185 -10.51 -31.86 -25.16
CA VAL A 185 -11.56 -32.00 -26.16
C VAL A 185 -11.30 -31.04 -27.32
N ASP A 186 -11.23 -31.60 -28.54
CA ASP A 186 -10.90 -30.82 -29.74
C ASP A 186 -12.07 -30.62 -30.70
N LEU A 187 -13.29 -30.62 -30.16
CA LEU A 187 -14.49 -30.27 -30.94
C LEU A 187 -14.31 -28.90 -31.59
N PRO A 188 -14.98 -28.67 -32.75
CA PRO A 188 -14.89 -27.35 -33.39
C PRO A 188 -15.45 -26.24 -32.50
N ALA A 189 -14.97 -25.01 -32.70
CA ALA A 189 -15.37 -23.86 -31.89
C ALA A 189 -16.87 -23.64 -31.91
N VAL A 190 -17.43 -23.64 -33.13
CA VAL A 190 -18.86 -23.46 -33.33
C VAL A 190 -19.46 -24.70 -33.97
N SER A 191 -20.63 -25.12 -33.48
CA SER A 191 -21.35 -26.24 -34.07
C SER A 191 -22.02 -25.83 -35.37
N ALA A 192 -22.65 -26.79 -36.05
CA ALA A 192 -23.42 -26.51 -37.25
C ALA A 192 -24.61 -25.61 -36.94
N LYS A 193 -25.27 -25.88 -35.81
CA LYS A 193 -26.39 -25.08 -35.33
C LYS A 193 -25.93 -23.67 -34.94
N ASP A 194 -24.71 -23.56 -34.42
CA ASP A 194 -24.16 -22.27 -34.01
C ASP A 194 -24.02 -21.30 -35.18
N ARG A 195 -23.53 -21.79 -36.31
CA ARG A 195 -23.31 -20.98 -37.52
C ARG A 195 -24.60 -20.39 -38.08
N VAL A 196 -25.71 -21.13 -37.93
CA VAL A 196 -27.03 -20.66 -38.34
C VAL A 196 -27.54 -19.60 -37.36
N ASP A 197 -27.39 -19.89 -36.06
CA ASP A 197 -27.84 -19.00 -34.98
C ASP A 197 -27.05 -17.68 -34.92
N LEU A 198 -25.75 -17.75 -35.19
CA LEU A 198 -24.90 -16.56 -35.23
C LEU A 198 -25.24 -15.66 -36.40
N GLN A 199 -25.54 -16.28 -37.54
CA GLN A 199 -26.02 -15.57 -38.74
C GLN A 199 -27.32 -14.81 -38.43
N PHE A 200 -28.23 -15.48 -37.73
CA PHE A 200 -29.49 -14.89 -37.30
C PHE A 200 -29.27 -13.73 -36.33
N GLY A 201 -28.29 -13.89 -35.43
CA GLY A 201 -27.93 -12.85 -34.46
C GLY A 201 -27.50 -11.56 -35.13
N VAL A 202 -26.59 -11.67 -36.09
CA VAL A 202 -26.12 -10.53 -36.87
C VAL A 202 -27.27 -9.83 -37.59
N GLU A 203 -28.16 -10.62 -38.20
CA GLU A 203 -29.32 -10.11 -38.92
C GLU A 203 -30.25 -9.30 -38.03
N GLN A 204 -30.51 -9.79 -36.82
CA GLN A 204 -31.41 -9.12 -35.88
C GLN A 204 -30.70 -8.05 -35.05
N GLY A 205 -29.38 -7.96 -35.20
CA GLY A 205 -28.59 -6.94 -34.52
C GLY A 205 -28.48 -7.14 -33.01
N VAL A 206 -28.10 -8.34 -32.60
CA VAL A 206 -27.82 -8.61 -31.19
C VAL A 206 -26.54 -7.89 -30.78
N ASP A 207 -26.46 -7.54 -29.50
CA ASP A 207 -25.36 -6.71 -29.00
C ASP A 207 -24.11 -7.53 -28.66
N MET A 208 -24.34 -8.74 -28.16
CA MET A 208 -23.24 -9.60 -27.68
C MET A 208 -23.54 -11.08 -27.86
N ILE A 209 -22.47 -11.87 -27.95
CA ILE A 209 -22.57 -13.32 -28.00
C ILE A 209 -21.98 -13.93 -26.74
N PHE A 210 -22.74 -14.79 -26.08
CA PHE A 210 -22.20 -15.61 -25.00
C PHE A 210 -21.78 -16.95 -25.59
N ALA A 211 -20.56 -16.98 -26.14
CA ALA A 211 -20.03 -18.14 -26.84
C ALA A 211 -19.69 -19.31 -25.91
N SER A 212 -20.41 -20.41 -26.08
CA SER A 212 -20.29 -21.59 -25.21
C SER A 212 -18.99 -22.37 -25.41
N PHE A 213 -18.54 -22.99 -24.32
CA PHE A 213 -17.48 -24.01 -24.34
C PHE A 213 -16.19 -23.59 -25.06
N ILE A 214 -15.74 -22.36 -24.77
CA ILE A 214 -14.49 -21.84 -25.34
C ILE A 214 -13.29 -22.45 -24.61
N ARG A 215 -12.34 -22.98 -25.38
CA ARG A 215 -11.19 -23.70 -24.82
C ARG A 215 -9.84 -23.10 -25.18
N SER A 216 -9.77 -22.37 -26.29
CA SER A 216 -8.52 -21.76 -26.74
C SER A 216 -8.73 -20.40 -27.41
N ALA A 217 -7.62 -19.68 -27.61
CA ALA A 217 -7.63 -18.37 -28.26
C ALA A 217 -8.04 -18.47 -29.73
N GLU A 218 -7.57 -19.52 -30.41
CA GLU A 218 -7.92 -19.80 -31.80
C GLU A 218 -9.43 -19.83 -32.05
N GLN A 219 -10.14 -20.44 -31.11
CA GLN A 219 -11.59 -20.63 -31.21
C GLN A 219 -12.36 -19.32 -31.12
N VAL A 220 -11.77 -18.33 -30.44
CA VAL A 220 -12.33 -16.97 -30.38
C VAL A 220 -12.32 -16.36 -31.79
N GLY A 221 -11.25 -16.60 -32.54
CA GLY A 221 -11.14 -16.16 -33.93
C GLY A 221 -12.17 -16.81 -34.85
N ASP A 222 -12.51 -18.06 -34.58
CA ASP A 222 -13.52 -18.80 -35.35
C ASP A 222 -14.92 -18.22 -35.17
N VAL A 223 -15.26 -17.88 -33.93
CA VAL A 223 -16.54 -17.23 -33.61
C VAL A 223 -16.62 -15.87 -34.29
N ARG A 224 -15.49 -15.15 -34.30
CA ARG A 224 -15.37 -13.87 -35.00
C ARG A 224 -15.64 -14.03 -36.51
N LYS A 225 -14.99 -15.02 -37.12
CA LYS A 225 -15.17 -15.31 -38.55
C LYS A 225 -16.58 -15.77 -38.90
N ALA A 226 -17.22 -16.47 -37.97
CA ALA A 226 -18.60 -16.94 -38.15
C ALA A 226 -19.59 -15.77 -38.18
N LEU A 227 -19.26 -14.70 -37.45
CA LEU A 227 -20.05 -13.48 -37.47
C LEU A 227 -19.80 -12.70 -38.76
N GLY A 228 -18.55 -12.72 -39.22
CA GLY A 228 -18.17 -12.09 -40.48
C GLY A 228 -17.97 -10.58 -40.35
N PRO A 229 -17.80 -9.89 -41.51
CA PRO A 229 -17.55 -8.44 -41.55
C PRO A 229 -18.75 -7.59 -41.07
N LYS A 230 -19.97 -8.08 -41.25
CA LYS A 230 -21.16 -7.34 -40.82
C LYS A 230 -21.45 -7.46 -39.32
N GLY A 231 -20.73 -8.35 -38.65
CA GLY A 231 -20.90 -8.55 -37.20
C GLY A 231 -19.65 -8.19 -36.41
N ARG A 232 -18.78 -7.39 -37.03
CA ARG A 232 -17.48 -7.03 -36.44
C ARG A 232 -17.59 -6.23 -35.14
N ASP A 233 -18.73 -5.56 -34.93
CA ASP A 233 -18.94 -4.71 -33.76
C ASP A 233 -19.60 -5.43 -32.59
N ILE A 234 -20.14 -6.62 -32.85
CA ILE A 234 -20.78 -7.43 -31.81
C ILE A 234 -19.72 -8.01 -30.85
N MET A 235 -19.96 -7.85 -29.56
CA MET A 235 -19.03 -8.33 -28.53
C MET A 235 -19.08 -9.85 -28.39
N ILE A 236 -17.91 -10.45 -28.18
CA ILE A 236 -17.82 -11.89 -27.94
C ILE A 236 -17.40 -12.15 -26.50
N ILE A 237 -18.34 -12.68 -25.72
CA ILE A 237 -18.10 -13.03 -24.32
C ILE A 237 -17.91 -14.54 -24.24
N CYS A 238 -16.71 -14.97 -23.87
CA CYS A 238 -16.37 -16.38 -23.83
C CYS A 238 -16.77 -17.08 -22.53
N LYS A 239 -17.55 -18.14 -22.66
CA LYS A 239 -17.96 -18.96 -21.53
C LYS A 239 -16.89 -19.99 -21.21
N ILE A 240 -16.35 -19.92 -20.00
CA ILE A 240 -15.31 -20.86 -19.55
C ILE A 240 -15.98 -22.00 -18.78
N GLU A 241 -15.86 -23.21 -19.32
CA GLU A 241 -16.64 -24.36 -18.85
C GLU A 241 -15.80 -25.56 -18.41
N ASN A 242 -14.52 -25.56 -18.76
CA ASN A 242 -13.63 -26.69 -18.42
C ASN A 242 -12.19 -26.28 -18.11
N HIS A 243 -11.34 -27.27 -17.84
CA HIS A 243 -9.93 -27.03 -17.49
C HIS A 243 -9.14 -26.31 -18.58
N GLN A 244 -9.51 -26.55 -19.84
CA GLN A 244 -8.84 -25.94 -20.99
C GLN A 244 -9.00 -24.43 -21.00
N GLY A 245 -10.23 -23.96 -20.77
CA GLY A 245 -10.52 -22.53 -20.70
C GLY A 245 -9.81 -21.83 -19.55
N VAL A 246 -9.71 -22.53 -18.42
CA VAL A 246 -9.00 -22.02 -17.24
C VAL A 246 -7.50 -21.97 -17.50
N GLN A 247 -6.97 -22.99 -18.16
CA GLN A 247 -5.54 -23.06 -18.49
C GLN A 247 -5.14 -22.03 -19.55
N ASN A 248 -5.99 -21.83 -20.55
CA ASN A 248 -5.70 -20.93 -21.66
C ASN A 248 -6.29 -19.54 -21.52
N ILE A 249 -6.65 -19.16 -20.29
CA ILE A 249 -7.41 -17.93 -20.02
C ILE A 249 -6.74 -16.63 -20.49
N ASP A 250 -5.43 -16.52 -20.29
CA ASP A 250 -4.69 -15.29 -20.66
C ASP A 250 -4.87 -14.93 -22.13
N SER A 251 -4.68 -15.90 -23.01
CA SER A 251 -4.83 -15.70 -24.45
C SER A 251 -6.30 -15.55 -24.84
N ILE A 252 -7.18 -16.28 -24.16
CA ILE A 252 -8.62 -16.18 -24.39
C ILE A 252 -9.14 -14.77 -24.11
N ILE A 253 -8.80 -14.23 -22.93
CA ILE A 253 -9.13 -12.86 -22.55
C ILE A 253 -8.63 -11.86 -23.60
N GLU A 254 -7.37 -12.03 -24.00
CA GLU A 254 -6.69 -11.18 -24.98
C GLU A 254 -7.41 -11.11 -26.33
N GLU A 255 -8.10 -12.19 -26.70
CA GLU A 255 -8.81 -12.25 -27.99
C GLU A 255 -10.30 -11.94 -27.86
N SER A 256 -10.86 -12.14 -26.67
CA SER A 256 -12.29 -11.92 -26.43
C SER A 256 -12.60 -10.50 -25.95
N ASP A 257 -13.88 -10.16 -25.96
CA ASP A 257 -14.37 -8.89 -25.45
C ASP A 257 -14.79 -8.99 -23.98
N GLY A 258 -14.75 -10.20 -23.44
CA GLY A 258 -15.15 -10.46 -22.05
C GLY A 258 -15.26 -11.92 -21.71
N ILE A 259 -15.49 -12.22 -20.43
CA ILE A 259 -15.51 -13.58 -19.92
C ILE A 259 -16.75 -13.87 -19.06
N MET A 260 -17.28 -15.08 -19.18
CA MET A 260 -18.32 -15.57 -18.29
C MET A 260 -17.80 -16.76 -17.49
N VAL A 261 -17.80 -16.62 -16.17
CA VAL A 261 -17.46 -17.72 -15.28
C VAL A 261 -18.72 -18.56 -15.07
N ALA A 262 -18.80 -19.67 -15.81
CA ALA A 262 -19.95 -20.57 -15.75
C ALA A 262 -19.72 -21.64 -14.68
N ARG A 263 -19.92 -21.26 -13.42
CA ARG A 263 -19.59 -22.10 -12.27
C ARG A 263 -20.18 -23.51 -12.38
N GLY A 264 -21.47 -23.59 -12.73
CA GLY A 264 -22.18 -24.86 -12.86
C GLY A 264 -21.49 -25.83 -13.80
N ASP A 265 -21.22 -25.38 -15.03
CA ASP A 265 -20.54 -26.19 -16.04
C ASP A 265 -19.14 -26.61 -15.60
N LEU A 266 -18.41 -25.70 -14.95
CA LEU A 266 -17.08 -25.98 -14.42
C LEU A 266 -17.14 -26.98 -13.27
N GLY A 267 -18.20 -26.91 -12.48
CA GLY A 267 -18.39 -27.76 -11.30
C GLY A 267 -18.57 -29.23 -11.62
N VAL A 268 -19.04 -29.52 -12.84
CA VAL A 268 -19.28 -30.89 -13.29
C VAL A 268 -17.98 -31.69 -13.42
N GLU A 269 -16.89 -31.01 -13.78
CA GLU A 269 -15.59 -31.65 -14.02
C GLU A 269 -14.58 -31.34 -12.92
N ILE A 270 -14.67 -30.13 -12.37
CA ILE A 270 -13.73 -29.65 -11.35
C ILE A 270 -14.43 -29.60 -9.99
N PRO A 271 -13.75 -30.07 -8.92
CA PRO A 271 -14.28 -29.97 -7.54
C PRO A 271 -14.73 -28.56 -7.17
N ALA A 272 -15.84 -28.48 -6.43
CA ALA A 272 -16.51 -27.21 -6.11
C ALA A 272 -15.61 -26.17 -5.46
N GLU A 273 -14.71 -26.62 -4.58
CA GLU A 273 -13.81 -25.72 -3.86
C GLU A 273 -12.76 -25.09 -4.79
N LYS A 274 -12.45 -25.77 -5.89
CA LYS A 274 -11.49 -25.27 -6.86
C LYS A 274 -12.16 -24.31 -7.85
N VAL A 275 -13.45 -24.47 -8.04
CA VAL A 275 -14.26 -23.58 -8.89
C VAL A 275 -14.38 -22.20 -8.23
N VAL A 276 -14.53 -22.20 -6.90
CA VAL A 276 -14.55 -20.97 -6.11
C VAL A 276 -13.30 -20.14 -6.36
N VAL A 277 -12.14 -20.80 -6.33
CA VAL A 277 -10.85 -20.14 -6.58
C VAL A 277 -10.73 -19.73 -8.06
N ALA A 278 -11.21 -20.59 -8.96
CA ALA A 278 -11.21 -20.30 -10.39
C ALA A 278 -11.98 -19.01 -10.68
N GLN A 279 -13.10 -18.85 -9.99
CA GLN A 279 -13.89 -17.61 -10.06
C GLN A 279 -13.06 -16.39 -9.64
N LYS A 280 -12.29 -16.52 -8.56
CA LYS A 280 -11.40 -15.44 -8.11
C LYS A 280 -10.37 -15.09 -9.18
N ILE A 281 -9.75 -16.11 -9.75
CA ILE A 281 -8.70 -15.94 -10.76
C ILE A 281 -9.23 -15.23 -12.01
N LEU A 282 -10.33 -15.75 -12.57
CA LEU A 282 -10.86 -15.24 -13.84
C LEU A 282 -11.39 -13.81 -13.72
N ILE A 283 -12.03 -13.49 -12.60
CA ILE A 283 -12.58 -12.16 -12.37
C ILE A 283 -11.46 -11.11 -12.25
N SER A 284 -10.41 -11.42 -11.50
CA SER A 284 -9.29 -10.49 -11.34
C SER A 284 -8.51 -10.24 -12.64
N LYS A 285 -8.34 -11.30 -13.43
CA LYS A 285 -7.67 -11.19 -14.73
C LYS A 285 -8.44 -10.30 -15.70
N CYS A 286 -9.77 -10.41 -15.68
CA CYS A 286 -10.63 -9.52 -16.45
C CYS A 286 -10.57 -8.09 -15.93
N ASN A 287 -10.53 -7.94 -14.60
CA ASN A 287 -10.38 -6.63 -13.96
C ASN A 287 -9.13 -5.87 -14.43
N VAL A 288 -8.00 -6.57 -14.47
CA VAL A 288 -6.74 -5.99 -14.94
C VAL A 288 -6.79 -5.70 -16.45
N ALA A 289 -7.39 -6.63 -17.21
CA ALA A 289 -7.55 -6.47 -18.66
C ALA A 289 -8.50 -5.33 -19.02
N GLY A 290 -9.44 -5.03 -18.13
CA GLY A 290 -10.45 -4.00 -18.39
C GLY A 290 -11.53 -4.48 -19.33
N LYS A 291 -11.96 -5.72 -19.13
CA LYS A 291 -13.01 -6.34 -19.93
C LYS A 291 -14.07 -6.95 -19.01
N PRO A 292 -15.36 -6.85 -19.40
CA PRO A 292 -16.47 -7.31 -18.56
C PRO A 292 -16.33 -8.76 -18.13
N VAL A 293 -16.79 -9.06 -16.92
CA VAL A 293 -16.79 -10.44 -16.41
C VAL A 293 -18.12 -10.76 -15.74
N ILE A 294 -18.73 -11.86 -16.16
CA ILE A 294 -20.04 -12.29 -15.68
C ILE A 294 -19.92 -13.49 -14.75
N CYS A 295 -20.51 -13.38 -13.57
CA CYS A 295 -20.66 -14.50 -12.67
C CYS A 295 -22.00 -15.16 -12.98
N ALA A 296 -21.95 -16.39 -13.48
CA ALA A 296 -23.14 -17.04 -14.02
C ALA A 296 -23.42 -18.43 -13.45
N THR A 297 -24.66 -18.87 -13.63
CA THR A 297 -25.19 -20.18 -13.15
C THR A 297 -25.19 -20.33 -11.64
N GLN A 298 -26.24 -20.98 -11.12
CA GLN A 298 -26.39 -21.31 -9.70
C GLN A 298 -26.21 -20.10 -8.78
N MET A 299 -27.02 -19.06 -9.02
CA MET A 299 -26.87 -17.80 -8.31
C MET A 299 -27.86 -17.64 -7.16
N LEU A 300 -29.15 -17.67 -7.48
CA LEU A 300 -30.21 -17.69 -6.48
C LEU A 300 -31.21 -18.78 -6.86
N GLU A 301 -30.66 -19.96 -7.16
CA GLU A 301 -31.42 -21.05 -7.81
C GLU A 301 -32.66 -21.51 -7.05
N SER A 302 -32.55 -21.60 -5.72
CA SER A 302 -33.67 -22.07 -4.90
C SER A 302 -34.87 -21.11 -4.95
N MET A 303 -34.62 -19.88 -5.40
CA MET A 303 -35.67 -18.87 -5.53
C MET A 303 -36.47 -19.02 -6.83
N THR A 304 -36.23 -20.11 -7.54
CA THR A 304 -37.03 -20.48 -8.72
C THR A 304 -38.46 -20.81 -8.30
N TYR A 305 -38.61 -21.55 -7.20
CA TYR A 305 -39.92 -21.98 -6.72
C TYR A 305 -40.21 -21.57 -5.27
N ASN A 306 -39.18 -21.12 -4.54
CA ASN A 306 -39.37 -20.60 -3.18
C ASN A 306 -39.34 -19.07 -3.15
N PRO A 307 -40.16 -18.45 -2.27
CA PRO A 307 -40.24 -16.97 -2.19
C PRO A 307 -38.96 -16.27 -1.72
N ARG A 308 -38.03 -17.00 -1.09
CA ARG A 308 -36.73 -16.46 -0.74
C ARG A 308 -35.62 -17.52 -0.80
N PRO A 309 -34.36 -17.09 -1.05
CA PRO A 309 -33.26 -18.04 -1.22
C PRO A 309 -32.61 -18.45 0.10
N THR A 310 -31.62 -19.34 0.04
CA THR A 310 -30.86 -19.72 1.23
C THR A 310 -29.83 -18.64 1.55
N ARG A 311 -29.42 -18.59 2.82
CA ARG A 311 -28.44 -17.62 3.32
C ARG A 311 -27.09 -17.79 2.60
N ALA A 312 -26.78 -19.01 2.22
CA ALA A 312 -25.55 -19.32 1.48
C ALA A 312 -25.59 -18.77 0.06
N GLU A 313 -26.76 -18.78 -0.55
CA GLU A 313 -26.97 -18.23 -1.88
C GLU A 313 -26.81 -16.70 -1.89
N VAL A 314 -27.26 -16.05 -0.82
CA VAL A 314 -27.12 -14.60 -0.67
C VAL A 314 -25.65 -14.20 -0.58
N SER A 315 -24.88 -14.95 0.21
CA SER A 315 -23.45 -14.66 0.39
C SER A 315 -22.67 -14.91 -0.90
N ASP A 316 -23.11 -15.90 -1.66
CA ASP A 316 -22.52 -16.22 -2.96
C ASP A 316 -22.63 -15.04 -3.93
N VAL A 317 -23.81 -14.45 -4.01
CA VAL A 317 -24.04 -13.26 -4.84
C VAL A 317 -23.21 -12.09 -4.33
N ALA A 318 -23.24 -11.88 -3.01
CA ALA A 318 -22.47 -10.81 -2.38
C ALA A 318 -20.96 -10.91 -2.68
N ASN A 319 -20.43 -12.12 -2.52
CA ASN A 319 -19.00 -12.37 -2.74
C ASN A 319 -18.57 -12.28 -4.20
N ALA A 320 -19.49 -12.53 -5.13
CA ALA A 320 -19.23 -12.31 -6.55
C ALA A 320 -18.90 -10.84 -6.80
N VAL A 321 -19.62 -9.96 -6.10
CA VAL A 321 -19.35 -8.53 -6.17
C VAL A 321 -18.03 -8.19 -5.48
N PHE A 322 -17.80 -8.72 -4.27
CA PHE A 322 -16.55 -8.50 -3.55
C PHE A 322 -15.32 -8.97 -4.33
N ASN A 323 -15.49 -10.04 -5.10
CA ASN A 323 -14.45 -10.56 -6.01
C ASN A 323 -14.13 -9.57 -7.12
N GLY A 324 -15.15 -8.83 -7.57
CA GLY A 324 -14.96 -7.76 -8.55
C GLY A 324 -15.69 -7.97 -9.86
N ALA A 325 -16.75 -8.78 -9.85
CA ALA A 325 -17.51 -9.08 -11.05
C ALA A 325 -18.28 -7.86 -11.54
N ASP A 326 -18.34 -7.68 -12.86
CA ASP A 326 -19.16 -6.66 -13.48
C ASP A 326 -20.64 -7.05 -13.39
N CYS A 327 -20.92 -8.29 -13.73
CA CYS A 327 -22.29 -8.75 -13.88
C CYS A 327 -22.60 -9.99 -13.06
N VAL A 328 -23.86 -10.10 -12.68
CA VAL A 328 -24.39 -11.30 -12.06
C VAL A 328 -25.57 -11.80 -12.92
N MET A 329 -25.63 -13.12 -13.14
CA MET A 329 -26.61 -13.69 -14.06
C MET A 329 -27.71 -14.49 -13.37
N LEU A 330 -28.91 -14.45 -13.95
CA LEU A 330 -30.01 -15.31 -13.52
C LEU A 330 -30.48 -16.14 -14.71
N SER A 331 -30.51 -17.46 -14.52
CA SER A 331 -30.91 -18.40 -15.58
C SER A 331 -32.38 -18.79 -15.48
N GLY A 332 -32.65 -19.94 -14.85
CA GLY A 332 -34.02 -20.44 -14.68
C GLY A 332 -34.90 -19.65 -13.70
N GLU A 333 -34.28 -18.82 -12.86
CA GLU A 333 -35.01 -18.01 -11.90
C GLU A 333 -35.93 -17.00 -12.60
N THR A 334 -35.50 -16.52 -13.76
CA THR A 334 -36.29 -15.61 -14.57
C THR A 334 -36.92 -16.29 -15.79
N ALA A 335 -36.23 -17.29 -16.33
CA ALA A 335 -36.70 -18.02 -17.52
C ALA A 335 -37.99 -18.81 -17.26
N LYS A 336 -37.97 -19.69 -16.27
CA LYS A 336 -39.14 -20.52 -15.94
C LYS A 336 -39.53 -20.44 -14.45
N GLY A 337 -39.05 -19.40 -13.77
CA GLY A 337 -39.28 -19.24 -12.33
C GLY A 337 -40.64 -18.72 -11.93
N LYS A 338 -40.94 -18.83 -10.64
CA LYS A 338 -42.23 -18.44 -10.08
C LYS A 338 -42.21 -17.01 -9.54
N TYR A 339 -41.02 -16.50 -9.24
CA TYR A 339 -40.88 -15.19 -8.61
C TYR A 339 -39.89 -14.27 -9.35
N PRO A 340 -40.11 -14.05 -10.66
CA PRO A 340 -39.10 -13.39 -11.50
C PRO A 340 -38.76 -11.95 -11.09
N ASN A 341 -39.77 -11.15 -10.76
CA ASN A 341 -39.55 -9.77 -10.32
C ASN A 341 -38.83 -9.72 -8.97
N GLU A 342 -39.27 -10.57 -8.06
CA GLU A 342 -38.73 -10.63 -6.70
C GLU A 342 -37.26 -11.02 -6.68
N VAL A 343 -36.89 -12.01 -7.49
CA VAL A 343 -35.51 -12.51 -7.53
C VAL A 343 -34.54 -11.46 -8.07
N VAL A 344 -35.00 -10.66 -9.04
CA VAL A 344 -34.19 -9.58 -9.61
C VAL A 344 -34.09 -8.43 -8.59
N GLN A 345 -35.20 -8.14 -7.92
CA GLN A 345 -35.25 -7.11 -6.89
C GLN A 345 -34.35 -7.45 -5.70
N TYR A 346 -34.33 -8.72 -5.32
CA TYR A 346 -33.48 -9.16 -4.21
C TYR A 346 -32.01 -9.18 -4.62
N MET A 347 -31.73 -9.61 -5.85
CA MET A 347 -30.38 -9.60 -6.38
C MET A 347 -29.79 -8.19 -6.40
N ALA A 348 -30.61 -7.21 -6.80
CA ALA A 348 -30.21 -5.81 -6.81
C ALA A 348 -29.92 -5.32 -5.38
N ARG A 349 -30.74 -5.77 -4.44
CA ARG A 349 -30.59 -5.41 -3.02
C ARG A 349 -29.28 -5.98 -2.45
N ILE A 350 -28.93 -7.20 -2.84
CA ILE A 350 -27.68 -7.84 -2.39
C ILE A 350 -26.47 -7.09 -2.95
N CYS A 351 -26.49 -6.80 -4.24
CA CYS A 351 -25.42 -6.04 -4.91
C CYS A 351 -25.22 -4.67 -4.28
N LEU A 352 -26.32 -3.97 -4.03
CA LEU A 352 -26.29 -2.64 -3.41
C LEU A 352 -25.69 -2.69 -2.01
N GLU A 353 -26.08 -3.70 -1.24
CA GLU A 353 -25.55 -3.92 0.11
C GLU A 353 -24.07 -4.25 0.08
N ALA A 354 -23.66 -5.06 -0.90
CA ALA A 354 -22.26 -5.47 -1.03
C ALA A 354 -21.37 -4.32 -1.45
N GLN A 355 -21.90 -3.45 -2.31
CA GLN A 355 -21.16 -2.29 -2.80
C GLN A 355 -20.89 -1.27 -1.68
N SER A 356 -21.80 -1.19 -0.72
CA SER A 356 -21.64 -0.29 0.42
C SER A 356 -20.48 -0.74 1.31
N ALA A 357 -20.23 -2.05 1.32
CA ALA A 357 -19.15 -2.64 2.12
C ALA A 357 -17.84 -2.70 1.34
N LEU A 358 -17.93 -2.46 0.04
CA LEU A 358 -16.79 -2.59 -0.88
C LEU A 358 -15.96 -1.31 -0.90
N ASN A 359 -14.68 -1.44 -0.56
CA ASN A 359 -13.73 -0.34 -0.62
C ASN A 359 -13.15 -0.22 -2.03
N GLU A 360 -13.79 0.62 -2.85
CA GLU A 360 -13.42 0.79 -4.27
C GLU A 360 -11.95 1.14 -4.48
N TYR A 361 -11.37 1.84 -3.51
CA TYR A 361 -9.98 2.32 -3.58
C TYR A 361 -8.96 1.19 -3.67
N VAL A 362 -9.27 0.04 -3.08
CA VAL A 362 -8.39 -1.12 -3.12
C VAL A 362 -8.25 -1.62 -4.55
N PHE A 363 -9.36 -1.67 -5.29
CA PHE A 363 -9.36 -2.04 -6.70
C PHE A 363 -8.53 -1.05 -7.52
N PHE A 364 -8.84 0.24 -7.36
CA PHE A 364 -8.12 1.31 -8.05
C PHE A 364 -6.62 1.21 -7.83
N ASN A 365 -6.23 1.05 -6.57
CA ASN A 365 -4.84 1.07 -6.18
C ASN A 365 -4.08 -0.18 -6.63
N SER A 366 -4.77 -1.33 -6.58
CA SER A 366 -4.18 -2.59 -7.02
C SER A 366 -3.96 -2.62 -8.53
N ILE A 367 -4.90 -2.07 -9.29
CA ILE A 367 -4.81 -2.04 -10.75
C ILE A 367 -3.77 -1.03 -11.24
N LYS A 368 -3.71 0.13 -10.59
CA LYS A 368 -2.72 1.15 -10.90
C LYS A 368 -1.30 0.66 -10.64
N LYS A 369 -1.11 -0.08 -9.56
CA LYS A 369 0.19 -0.68 -9.20
C LYS A 369 0.74 -1.67 -10.22
N LEU A 370 -0.15 -2.28 -11.01
CA LEU A 370 0.25 -3.29 -11.99
C LEU A 370 0.58 -2.71 -13.37
N GLN A 371 0.44 -1.39 -13.50
CA GLN A 371 0.72 -0.69 -14.76
C GLN A 371 2.22 -0.50 -14.94
N HIS A 372 2.70 -0.80 -16.15
CA HIS A 372 4.11 -0.67 -16.51
CA HIS A 372 4.11 -0.66 -16.48
C HIS A 372 4.47 0.77 -16.88
N ILE A 373 5.46 1.33 -16.20
CA ILE A 373 5.94 2.69 -16.45
C ILE A 373 7.11 2.66 -17.45
N PRO A 374 7.04 3.50 -18.52
CA PRO A 374 6.02 4.52 -18.81
C PRO A 374 4.70 3.98 -19.33
N MET A 375 3.60 4.59 -18.90
CA MET A 375 2.27 4.27 -19.40
C MET A 375 2.07 4.97 -20.74
N SER A 376 1.14 4.45 -21.54
CA SER A 376 0.73 5.14 -22.76
C SER A 376 -0.32 6.18 -22.40
N ALA A 377 -0.59 7.09 -23.33
CA ALA A 377 -1.50 8.21 -23.10
C ALA A 377 -2.87 7.78 -22.56
N ASP A 378 -3.48 6.78 -23.18
CA ASP A 378 -4.82 6.31 -22.79
C ASP A 378 -4.88 5.86 -21.33
N GLU A 379 -3.87 5.10 -20.92
CA GLU A 379 -3.82 4.52 -19.59
C GLU A 379 -3.59 5.59 -18.53
N ALA A 380 -2.65 6.50 -18.80
CA ALA A 380 -2.29 7.58 -17.88
C ALA A 380 -3.42 8.57 -17.65
N VAL A 381 -4.16 8.88 -18.71
CA VAL A 381 -5.30 9.79 -18.63
C VAL A 381 -6.39 9.22 -17.73
N CYS A 382 -6.79 7.98 -17.98
CA CYS A 382 -7.88 7.32 -17.25
C CYS A 382 -7.59 7.06 -15.78
N SER A 383 -6.37 6.63 -15.46
CA SER A 383 -5.99 6.40 -14.07
C SER A 383 -5.88 7.71 -13.30
N SER A 384 -5.33 8.74 -13.97
CA SER A 384 -5.22 10.08 -13.41
C SER A 384 -6.59 10.70 -13.12
N ALA A 385 -7.54 10.49 -14.04
CA ALA A 385 -8.90 11.02 -13.90
C ALA A 385 -9.64 10.41 -12.70
N VAL A 386 -9.46 9.11 -12.51
CA VAL A 386 -10.08 8.41 -11.37
C VAL A 386 -9.35 8.80 -10.07
N ASN A 387 -8.05 9.06 -10.16
CA ASN A 387 -7.28 9.53 -9.01
C ASN A 387 -7.78 10.91 -8.53
N SER A 388 -8.15 11.77 -9.49
CA SER A 388 -8.69 13.09 -9.20
C SER A 388 -10.04 13.03 -8.51
N VAL A 389 -10.84 12.02 -8.83
CA VAL A 389 -12.09 11.75 -8.13
C VAL A 389 -11.84 11.58 -6.64
N TYR A 390 -10.86 10.75 -6.28
CA TYR A 390 -10.52 10.49 -4.89
C TYR A 390 -9.92 11.71 -4.20
N GLU A 391 -9.01 12.39 -4.91
CA GLU A 391 -8.28 13.52 -4.35
C GLU A 391 -9.12 14.80 -4.19
N THR A 392 -10.17 14.94 -4.98
CA THR A 392 -11.06 16.10 -4.87
C THR A 392 -12.43 15.74 -4.29
N LYS A 393 -12.64 14.45 -4.01
CA LYS A 393 -13.92 13.93 -3.54
C LYS A 393 -15.07 14.27 -4.49
N ALA A 394 -14.82 14.09 -5.79
CA ALA A 394 -15.82 14.33 -6.83
C ALA A 394 -16.96 13.32 -6.74
N LYS A 395 -18.17 13.75 -7.11
CA LYS A 395 -19.38 12.96 -6.92
C LYS A 395 -19.88 12.28 -8.20
N ALA A 396 -19.26 12.61 -9.34
CA ALA A 396 -19.60 12.00 -10.62
C ALA A 396 -18.44 12.10 -11.61
N MET A 397 -18.51 11.26 -12.65
CA MET A 397 -17.59 11.32 -13.78
C MET A 397 -18.39 11.42 -15.06
N VAL A 398 -17.86 12.17 -16.03
CA VAL A 398 -18.46 12.23 -17.35
C VAL A 398 -17.42 11.82 -18.39
N VAL A 399 -17.74 10.76 -19.13
CA VAL A 399 -16.83 10.22 -20.15
C VAL A 399 -17.47 10.27 -21.52
N LEU A 400 -16.81 10.98 -22.44
CA LEU A 400 -17.25 11.02 -23.82
C LEU A 400 -16.57 9.91 -24.59
N SER A 401 -17.35 8.92 -25.00
CA SER A 401 -16.83 7.74 -25.69
C SER A 401 -17.83 7.24 -26.73
N ASN A 402 -17.44 7.28 -28.00
CA ASN A 402 -18.33 6.84 -29.07
C ASN A 402 -18.51 5.32 -29.14
N THR A 403 -17.41 4.58 -29.05
CA THR A 403 -17.46 3.12 -29.09
C THR A 403 -17.61 2.48 -27.72
N GLY A 404 -17.29 3.24 -26.66
CA GLY A 404 -17.35 2.74 -25.30
C GLY A 404 -16.02 2.20 -24.80
N ARG A 405 -14.96 2.45 -25.58
CA ARG A 405 -13.63 1.95 -25.27
C ARG A 405 -13.04 2.61 -24.02
N SER A 406 -13.01 3.94 -24.00
CA SER A 406 -12.47 4.68 -22.87
C SER A 406 -13.40 4.66 -21.65
N ALA A 407 -14.69 4.44 -21.90
CA ALA A 407 -15.66 4.27 -20.83
C ALA A 407 -15.34 3.02 -19.99
N ARG A 408 -15.03 1.92 -20.68
CA ARG A 408 -14.59 0.68 -20.04
C ARG A 408 -13.21 0.84 -19.39
N LEU A 409 -12.37 1.68 -19.99
CA LEU A 409 -11.03 1.96 -19.47
C LEU A 409 -11.08 2.77 -18.17
N VAL A 410 -12.04 3.69 -18.09
CA VAL A 410 -12.25 4.49 -16.87
C VAL A 410 -12.85 3.60 -15.78
N ALA A 411 -13.84 2.79 -16.15
CA ALA A 411 -14.51 1.86 -15.23
C ALA A 411 -13.57 0.82 -14.63
N LYS A 412 -12.53 0.47 -15.38
CA LYS A 412 -11.48 -0.44 -14.90
C LYS A 412 -10.87 0.05 -13.60
N TYR A 413 -10.63 1.36 -13.51
CA TYR A 413 -9.93 1.96 -12.38
C TYR A 413 -10.82 2.24 -11.17
N ARG A 414 -12.11 1.95 -11.29
CA ARG A 414 -13.04 1.89 -10.15
C ARG A 414 -13.08 3.13 -9.24
N PRO A 415 -13.70 4.24 -9.72
CA PRO A 415 -13.92 5.37 -8.83
C PRO A 415 -15.06 5.10 -7.86
N ASN A 416 -15.10 5.83 -6.76
CA ASN A 416 -16.17 5.67 -5.77
C ASN A 416 -17.39 6.56 -6.05
N CYS A 417 -17.60 6.86 -7.32
CA CYS A 417 -18.73 7.65 -7.78
C CYS A 417 -19.22 7.12 -9.14
N PRO A 418 -20.48 7.44 -9.51
CA PRO A 418 -21.04 6.98 -10.80
C PRO A 418 -20.29 7.52 -12.02
N ILE A 419 -20.20 6.71 -13.06
CA ILE A 419 -19.61 7.12 -14.33
C ILE A 419 -20.73 7.32 -15.34
N VAL A 420 -20.76 8.50 -15.94
CA VAL A 420 -21.77 8.80 -16.96
C VAL A 420 -21.10 8.89 -18.33
N CYS A 421 -21.38 7.90 -19.17
CA CYS A 421 -20.84 7.89 -20.52
C CYS A 421 -21.80 8.57 -21.48
N VAL A 422 -21.28 9.54 -22.23
CA VAL A 422 -22.06 10.19 -23.29
C VAL A 422 -21.57 9.69 -24.64
N THR A 423 -22.50 9.14 -25.42
CA THR A 423 -22.15 8.50 -26.70
C THR A 423 -23.14 8.84 -27.82
N THR A 424 -22.64 8.81 -29.05
CA THR A 424 -23.47 9.09 -30.23
C THR A 424 -24.05 7.81 -30.83
N ARG A 425 -23.63 6.67 -30.30
CA ARG A 425 -24.07 5.36 -30.80
C ARG A 425 -24.94 4.62 -29.78
N LEU A 426 -26.16 4.27 -30.17
CA LEU A 426 -27.08 3.53 -29.29
C LEU A 426 -26.55 2.13 -28.89
N GLN A 427 -25.81 1.50 -29.81
CA GLN A 427 -25.16 0.22 -29.53
C GLN A 427 -24.20 0.29 -28.35
N THR A 428 -23.53 1.44 -28.20
CA THR A 428 -22.62 1.66 -27.08
C THR A 428 -23.40 1.69 -25.75
N CYS A 429 -24.55 2.35 -25.76
CA CYS A 429 -25.43 2.40 -24.59
C CYS A 429 -25.83 0.99 -24.13
N ARG A 430 -26.18 0.15 -25.10
CA ARG A 430 -26.59 -1.23 -24.80
C ARG A 430 -25.41 -2.08 -24.31
N GLN A 431 -24.31 -2.05 -25.06
CA GLN A 431 -23.14 -2.87 -24.75
C GLN A 431 -22.45 -2.53 -23.42
N LEU A 432 -22.62 -1.29 -22.96
CA LEU A 432 -22.05 -0.87 -21.68
C LEU A 432 -22.83 -1.38 -20.48
N ASN A 433 -24.00 -1.97 -20.74
CA ASN A 433 -24.84 -2.59 -19.70
C ASN A 433 -24.21 -3.80 -19.03
N ILE A 434 -23.07 -4.26 -19.55
CA ILE A 434 -22.30 -5.34 -18.91
C ILE A 434 -21.01 -4.83 -18.26
N THR A 435 -20.84 -3.50 -18.26
CA THR A 435 -19.72 -2.84 -17.57
C THR A 435 -20.24 -2.16 -16.32
N GLN A 436 -19.65 -2.49 -15.18
CA GLN A 436 -20.08 -1.97 -13.87
C GLN A 436 -19.81 -0.48 -13.69
N GLY A 437 -20.65 0.16 -12.88
CA GLY A 437 -20.47 1.56 -12.49
C GLY A 437 -20.63 2.58 -13.60
N VAL A 438 -21.20 2.16 -14.72
CA VAL A 438 -21.38 3.02 -15.90
C VAL A 438 -22.86 3.14 -16.28
N GLU A 439 -23.27 4.35 -16.63
CA GLU A 439 -24.60 4.63 -17.18
C GLU A 439 -24.44 5.44 -18.46
N SER A 440 -25.32 5.22 -19.43
CA SER A 440 -25.15 5.84 -20.75
C SER A 440 -26.21 6.86 -21.13
N VAL A 441 -25.74 7.99 -21.64
CA VAL A 441 -26.61 9.01 -22.21
C VAL A 441 -26.41 9.02 -23.72
N PHE A 442 -27.50 8.86 -24.46
CA PHE A 442 -27.45 8.91 -25.91
C PHE A 442 -27.52 10.36 -26.39
N PHE A 443 -26.52 10.76 -27.16
CA PHE A 443 -26.51 12.08 -27.79
C PHE A 443 -26.76 11.91 -29.28
N ASP A 444 -27.95 12.31 -29.72
CA ASP A 444 -28.36 12.18 -31.11
C ASP A 444 -27.65 13.20 -32.01
N ALA A 445 -26.51 12.79 -32.58
CA ALA A 445 -25.70 13.66 -33.43
C ALA A 445 -26.41 14.08 -34.72
N ASP A 446 -27.37 13.26 -35.17
CA ASP A 446 -28.20 13.57 -36.34
C ASP A 446 -29.08 14.78 -36.09
N LYS A 447 -29.68 14.84 -34.90
CA LYS A 447 -30.65 15.88 -34.55
C LYS A 447 -30.00 17.10 -33.87
N LEU A 448 -28.83 16.91 -33.26
CA LEU A 448 -28.22 17.94 -32.42
C LEU A 448 -26.82 18.38 -32.85
N GLY A 449 -26.39 17.94 -34.04
CA GLY A 449 -25.08 18.34 -34.58
C GLY A 449 -23.95 17.46 -34.10
N HIS A 450 -22.77 17.66 -34.68
CA HIS A 450 -21.60 16.82 -34.38
C HIS A 450 -20.87 17.20 -33.09
N ASP A 451 -21.21 18.37 -32.53
CA ASP A 451 -20.64 18.86 -31.27
C ASP A 451 -19.12 18.66 -31.20
N GLU A 452 -18.42 19.18 -32.20
CA GLU A 452 -16.96 19.05 -32.28
C GLU A 452 -16.25 19.79 -31.16
N GLY A 453 -16.87 20.86 -30.65
CA GLY A 453 -16.37 21.58 -29.48
C GLY A 453 -16.55 20.82 -28.19
N LYS A 454 -17.45 19.82 -28.21
CA LYS A 454 -17.67 18.86 -27.11
C LYS A 454 -18.52 19.38 -25.94
N GLU A 455 -18.81 20.68 -25.93
CA GLU A 455 -19.54 21.30 -24.81
C GLU A 455 -20.97 20.76 -24.61
N HIS A 456 -21.66 20.42 -25.69
CA HIS A 456 -23.05 19.97 -25.61
C HIS A 456 -23.20 18.57 -25.00
N ARG A 457 -22.24 17.70 -25.29
CA ARG A 457 -22.23 16.35 -24.73
C ARG A 457 -21.81 16.36 -23.26
N VAL A 458 -20.85 17.21 -22.92
CA VAL A 458 -20.42 17.41 -21.53
C VAL A 458 -21.59 17.94 -20.70
N ALA A 459 -22.35 18.87 -21.27
CA ALA A 459 -23.53 19.43 -20.61
C ALA A 459 -24.63 18.38 -20.46
N ALA A 460 -24.77 17.51 -21.45
CA ALA A 460 -25.75 16.42 -21.42
C ALA A 460 -25.42 15.39 -20.34
N GLY A 461 -24.14 15.11 -20.16
CA GLY A 461 -23.68 14.21 -19.10
C GLY A 461 -23.91 14.76 -17.71
N VAL A 462 -23.54 16.03 -17.51
CA VAL A 462 -23.73 16.72 -16.23
C VAL A 462 -25.23 16.83 -15.90
N GLU A 463 -26.03 17.16 -16.92
CA GLU A 463 -27.49 17.23 -16.74
CA GLU A 463 -27.49 17.20 -16.85
C GLU A 463 -28.02 15.92 -16.17
N PHE A 464 -27.63 14.79 -16.75
CA PHE A 464 -28.05 13.47 -16.28
C PHE A 464 -27.63 13.23 -14.83
N ALA A 465 -26.38 13.57 -14.51
CA ALA A 465 -25.84 13.44 -13.17
C ALA A 465 -26.65 14.25 -12.14
N LYS A 466 -27.10 15.45 -12.54
CA LYS A 466 -27.94 16.29 -11.70
C LYS A 466 -29.33 15.69 -11.50
N SER A 467 -29.95 15.26 -12.60
CA SER A 467 -31.28 14.66 -12.58
C SER A 467 -31.33 13.40 -11.72
N LYS A 468 -30.24 12.63 -11.74
CA LYS A 468 -30.12 11.43 -10.91
C LYS A 468 -29.72 11.76 -9.47
N GLY A 469 -29.35 13.01 -9.22
CA GLY A 469 -29.04 13.49 -7.88
C GLY A 469 -27.63 13.17 -7.39
N TYR A 470 -26.75 12.77 -8.31
CA TYR A 470 -25.36 12.47 -7.96
C TYR A 470 -24.61 13.75 -7.59
N VAL A 471 -24.78 14.79 -8.42
CA VAL A 471 -24.13 16.08 -8.18
C VAL A 471 -25.15 17.21 -8.02
N GLN A 472 -24.71 18.26 -7.31
CA GLN A 472 -25.45 19.51 -7.20
C GLN A 472 -24.46 20.68 -7.29
N THR A 473 -24.98 21.91 -7.36
CA THR A 473 -24.17 23.12 -7.44
C THR A 473 -23.09 23.15 -6.36
N GLY A 474 -21.83 23.26 -6.78
CA GLY A 474 -20.71 23.29 -5.86
C GLY A 474 -19.82 22.05 -5.92
N ASP A 475 -20.43 20.91 -6.26
CA ASP A 475 -19.71 19.64 -6.37
C ASP A 475 -18.76 19.59 -7.56
N TYR A 476 -17.75 18.72 -7.48
CA TYR A 476 -16.84 18.46 -8.58
C TYR A 476 -17.31 17.27 -9.41
N CYS A 477 -17.00 17.33 -10.71
CA CYS A 477 -17.29 16.24 -11.64
C CYS A 477 -16.16 16.15 -12.66
N VAL A 478 -15.49 15.00 -12.70
CA VAL A 478 -14.33 14.81 -13.58
C VAL A 478 -14.77 14.43 -15.01
N VAL A 479 -14.52 15.34 -15.94
CA VAL A 479 -14.86 15.16 -17.35
C VAL A 479 -13.63 14.66 -18.10
N ILE A 480 -13.83 13.67 -18.97
CA ILE A 480 -12.71 13.06 -19.69
C ILE A 480 -13.05 12.70 -21.15
N HIS A 481 -12.15 13.07 -22.06
CA HIS A 481 -12.24 12.65 -23.46
CA HIS A 481 -12.23 12.68 -23.47
C HIS A 481 -10.97 11.90 -23.88
N ALA A 482 -11.16 10.83 -24.66
CA ALA A 482 -10.08 10.03 -25.19
C ALA A 482 -10.59 9.19 -26.36
N ASP A 483 -9.98 9.37 -27.53
CA ASP A 483 -10.43 8.72 -28.76
C ASP A 483 -9.60 7.46 -29.08
N GLY A 488 -3.69 10.50 -33.96
CA GLY A 488 -2.62 10.11 -33.05
C GLY A 488 -3.02 10.13 -31.58
N TYR A 489 -4.28 9.76 -31.33
CA TYR A 489 -4.88 9.68 -29.98
C TYR A 489 -4.91 11.01 -29.21
N ALA A 490 -5.95 11.80 -29.45
CA ALA A 490 -6.17 13.07 -28.76
C ALA A 490 -6.99 12.88 -27.50
N ASN A 491 -6.66 13.63 -26.44
CA ASN A 491 -7.33 13.48 -25.15
C ASN A 491 -7.47 14.78 -24.36
N GLN A 492 -8.36 14.76 -23.36
CA GLN A 492 -8.66 15.94 -22.54
C GLN A 492 -9.22 15.53 -21.17
N THR A 493 -8.82 16.25 -20.13
CA THR A 493 -9.32 16.03 -18.77
C THR A 493 -9.66 17.36 -18.10
N ARG A 494 -10.90 17.48 -17.64
CA ARG A 494 -11.34 18.67 -16.88
C ARG A 494 -11.94 18.27 -15.55
N ILE A 495 -11.53 18.96 -14.48
CA ILE A 495 -12.21 18.87 -13.20
C ILE A 495 -13.22 20.01 -13.14
N LEU A 496 -14.48 19.69 -13.42
CA LEU A 496 -15.53 20.68 -13.57
C LEU A 496 -16.21 21.03 -12.25
N LEU A 497 -16.41 22.32 -12.02
CA LEU A 497 -17.22 22.80 -10.90
C LEU A 497 -18.66 22.94 -11.39
N VAL A 498 -19.57 22.17 -10.79
CA VAL A 498 -20.95 22.11 -11.25
C VAL A 498 -21.71 23.40 -10.95
N GLU A 499 -22.40 23.91 -11.98
CA GLU A 499 -23.17 25.15 -11.90
C GLU A 499 -24.43 24.98 -11.05
N SER B 2 -1.00 -7.25 -3.26
CA SER B 2 -2.47 -7.20 -3.03
C SER B 2 -3.10 -8.56 -3.28
N GLN B 3 -4.36 -8.71 -2.90
CA GLN B 3 -5.13 -9.93 -3.16
C GLN B 3 -5.38 -10.10 -4.65
N LEU B 4 -5.78 -8.99 -5.30
CA LEU B 4 -6.03 -8.96 -6.74
C LEU B 4 -4.81 -9.42 -7.54
N ALA B 5 -3.63 -8.91 -7.16
CA ALA B 5 -2.37 -9.30 -7.81
C ALA B 5 -2.02 -10.75 -7.54
N HIS B 6 -2.30 -11.21 -6.32
CA HIS B 6 -2.07 -12.59 -5.92
C HIS B 6 -2.94 -13.55 -6.74
N ASN B 7 -4.18 -13.13 -7.00
CA ASN B 7 -5.14 -13.91 -7.79
C ASN B 7 -4.63 -14.27 -9.18
N LEU B 8 -3.91 -13.34 -9.81
CA LEU B 8 -3.40 -13.53 -11.17
C LEU B 8 -2.38 -14.65 -11.27
N THR B 9 -1.55 -14.80 -10.23
CA THR B 9 -0.46 -15.79 -10.21
C THR B 9 -0.94 -17.21 -9.88
N LEU B 10 -2.18 -17.33 -9.41
CA LEU B 10 -2.71 -18.61 -8.93
C LEU B 10 -2.97 -19.63 -10.04
N SER B 11 -2.93 -20.90 -9.66
CA SER B 11 -3.29 -21.99 -10.55
C SER B 11 -4.03 -23.08 -9.76
N ILE B 12 -5.23 -23.42 -10.19
CA ILE B 12 -6.05 -24.43 -9.52
C ILE B 12 -5.53 -25.86 -9.74
N PHE B 13 -4.38 -25.97 -10.40
CA PHE B 13 -3.77 -27.28 -10.68
C PHE B 13 -2.43 -27.46 -9.96
N ASP B 14 -1.90 -26.38 -9.40
CA ASP B 14 -0.71 -26.45 -8.55
C ASP B 14 -1.06 -27.14 -7.22
N PRO B 15 -0.10 -27.89 -6.64
CA PRO B 15 -0.34 -28.54 -5.34
C PRO B 15 -0.72 -27.54 -4.27
N VAL B 16 -1.65 -27.94 -3.40
CA VAL B 16 -2.12 -27.10 -2.29
C VAL B 16 -1.05 -27.02 -1.19
N ALA B 17 -1.19 -26.05 -0.29
CA ALA B 17 -0.25 -25.84 0.81
C ALA B 17 -0.10 -27.10 1.67
N ASN B 18 1.10 -27.28 2.22
CA ASN B 18 1.39 -28.42 3.10
C ASN B 18 0.87 -28.22 4.53
N TYR B 19 -0.03 -27.25 4.70
CA TYR B 19 -0.53 -26.79 6.00
CA TYR B 19 -0.78 -27.10 5.93
C TYR B 19 -1.94 -26.16 5.90
N ARG B 20 -2.81 -26.38 6.89
CA ARG B 20 -4.10 -25.71 7.02
C ARG B 20 -4.12 -24.84 8.27
N ALA B 21 -4.37 -23.55 8.08
CA ALA B 21 -4.36 -22.57 9.17
C ALA B 21 -5.67 -22.55 9.96
N ALA B 22 -6.80 -22.57 9.24
CA ALA B 22 -8.13 -22.51 9.85
C ALA B 22 -8.39 -23.73 10.73
N ARG B 23 -9.21 -23.54 11.76
CA ARG B 23 -9.48 -24.58 12.75
C ARG B 23 -10.94 -24.98 12.74
N ILE B 24 -11.19 -26.28 12.86
CA ILE B 24 -12.55 -26.82 12.75
C ILE B 24 -13.12 -27.19 14.13
N ILE B 25 -14.32 -26.70 14.41
CA ILE B 25 -15.04 -27.02 15.65
C ILE B 25 -16.23 -27.91 15.31
N CYS B 26 -16.33 -29.04 16.01
CA CYS B 26 -17.41 -30.00 15.79
C CYS B 26 -18.30 -30.14 17.03
N THR B 27 -19.61 -30.11 16.81
CA THR B 27 -20.59 -30.36 17.86
C THR B 27 -20.76 -31.87 18.05
N ILE B 28 -20.70 -32.31 19.30
CA ILE B 28 -20.80 -33.74 19.61
C ILE B 28 -22.22 -34.11 20.01
N GLY B 29 -22.75 -35.13 19.35
CA GLY B 29 -24.09 -35.66 19.64
C GLY B 29 -24.15 -37.16 19.45
N PRO B 30 -25.37 -37.72 19.30
CA PRO B 30 -25.60 -39.15 19.10
C PRO B 30 -24.81 -39.80 17.94
N SER B 31 -24.48 -39.01 16.91
CA SER B 31 -23.72 -39.52 15.77
C SER B 31 -22.23 -39.67 16.08
N THR B 32 -21.75 -38.97 17.10
CA THR B 32 -20.31 -38.81 17.29
C THR B 32 -19.82 -38.91 18.74
N GLN B 33 -20.66 -39.38 19.66
CA GLN B 33 -20.29 -39.37 21.08
C GLN B 33 -19.34 -40.48 21.52
N SER B 34 -19.38 -41.62 20.84
CA SER B 34 -18.52 -42.75 21.18
C SER B 34 -17.03 -42.42 20.97
N VAL B 35 -16.18 -43.17 21.66
CA VAL B 35 -14.72 -43.00 21.56
C VAL B 35 -14.24 -43.22 20.12
N GLU B 36 -14.79 -44.24 19.46
CA GLU B 36 -14.42 -44.57 18.08
C GLU B 36 -14.78 -43.46 17.10
N ALA B 37 -16.00 -42.96 17.21
CA ALA B 37 -16.49 -41.88 16.35
C ALA B 37 -15.66 -40.59 16.51
N LEU B 38 -15.30 -40.28 17.77
CA LEU B 38 -14.48 -39.11 18.09
C LEU B 38 -13.06 -39.20 17.50
N LYS B 39 -12.47 -40.39 17.56
CA LYS B 39 -11.17 -40.62 16.92
C LYS B 39 -11.29 -40.40 15.41
N GLY B 40 -12.43 -40.80 14.84
CA GLY B 40 -12.73 -40.53 13.44
C GLY B 40 -12.73 -39.04 13.17
N LEU B 41 -13.41 -38.28 14.03
CA LEU B 41 -13.46 -36.83 13.93
C LEU B 41 -12.08 -36.18 14.05
N ILE B 42 -11.31 -36.58 15.05
CA ILE B 42 -9.96 -36.04 15.27
C ILE B 42 -9.09 -36.25 14.03
N GLN B 43 -9.13 -37.45 13.47
CA GLN B 43 -8.36 -37.77 12.26
C GLN B 43 -8.87 -37.02 11.03
N SER B 44 -10.19 -36.80 10.98
CA SER B 44 -10.81 -36.02 9.90
C SER B 44 -10.47 -34.54 9.96
N GLY B 45 -10.12 -34.04 11.15
CA GLY B 45 -9.64 -32.67 11.31
C GLY B 45 -10.31 -31.83 12.39
N MET B 46 -10.88 -32.47 13.42
CA MET B 46 -11.45 -31.75 14.54
C MET B 46 -10.35 -31.23 15.48
N SER B 47 -10.46 -29.95 15.84
CA SER B 47 -9.57 -29.35 16.84
C SER B 47 -10.30 -29.02 18.15
N VAL B 48 -11.60 -28.75 18.04
CA VAL B 48 -12.41 -28.38 19.20
C VAL B 48 -13.71 -29.20 19.24
N ALA B 49 -14.00 -29.79 20.39
CA ALA B 49 -15.29 -30.45 20.61
C ALA B 49 -16.26 -29.49 21.30
N ARG B 50 -17.43 -29.31 20.69
CA ARG B 50 -18.46 -28.41 21.22
C ARG B 50 -19.60 -29.21 21.84
N MET B 51 -20.00 -28.81 23.05
CA MET B 51 -21.15 -29.41 23.73
C MET B 51 -22.30 -28.41 23.75
N ASN B 52 -23.41 -28.80 23.12
CA ASN B 52 -24.60 -27.96 23.05
C ASN B 52 -25.49 -28.18 24.26
N PHE B 53 -25.34 -27.32 25.25
CA PHE B 53 -26.09 -27.45 26.50
C PHE B 53 -27.55 -27.02 26.43
N SER B 54 -28.03 -26.76 25.21
CA SER B 54 -29.45 -26.54 24.97
C SER B 54 -30.22 -27.85 25.05
N HIS B 55 -29.50 -28.96 24.84
CA HIS B 55 -30.10 -30.30 24.85
C HIS B 55 -29.22 -31.29 25.61
N GLY B 56 -29.84 -32.07 26.48
CA GLY B 56 -29.16 -33.15 27.18
C GLY B 56 -28.83 -32.88 28.63
N SER B 57 -28.74 -33.95 29.41
CA SER B 57 -28.43 -33.89 30.84
C SER B 57 -26.93 -33.73 31.08
N HIS B 58 -26.57 -33.48 32.33
CA HIS B 58 -25.17 -33.41 32.75
C HIS B 58 -24.46 -34.77 32.62
N GLU B 59 -25.21 -35.86 32.78
CA GLU B 59 -24.67 -37.20 32.57
C GLU B 59 -24.30 -37.41 31.11
N TYR B 60 -25.06 -36.80 30.21
CA TYR B 60 -24.80 -36.92 28.78
C TYR B 60 -23.51 -36.20 28.37
N HIS B 61 -23.36 -34.96 28.83
CA HIS B 61 -22.18 -34.15 28.48
C HIS B 61 -20.93 -34.61 29.23
N GLN B 62 -21.11 -35.24 30.38
CA GLN B 62 -20.00 -35.88 31.10
C GLN B 62 -19.42 -37.01 30.26
N THR B 63 -20.28 -37.79 29.62
CA THR B 63 -19.85 -38.84 28.70
C THR B 63 -19.02 -38.23 27.57
N THR B 64 -19.53 -37.14 26.99
CA THR B 64 -18.80 -36.43 25.93
C THR B 64 -17.41 -36.03 26.40
N ILE B 65 -17.34 -35.35 27.56
CA ILE B 65 -16.07 -34.94 28.17
C ILE B 65 -15.11 -36.12 28.37
N ASN B 66 -15.62 -37.20 28.96
CA ASN B 66 -14.83 -38.40 29.21
C ASN B 66 -14.37 -39.10 27.94
N ASN B 67 -15.26 -39.20 26.96
CA ASN B 67 -14.95 -39.85 25.69
C ASN B 67 -13.98 -39.06 24.81
N VAL B 68 -14.11 -37.73 24.85
CA VAL B 68 -13.21 -36.83 24.11
C VAL B 68 -11.77 -36.96 24.65
N ARG B 69 -11.63 -36.90 25.97
CA ARG B 69 -10.31 -36.99 26.61
C ARG B 69 -9.64 -38.33 26.37
N GLN B 70 -10.44 -39.39 26.36
CA GLN B 70 -9.96 -40.74 26.12
C GLN B 70 -9.53 -40.93 24.67
N ALA B 71 -10.35 -40.44 23.73
CA ALA B 71 -10.03 -40.48 22.31
C ALA B 71 -8.73 -39.74 22.00
N ALA B 72 -8.59 -38.53 22.56
CA ALA B 72 -7.40 -37.70 22.39
C ALA B 72 -6.16 -38.33 23.00
N ALA B 73 -6.31 -38.97 24.16
CA ALA B 73 -5.21 -39.66 24.84
C ALA B 73 -4.63 -40.78 23.99
N GLU B 74 -5.52 -41.49 23.29
CA GLU B 74 -5.13 -42.61 22.45
C GLU B 74 -4.36 -42.19 21.20
N LEU B 75 -4.75 -41.06 20.61
CA LEU B 75 -4.06 -40.53 19.43
C LEU B 75 -2.92 -39.58 19.79
N GLY B 76 -2.72 -39.36 21.09
CA GLY B 76 -1.64 -38.50 21.58
C GLY B 76 -1.73 -37.08 21.08
N VAL B 77 -2.93 -36.52 21.13
CA VAL B 77 -3.18 -35.14 20.69
C VAL B 77 -3.92 -34.36 21.77
N ASN B 78 -3.99 -33.04 21.60
CA ASN B 78 -4.73 -32.19 22.53
C ASN B 78 -5.97 -31.59 21.89
N ILE B 79 -7.14 -31.91 22.44
CA ILE B 79 -8.40 -31.44 21.89
C ILE B 79 -9.12 -30.54 22.88
N ALA B 80 -9.53 -29.36 22.41
CA ALA B 80 -10.25 -28.39 23.24
C ALA B 80 -11.70 -28.80 23.50
N ILE B 81 -12.18 -28.52 24.69
CA ILE B 81 -13.57 -28.78 25.06
C ILE B 81 -14.30 -27.45 25.29
N ALA B 82 -15.40 -27.26 24.56
CA ALA B 82 -16.16 -26.02 24.61
C ALA B 82 -17.57 -26.27 25.12
N LEU B 83 -18.02 -25.40 26.03
CA LEU B 83 -19.37 -25.46 26.55
C LEU B 83 -20.22 -24.33 25.96
N ASP B 84 -21.19 -24.71 25.13
CA ASP B 84 -22.10 -23.76 24.51
C ASP B 84 -23.38 -23.68 25.33
N THR B 85 -23.60 -22.53 25.96
CA THR B 85 -24.74 -22.35 26.87
C THR B 85 -26.07 -22.28 26.13
N LYS B 86 -27.14 -22.64 26.84
CA LYS B 86 -28.50 -22.50 26.32
C LYS B 86 -28.88 -21.02 26.26
N GLY B 87 -28.61 -20.31 27.35
CA GLY B 87 -28.87 -18.87 27.41
C GLY B 87 -30.31 -18.51 27.75
N PRO B 88 -30.56 -17.22 28.05
CA PRO B 88 -31.93 -16.73 28.27
C PRO B 88 -32.74 -16.79 26.98
N GLU B 89 -34.04 -17.05 27.11
CA GLU B 89 -34.92 -17.21 25.96
C GLU B 89 -36.28 -16.59 26.17
N ILE B 90 -36.87 -16.09 25.09
CA ILE B 90 -38.26 -15.68 25.08
C ILE B 90 -39.04 -16.75 24.31
N ARG B 91 -39.99 -17.40 25.00
CA ARG B 91 -40.82 -18.42 24.38
C ARG B 91 -42.30 -18.12 24.60
N THR B 92 -43.16 -18.69 23.76
CA THR B 92 -44.60 -18.62 23.95
C THR B 92 -45.00 -19.63 25.02
N GLY B 93 -46.24 -19.49 25.52
CA GLY B 93 -46.78 -20.46 26.47
C GLY B 93 -47.27 -21.72 25.78
N GLN B 94 -48.28 -22.35 26.37
CA GLN B 94 -48.87 -23.56 25.83
C GLN B 94 -50.23 -23.27 25.19
N PHE B 95 -50.68 -24.17 24.33
CA PHE B 95 -51.95 -24.01 23.64
C PHE B 95 -52.91 -25.15 23.91
N VAL B 96 -54.20 -24.81 24.03
CA VAL B 96 -55.25 -25.80 24.24
C VAL B 96 -55.31 -26.75 23.05
N GLY B 97 -55.04 -28.03 23.30
CA GLY B 97 -54.92 -29.03 22.24
C GLY B 97 -53.54 -29.03 21.60
N GLY B 98 -52.55 -28.46 22.31
CA GLY B 98 -51.16 -28.40 21.86
C GLY B 98 -50.94 -27.74 20.51
N ASP B 99 -51.83 -26.83 20.14
CA ASP B 99 -51.89 -26.31 18.77
C ASP B 99 -52.59 -24.96 18.70
N ALA B 100 -52.14 -24.12 17.77
CA ALA B 100 -52.79 -22.85 17.46
C ALA B 100 -52.57 -22.48 16.00
N VAL B 101 -53.63 -22.59 15.20
CA VAL B 101 -53.55 -22.28 13.78
C VAL B 101 -53.81 -20.78 13.56
N MET B 102 -52.79 -20.08 13.10
CA MET B 102 -52.87 -18.64 12.87
C MET B 102 -53.09 -18.35 11.40
N GLU B 103 -54.19 -17.66 11.09
CA GLU B 103 -54.55 -17.31 9.71
C GLU B 103 -54.23 -15.85 9.40
N ARG B 104 -53.84 -15.60 8.16
CA ARG B 104 -53.46 -14.25 7.71
C ARG B 104 -54.62 -13.27 7.82
N GLY B 105 -54.33 -12.09 8.38
CA GLY B 105 -55.32 -11.03 8.50
C GLY B 105 -56.11 -11.03 9.80
N ALA B 106 -56.03 -12.14 10.54
CA ALA B 106 -56.73 -12.28 11.81
C ALA B 106 -56.10 -11.42 12.92
N THR B 107 -56.88 -11.16 13.96
CA THR B 107 -56.41 -10.41 15.12
C THR B 107 -56.19 -11.36 16.29
N CYS B 108 -55.12 -11.13 17.06
CA CYS B 108 -54.83 -11.93 18.25
C CYS B 108 -54.28 -11.04 19.37
N TYR B 109 -54.14 -11.62 20.55
CA TYR B 109 -53.67 -10.89 21.72
C TYR B 109 -52.54 -11.63 22.42
N VAL B 110 -51.38 -10.99 22.52
CA VAL B 110 -50.26 -11.56 23.27
C VAL B 110 -50.23 -10.95 24.66
N THR B 111 -50.18 -11.80 25.68
CA THR B 111 -50.21 -11.33 27.07
C THR B 111 -49.04 -11.83 27.89
N THR B 112 -48.64 -11.02 28.88
CA THR B 112 -47.60 -11.40 29.82
C THR B 112 -48.21 -11.79 31.18
N ASP B 113 -49.46 -12.25 31.11
CA ASP B 113 -50.19 -12.70 32.29
C ASP B 113 -49.92 -14.19 32.51
N PRO B 114 -49.19 -14.53 33.59
CA PRO B 114 -48.74 -15.90 33.86
C PRO B 114 -49.88 -16.92 33.93
N ALA B 115 -51.10 -16.45 34.16
CA ALA B 115 -52.27 -17.32 34.26
C ALA B 115 -52.66 -17.92 32.90
N PHE B 116 -52.16 -17.33 31.83
CA PHE B 116 -52.45 -17.81 30.47
C PHE B 116 -51.37 -18.74 29.91
N ALA B 117 -50.40 -19.08 30.75
CA ALA B 117 -49.26 -19.92 30.35
C ALA B 117 -49.65 -21.28 29.78
N ASP B 118 -50.73 -21.86 30.29
CA ASP B 118 -51.15 -23.21 29.91
C ASP B 118 -52.46 -23.30 29.13
N LYS B 119 -53.20 -22.21 29.07
CA LYS B 119 -54.52 -22.20 28.40
C LYS B 119 -54.64 -21.18 27.27
N GLY B 120 -53.58 -21.01 26.49
CA GLY B 120 -53.60 -20.11 25.34
C GLY B 120 -54.34 -20.68 24.15
N THR B 121 -54.88 -19.78 23.32
CA THR B 121 -55.53 -20.16 22.06
C THR B 121 -55.05 -19.24 20.94
N LYS B 122 -55.59 -19.43 19.73
CA LYS B 122 -55.26 -18.59 18.58
C LYS B 122 -55.61 -17.11 18.76
N ASP B 123 -56.58 -16.83 19.62
CA ASP B 123 -57.06 -15.46 19.86
C ASP B 123 -56.31 -14.76 20.98
N LYS B 124 -55.85 -15.53 21.96
CA LYS B 124 -55.07 -15.00 23.09
C LYS B 124 -54.10 -16.05 23.62
N PHE B 125 -52.82 -15.66 23.74
CA PHE B 125 -51.79 -16.53 24.32
C PHE B 125 -50.67 -15.78 25.04
N TYR B 126 -49.84 -16.53 25.76
CA TYR B 126 -48.84 -15.98 26.69
C TYR B 126 -47.43 -15.99 26.11
N ILE B 127 -46.66 -14.95 26.45
CA ILE B 127 -45.23 -14.86 26.14
C ILE B 127 -44.48 -14.53 27.43
N ASP B 128 -43.45 -15.33 27.74
CA ASP B 128 -42.79 -15.30 29.06
C ASP B 128 -41.92 -14.09 29.39
N TYR B 129 -41.62 -13.26 28.39
CA TYR B 129 -40.83 -12.05 28.62
C TYR B 129 -41.70 -11.01 29.32
N GLN B 130 -41.48 -10.84 30.62
CA GLN B 130 -42.31 -9.99 31.47
C GLN B 130 -42.30 -8.51 31.11
N ASN B 131 -41.19 -8.06 30.52
CA ASN B 131 -41.03 -6.65 30.15
C ASN B 131 -41.40 -6.36 28.68
N LEU B 132 -42.18 -7.26 28.07
CA LEU B 132 -42.56 -7.15 26.66
C LEU B 132 -43.27 -5.84 26.31
N SER B 133 -44.27 -5.47 27.11
CA SER B 133 -45.04 -4.25 26.91
C SER B 133 -44.17 -2.99 27.02
N LYS B 134 -43.20 -3.03 27.94
CA LYS B 134 -42.31 -1.91 28.22
C LYS B 134 -41.33 -1.63 27.07
N VAL B 135 -40.93 -2.69 26.37
CA VAL B 135 -39.92 -2.60 25.31
C VAL B 135 -40.55 -2.40 23.92
N VAL B 136 -41.68 -3.06 23.69
CA VAL B 136 -42.32 -3.06 22.37
C VAL B 136 -43.38 -1.95 22.25
N ARG B 137 -43.37 -1.26 21.11
CA ARG B 137 -44.34 -0.21 20.80
C ARG B 137 -45.17 -0.59 19.56
N PRO B 138 -46.35 0.03 19.38
CA PRO B 138 -47.16 -0.20 18.17
C PRO B 138 -46.37 0.04 16.88
N GLY B 139 -46.56 -0.86 15.91
CA GLY B 139 -45.80 -0.81 14.66
C GLY B 139 -44.66 -1.82 14.62
N ASN B 140 -44.16 -2.19 15.80
CA ASN B 140 -43.11 -3.22 15.93
C ASN B 140 -43.60 -4.61 15.55
N TYR B 141 -42.64 -5.49 15.24
CA TYR B 141 -42.95 -6.87 14.87
C TYR B 141 -42.53 -7.88 15.93
N ILE B 142 -43.29 -8.97 16.01
CA ILE B 142 -42.96 -10.11 16.87
C ILE B 142 -42.88 -11.37 15.99
N TYR B 143 -41.72 -12.02 16.00
CA TYR B 143 -41.52 -13.27 15.27
C TYR B 143 -41.71 -14.46 16.18
N ILE B 144 -42.38 -15.50 15.69
CA ILE B 144 -42.61 -16.72 16.46
C ILE B 144 -42.26 -17.95 15.63
N ASP B 145 -41.67 -18.95 16.28
CA ASP B 145 -41.26 -20.22 15.67
C ASP B 145 -40.17 -20.03 14.61
N ASP B 146 -38.97 -19.68 15.08
CA ASP B 146 -37.81 -19.39 14.23
C ASP B 146 -38.13 -18.38 13.12
N GLY B 147 -38.87 -17.33 13.48
CA GLY B 147 -39.17 -16.23 12.56
C GLY B 147 -40.18 -16.52 11.45
N ILE B 148 -40.81 -17.70 11.50
CA ILE B 148 -41.77 -18.09 10.47
C ILE B 148 -43.09 -17.33 10.61
N LEU B 149 -43.61 -17.26 11.84
CA LEU B 149 -44.82 -16.47 12.12
C LEU B 149 -44.45 -15.03 12.43
N ILE B 150 -45.06 -14.10 11.70
CA ILE B 150 -44.81 -12.67 11.88
C ILE B 150 -46.08 -11.95 12.34
N LEU B 151 -46.00 -11.30 13.50
CA LEU B 151 -47.10 -10.50 14.04
C LEU B 151 -46.71 -9.04 14.10
N GLN B 152 -47.64 -8.15 13.77
CA GLN B 152 -47.43 -6.72 13.95
C GLN B 152 -48.27 -6.18 15.10
N VAL B 153 -47.61 -5.45 16.00
CA VAL B 153 -48.25 -4.86 17.18
C VAL B 153 -49.09 -3.64 16.78
N GLN B 154 -50.31 -3.57 17.29
CA GLN B 154 -51.25 -2.49 16.97
C GLN B 154 -51.46 -1.51 18.12
N SER B 155 -51.80 -2.04 19.30
CA SER B 155 -52.03 -1.20 20.48
C SER B 155 -51.88 -2.00 21.77
N HIS B 156 -51.63 -1.28 22.87
CA HIS B 156 -51.62 -1.89 24.20
C HIS B 156 -53.07 -2.06 24.67
N GLU B 157 -53.52 -3.31 24.75
CA GLU B 157 -54.85 -3.63 25.25
C GLU B 157 -54.96 -3.24 26.72
N ASP B 158 -53.91 -3.55 27.47
CA ASP B 158 -53.68 -3.00 28.81
C ASP B 158 -52.18 -3.02 29.14
N GLU B 159 -51.83 -3.14 30.41
CA GLU B 159 -50.44 -3.12 30.85
C GLU B 159 -49.74 -4.48 30.73
N GLN B 160 -50.49 -5.48 30.24
CA GLN B 160 -49.96 -6.84 30.09
C GLN B 160 -50.28 -7.46 28.73
N THR B 161 -51.22 -6.86 28.00
CA THR B 161 -51.73 -7.44 26.76
C THR B 161 -51.56 -6.51 25.57
N LEU B 162 -51.19 -7.08 24.42
CA LEU B 162 -50.99 -6.33 23.19
C LEU B 162 -51.87 -6.88 22.07
N GLU B 163 -52.58 -5.98 21.39
CA GLU B 163 -53.37 -6.36 20.23
C GLU B 163 -52.44 -6.49 19.01
N CYS B 164 -52.51 -7.63 18.34
CA CYS B 164 -51.62 -7.93 17.23
C CYS B 164 -52.35 -8.42 15.98
N THR B 165 -51.80 -8.05 14.82
CA THR B 165 -52.30 -8.55 13.54
C THR B 165 -51.42 -9.69 13.06
N VAL B 166 -52.06 -10.80 12.68
CA VAL B 166 -51.36 -11.94 12.10
C VAL B 166 -51.11 -11.67 10.62
N THR B 167 -49.86 -11.35 10.28
CA THR B 167 -49.51 -10.90 8.93
C THR B 167 -49.32 -12.04 7.92
N ASN B 168 -49.12 -13.25 8.43
CA ASN B 168 -48.97 -14.44 7.57
C ASN B 168 -49.51 -15.71 8.24
N SER B 169 -49.90 -16.69 7.43
CA SER B 169 -50.45 -17.94 7.94
C SER B 169 -49.37 -18.93 8.34
N HIS B 170 -49.39 -19.31 9.61
CA HIS B 170 -48.53 -20.37 10.15
C HIS B 170 -49.14 -20.93 11.43
N THR B 171 -49.13 -22.25 11.56
CA THR B 171 -49.63 -22.91 12.76
C THR B 171 -48.46 -23.20 13.72
N ILE B 172 -48.62 -22.74 14.96
CA ILE B 172 -47.58 -22.88 15.99
C ILE B 172 -47.99 -23.80 17.12
N SER B 173 -47.05 -24.63 17.57
CA SER B 173 -47.29 -25.58 18.66
C SER B 173 -46.83 -25.00 20.01
N ASP B 174 -46.80 -25.85 21.05
CA ASP B 174 -46.48 -25.42 22.40
C ASP B 174 -45.05 -24.91 22.55
N ARG B 175 -44.91 -23.83 23.32
CA ARG B 175 -43.61 -23.27 23.71
C ARG B 175 -42.64 -22.98 22.56
N ARG B 176 -43.06 -22.13 21.64
CA ARG B 176 -42.21 -21.73 20.51
C ARG B 176 -41.41 -20.46 20.82
N GLY B 177 -40.20 -20.40 20.26
CA GLY B 177 -39.29 -19.28 20.49
C GLY B 177 -39.75 -18.02 19.79
N VAL B 178 -39.63 -16.90 20.50
CA VAL B 178 -40.04 -15.60 19.95
C VAL B 178 -38.88 -14.62 19.82
N ASN B 179 -38.88 -13.86 18.72
CA ASN B 179 -37.87 -12.85 18.47
C ASN B 179 -38.47 -11.44 18.38
N LEU B 180 -37.72 -10.47 18.88
CA LEU B 180 -38.14 -9.08 18.91
C LEU B 180 -37.18 -8.21 18.07
N PRO B 181 -37.35 -8.22 16.73
CA PRO B 181 -36.43 -7.51 15.84
C PRO B 181 -36.43 -6.01 16.11
N GLY B 182 -35.23 -5.44 16.25
CA GLY B 182 -35.07 -4.01 16.51
C GLY B 182 -35.55 -3.54 17.87
N CYS B 183 -35.69 -4.48 18.81
CA CYS B 183 -36.09 -4.14 20.17
C CYS B 183 -35.02 -4.56 21.18
N ASP B 184 -34.75 -3.70 22.15
CA ASP B 184 -33.74 -3.97 23.17
C ASP B 184 -34.25 -4.93 24.24
N VAL B 185 -33.90 -6.21 24.09
CA VAL B 185 -34.24 -7.23 25.06
C VAL B 185 -33.32 -7.09 26.29
N ASP B 186 -33.91 -6.91 27.45
CA ASP B 186 -33.15 -6.69 28.69
C ASP B 186 -33.08 -7.90 29.63
N LEU B 187 -33.19 -9.11 29.07
CA LEU B 187 -33.01 -10.34 29.84
C LEU B 187 -31.62 -10.38 30.46
N PRO B 188 -31.49 -10.99 31.66
CA PRO B 188 -30.16 -11.12 32.29
C PRO B 188 -29.18 -11.88 31.41
N ALA B 189 -27.88 -11.67 31.66
CA ALA B 189 -26.81 -12.32 30.89
C ALA B 189 -26.88 -13.85 30.99
N VAL B 190 -27.07 -14.36 32.19
CA VAL B 190 -27.14 -15.80 32.44
C VAL B 190 -28.48 -16.21 33.05
N SER B 191 -29.01 -17.34 32.58
CA SER B 191 -30.26 -17.86 33.11
C SER B 191 -30.00 -18.77 34.32
N ALA B 192 -31.08 -19.29 34.91
CA ALA B 192 -31.00 -20.25 35.99
C ALA B 192 -30.20 -21.49 35.57
N LYS B 193 -30.47 -21.99 34.37
CA LYS B 193 -29.77 -23.16 33.82
C LYS B 193 -28.30 -22.87 33.55
N ASP B 194 -28.02 -21.71 32.93
CA ASP B 194 -26.66 -21.29 32.64
C ASP B 194 -25.78 -21.31 33.87
N ARG B 195 -26.31 -20.79 34.97
CA ARG B 195 -25.60 -20.68 36.24
C ARG B 195 -25.15 -22.07 36.74
N VAL B 196 -26.05 -23.04 36.63
CA VAL B 196 -25.75 -24.43 36.98
C VAL B 196 -24.75 -25.04 36.00
N ASP B 197 -24.98 -24.80 34.70
CA ASP B 197 -24.15 -25.39 33.65
C ASP B 197 -22.71 -24.88 33.62
N LEU B 198 -22.54 -23.58 33.89
CA LEU B 198 -21.20 -22.98 33.93
C LEU B 198 -20.38 -23.50 35.11
N GLN B 199 -21.06 -23.75 36.22
CA GLN B 199 -20.43 -24.33 37.41
C GLN B 199 -19.95 -25.75 37.13
N PHE B 200 -20.76 -26.49 36.36
CA PHE B 200 -20.40 -27.83 35.89
C PHE B 200 -19.15 -27.76 35.00
N GLY B 201 -19.13 -26.77 34.10
CA GLY B 201 -18.02 -26.57 33.18
C GLY B 201 -16.68 -26.32 33.87
N VAL B 202 -16.72 -25.51 34.92
CA VAL B 202 -15.54 -25.22 35.74
C VAL B 202 -15.05 -26.49 36.46
N GLU B 203 -15.99 -27.20 37.08
CA GLU B 203 -15.68 -28.43 37.83
CA GLU B 203 -15.68 -28.42 37.83
C GLU B 203 -15.10 -29.51 36.93
N GLN B 204 -15.57 -29.59 35.69
CA GLN B 204 -15.06 -30.58 34.73
C GLN B 204 -13.85 -30.07 33.95
N GLY B 205 -13.50 -28.80 34.17
CA GLY B 205 -12.32 -28.19 33.57
C GLY B 205 -12.41 -27.98 32.08
N VAL B 206 -13.50 -27.39 31.61
CA VAL B 206 -13.63 -27.00 30.20
C VAL B 206 -12.67 -25.86 29.89
N ASP B 207 -12.29 -25.74 28.62
CA ASP B 207 -11.29 -24.77 28.19
C ASP B 207 -11.90 -23.42 27.82
N MET B 208 -13.10 -23.45 27.27
CA MET B 208 -13.76 -22.25 26.78
C MET B 208 -15.28 -22.31 26.88
N ILE B 209 -15.90 -21.15 27.02
CA ILE B 209 -17.34 -21.02 27.08
C ILE B 209 -17.83 -20.29 25.83
N PHE B 210 -18.82 -20.87 25.16
CA PHE B 210 -19.56 -20.15 24.13
C PHE B 210 -20.82 -19.59 24.78
N ALA B 211 -20.75 -18.33 25.19
CA ALA B 211 -21.84 -17.67 25.90
C ALA B 211 -22.86 -17.13 24.91
N SER B 212 -24.09 -17.61 25.03
CA SER B 212 -25.17 -17.28 24.07
C SER B 212 -25.78 -15.91 24.31
N PHE B 213 -26.24 -15.29 23.22
CA PHE B 213 -27.08 -14.09 23.26
C PHE B 213 -26.46 -12.90 24.00
N ILE B 214 -25.15 -12.72 23.82
CA ILE B 214 -24.43 -11.59 24.43
C ILE B 214 -24.82 -10.28 23.74
N ARG B 215 -25.36 -9.34 24.52
CA ARG B 215 -25.89 -8.10 23.99
C ARG B 215 -25.11 -6.85 24.41
N SER B 216 -24.33 -6.95 25.48
CA SER B 216 -23.53 -5.83 25.97
C SER B 216 -22.27 -6.28 26.71
N ALA B 217 -21.38 -5.32 26.98
CA ALA B 217 -20.11 -5.59 27.66
C ALA B 217 -20.28 -5.95 29.13
N GLU B 218 -21.29 -5.37 29.77
CA GLU B 218 -21.56 -5.64 31.19
C GLU B 218 -21.95 -7.10 31.40
N GLN B 219 -22.56 -7.69 30.38
CA GLN B 219 -23.01 -9.08 30.41
C GLN B 219 -21.86 -10.08 30.32
N VAL B 220 -20.76 -9.66 29.68
CA VAL B 220 -19.55 -10.47 29.63
C VAL B 220 -18.94 -10.60 31.03
N GLY B 221 -19.00 -9.50 31.79
CA GLY B 221 -18.55 -9.47 33.18
C GLY B 221 -19.40 -10.34 34.08
N ASP B 222 -20.68 -10.47 33.75
CA ASP B 222 -21.60 -11.33 34.50
C ASP B 222 -21.27 -12.81 34.32
N VAL B 223 -20.96 -13.20 33.09
CA VAL B 223 -20.50 -14.57 32.78
C VAL B 223 -19.14 -14.82 33.45
N ARG B 224 -18.30 -13.79 33.45
CA ARG B 224 -17.01 -13.80 34.16
C ARG B 224 -17.21 -14.10 35.65
N LYS B 225 -18.12 -13.36 36.28
CA LYS B 225 -18.44 -13.53 37.70
C LYS B 225 -19.08 -14.89 37.99
N ALA B 226 -19.89 -15.38 37.05
CA ALA B 226 -20.57 -16.67 37.20
C ALA B 226 -19.59 -17.84 37.19
N LEU B 227 -18.51 -17.71 36.43
CA LEU B 227 -17.47 -18.74 36.35
C LEU B 227 -16.64 -18.77 37.63
N GLY B 228 -16.47 -17.61 38.26
CA GLY B 228 -15.79 -17.50 39.54
C GLY B 228 -14.27 -17.45 39.45
N PRO B 229 -13.59 -17.52 40.61
CA PRO B 229 -12.12 -17.52 40.67
C PRO B 229 -11.52 -18.82 40.17
N LYS B 230 -12.23 -19.93 40.38
CA LYS B 230 -11.78 -21.25 39.94
C LYS B 230 -11.71 -21.37 38.42
N GLY B 231 -12.56 -20.61 37.73
CA GLY B 231 -12.62 -20.63 36.26
C GLY B 231 -12.11 -19.37 35.60
N ARG B 232 -11.18 -18.69 36.25
CA ARG B 232 -10.65 -17.41 35.76
C ARG B 232 -9.78 -17.57 34.50
N ASP B 233 -9.33 -18.79 34.23
CA ASP B 233 -8.50 -19.07 33.06
C ASP B 233 -9.28 -19.65 31.88
N ILE B 234 -10.60 -19.76 32.05
CA ILE B 234 -11.47 -20.23 30.98
C ILE B 234 -11.81 -19.06 30.05
N MET B 235 -11.65 -19.28 28.75
CA MET B 235 -11.95 -18.26 27.74
C MET B 235 -13.46 -18.07 27.58
N ILE B 236 -13.88 -16.83 27.43
CA ILE B 236 -15.28 -16.53 27.15
C ILE B 236 -15.41 -16.05 25.71
N ILE B 237 -16.00 -16.89 24.87
CA ILE B 237 -16.29 -16.55 23.49
C ILE B 237 -17.75 -16.11 23.42
N CYS B 238 -17.97 -14.85 23.04
CA CYS B 238 -19.30 -14.28 23.01
C CYS B 238 -20.00 -14.54 21.69
N LYS B 239 -21.22 -15.05 21.76
CA LYS B 239 -22.03 -15.32 20.59
C LYS B 239 -22.89 -14.12 20.22
N ILE B 240 -22.64 -13.53 19.06
CA ILE B 240 -23.43 -12.39 18.59
C ILE B 240 -24.63 -12.90 17.81
N GLU B 241 -25.82 -12.55 18.30
CA GLU B 241 -27.07 -13.12 17.78
C GLU B 241 -28.10 -12.08 17.34
N ASN B 242 -28.01 -10.88 17.90
CA ASN B 242 -28.96 -9.82 17.55
C ASN B 242 -28.30 -8.47 17.23
N HIS B 243 -29.12 -7.45 17.00
CA HIS B 243 -28.65 -6.10 16.68
C HIS B 243 -27.86 -5.45 17.81
N GLN B 244 -28.22 -5.78 19.05
CA GLN B 244 -27.54 -5.24 20.23
C GLN B 244 -26.08 -5.68 20.28
N GLY B 245 -25.83 -6.94 19.94
CA GLY B 245 -24.48 -7.50 19.87
C GLY B 245 -23.63 -6.86 18.79
N VAL B 246 -24.28 -6.53 17.66
CA VAL B 246 -23.59 -5.85 16.55
C VAL B 246 -23.30 -4.39 16.90
N GLN B 247 -24.27 -3.70 17.49
CA GLN B 247 -24.11 -2.30 17.88
C GLN B 247 -23.07 -2.11 18.99
N ASN B 248 -23.02 -3.06 19.93
CA ASN B 248 -22.10 -2.98 21.07
C ASN B 248 -20.81 -3.79 20.88
N ILE B 249 -20.52 -4.16 19.65
CA ILE B 249 -19.41 -5.08 19.34
C ILE B 249 -18.04 -4.68 19.91
N ASP B 250 -17.71 -3.38 19.79
CA ASP B 250 -16.41 -2.86 20.24
C ASP B 250 -16.16 -3.10 21.73
N SER B 251 -17.16 -2.76 22.56
CA SER B 251 -17.03 -2.92 24.00
C SER B 251 -17.10 -4.39 24.42
N ILE B 252 -17.85 -5.19 23.65
CA ILE B 252 -17.94 -6.64 23.88
C ILE B 252 -16.61 -7.33 23.60
N ILE B 253 -16.00 -7.01 22.45
CA ILE B 253 -14.69 -7.56 22.08
C ILE B 253 -13.62 -7.30 23.13
N GLU B 254 -13.56 -6.06 23.62
CA GLU B 254 -12.59 -5.64 24.63
C GLU B 254 -12.73 -6.49 25.89
N GLU B 255 -13.97 -6.77 26.29
CA GLU B 255 -14.28 -7.54 27.50
C GLU B 255 -14.22 -9.06 27.32
N SER B 256 -14.31 -9.54 26.08
CA SER B 256 -14.34 -10.96 25.80
C SER B 256 -12.97 -11.52 25.41
N ASP B 257 -12.89 -12.84 25.25
CA ASP B 257 -11.68 -13.51 24.80
C ASP B 257 -11.77 -13.88 23.33
N GLY B 258 -12.96 -13.66 22.76
CA GLY B 258 -13.23 -14.00 21.36
C GLY B 258 -14.69 -13.85 21.01
N ILE B 259 -15.02 -14.09 19.74
CA ILE B 259 -16.37 -13.90 19.23
C ILE B 259 -16.81 -15.07 18.34
N MET B 260 -18.08 -15.45 18.46
CA MET B 260 -18.72 -16.34 17.49
C MET B 260 -19.74 -15.55 16.68
N VAL B 261 -19.65 -15.63 15.36
CA VAL B 261 -20.63 -15.01 14.48
C VAL B 261 -21.73 -16.02 14.16
N ALA B 262 -22.83 -15.93 14.89
CA ALA B 262 -23.96 -16.85 14.73
C ALA B 262 -24.89 -16.35 13.63
N ARG B 263 -24.51 -16.63 12.38
CA ARG B 263 -25.24 -16.14 11.20
C ARG B 263 -26.73 -16.50 11.20
N GLY B 264 -27.05 -17.75 11.56
CA GLY B 264 -28.42 -18.25 11.59
C GLY B 264 -29.31 -17.53 12.59
N ASP B 265 -28.76 -17.26 13.77
CA ASP B 265 -29.48 -16.49 14.80
C ASP B 265 -29.68 -15.05 14.36
N LEU B 266 -28.62 -14.43 13.83
CA LEU B 266 -28.69 -13.08 13.26
C LEU B 266 -29.70 -13.01 12.12
N GLY B 267 -29.73 -14.05 11.30
CA GLY B 267 -30.57 -14.12 10.11
C GLY B 267 -32.06 -14.07 10.39
N VAL B 268 -32.44 -14.47 11.60
CA VAL B 268 -33.84 -14.46 12.02
C VAL B 268 -34.39 -13.02 12.10
N GLU B 269 -33.57 -12.12 12.63
CA GLU B 269 -34.00 -10.73 12.88
C GLU B 269 -33.43 -9.72 11.88
N ILE B 270 -32.27 -10.02 11.32
CA ILE B 270 -31.58 -9.12 10.38
C ILE B 270 -31.55 -9.73 8.98
N PRO B 271 -31.86 -8.93 7.94
CA PRO B 271 -31.85 -9.39 6.54
C PRO B 271 -30.53 -10.08 6.16
N ALA B 272 -30.66 -11.20 5.45
CA ALA B 272 -29.53 -12.06 5.09
C ALA B 272 -28.32 -11.31 4.53
N GLU B 273 -28.58 -10.38 3.61
CA GLU B 273 -27.52 -9.60 2.98
C GLU B 273 -26.72 -8.75 3.98
N LYS B 274 -27.40 -8.25 5.01
CA LYS B 274 -26.73 -7.46 6.05
C LYS B 274 -25.94 -8.33 7.00
N VAL B 275 -26.41 -9.56 7.23
CA VAL B 275 -25.69 -10.57 8.00
C VAL B 275 -24.35 -10.90 7.32
N VAL B 276 -24.36 -10.96 5.99
CA VAL B 276 -23.14 -11.16 5.20
C VAL B 276 -22.12 -10.06 5.51
N VAL B 277 -22.59 -8.80 5.54
CA VAL B 277 -21.73 -7.65 5.83
C VAL B 277 -21.33 -7.64 7.31
N ALA B 278 -22.28 -7.93 8.19
CA ALA B 278 -22.01 -8.03 9.64
C ALA B 278 -20.88 -9.03 9.94
N GLN B 279 -20.88 -10.14 9.21
CA GLN B 279 -19.82 -11.15 9.32
C GLN B 279 -18.45 -10.55 9.01
N LYS B 280 -18.38 -9.71 7.97
CA LYS B 280 -17.13 -9.04 7.58
C LYS B 280 -16.66 -8.09 8.68
N ILE B 281 -17.60 -7.32 9.24
CA ILE B 281 -17.30 -6.34 10.27
C ILE B 281 -16.73 -7.02 11.52
N LEU B 282 -17.45 -8.02 12.04
CA LEU B 282 -17.07 -8.70 13.28
C LEU B 282 -15.74 -9.43 13.17
N ILE B 283 -15.50 -10.06 12.02
CA ILE B 283 -14.27 -10.82 11.81
C ILE B 283 -13.04 -9.91 11.74
N SER B 284 -13.13 -8.84 10.96
CA SER B 284 -12.05 -7.87 10.85
C SER B 284 -11.74 -7.20 12.18
N LYS B 285 -12.79 -6.86 12.92
CA LYS B 285 -12.63 -6.23 14.24
C LYS B 285 -11.89 -7.15 15.22
N CYS B 286 -12.17 -8.45 15.14
CA CYS B 286 -11.47 -9.44 15.95
C CYS B 286 -10.03 -9.60 15.51
N ASN B 287 -9.82 -9.61 14.18
CA ASN B 287 -8.48 -9.71 13.60
C ASN B 287 -7.55 -8.60 14.09
N VAL B 288 -8.06 -7.38 14.16
CA VAL B 288 -7.31 -6.22 14.64
C VAL B 288 -7.07 -6.33 16.15
N ALA B 289 -8.08 -6.80 16.89
CA ALA B 289 -7.97 -6.98 18.33
C ALA B 289 -7.09 -8.17 18.70
N GLY B 290 -6.88 -9.07 17.74
CA GLY B 290 -6.06 -10.26 17.96
C GLY B 290 -6.74 -11.27 18.85
N LYS B 291 -8.02 -11.50 18.60
CA LYS B 291 -8.81 -12.46 19.37
C LYS B 291 -9.54 -13.39 18.43
N PRO B 292 -9.61 -14.70 18.79
CA PRO B 292 -10.24 -15.73 17.95
C PRO B 292 -11.65 -15.37 17.53
N VAL B 293 -11.99 -15.67 16.28
CA VAL B 293 -13.32 -15.42 15.74
C VAL B 293 -13.85 -16.64 15.01
N ILE B 294 -15.08 -17.03 15.34
CA ILE B 294 -15.70 -18.25 14.83
C ILE B 294 -16.83 -17.94 13.87
N CYS B 295 -16.76 -18.52 12.67
CA CYS B 295 -17.86 -18.46 11.72
C CYS B 295 -18.72 -19.70 11.96
N ALA B 296 -19.91 -19.49 12.53
CA ALA B 296 -20.74 -20.61 12.98
C ALA B 296 -22.16 -20.57 12.42
N THR B 297 -22.82 -21.73 12.46
CA THR B 297 -24.19 -21.97 11.97
C THR B 297 -24.32 -21.89 10.45
N GLN B 298 -25.07 -22.85 9.89
CA GLN B 298 -25.36 -22.92 8.46
C GLN B 298 -24.10 -22.97 7.60
N MET B 299 -23.18 -23.86 7.96
CA MET B 299 -21.90 -23.95 7.26
C MET B 299 -21.93 -24.91 6.07
N LEU B 300 -22.21 -26.18 6.36
CA LEU B 300 -22.41 -27.20 5.34
C LEU B 300 -23.65 -28.02 5.70
N GLU B 301 -24.75 -27.31 5.92
CA GLU B 301 -25.95 -27.87 6.53
C GLU B 301 -26.59 -29.02 5.75
N SER B 302 -26.58 -28.90 4.42
CA SER B 302 -27.22 -29.91 3.57
C SER B 302 -26.49 -31.25 3.60
N MET B 303 -25.23 -31.23 4.06
CA MET B 303 -24.42 -32.44 4.15
C MET B 303 -24.68 -33.22 5.45
N THR B 304 -25.76 -32.85 6.15
CA THR B 304 -26.25 -33.62 7.30
C THR B 304 -26.89 -34.91 6.81
N TYR B 305 -27.69 -34.81 5.75
CA TYR B 305 -28.40 -35.97 5.22
C TYR B 305 -28.04 -36.33 3.77
N ASN B 306 -27.19 -35.51 3.15
CA ASN B 306 -26.70 -35.77 1.79
C ASN B 306 -25.18 -35.98 1.77
N PRO B 307 -24.68 -36.84 0.85
CA PRO B 307 -23.24 -37.14 0.82
C PRO B 307 -22.36 -35.96 0.36
N ARG B 308 -22.95 -35.00 -0.34
CA ARG B 308 -22.24 -33.78 -0.73
C ARG B 308 -23.08 -32.52 -0.50
N PRO B 309 -22.42 -31.36 -0.30
CA PRO B 309 -23.16 -30.11 -0.12
C PRO B 309 -23.38 -29.35 -1.44
N THR B 310 -24.16 -28.27 -1.39
CA THR B 310 -24.40 -27.43 -2.56
C THR B 310 -23.16 -26.59 -2.85
N ARG B 311 -23.03 -26.16 -4.10
CA ARG B 311 -21.92 -25.32 -4.53
C ARG B 311 -21.83 -24.03 -3.71
N ALA B 312 -22.98 -23.42 -3.46
CA ALA B 312 -23.08 -22.19 -2.67
C ALA B 312 -22.57 -22.37 -1.24
N GLU B 313 -22.86 -23.52 -0.66
CA GLU B 313 -22.42 -23.84 0.69
C GLU B 313 -20.89 -23.91 0.77
N VAL B 314 -20.28 -24.48 -0.28
CA VAL B 314 -18.82 -24.59 -0.36
C VAL B 314 -18.16 -23.20 -0.41
N SER B 315 -18.74 -22.31 -1.22
CA SER B 315 -18.22 -20.95 -1.36
CA SER B 315 -18.24 -20.94 -1.37
C SER B 315 -18.39 -20.14 -0.07
N ASP B 316 -19.41 -20.47 0.71
CA ASP B 316 -19.66 -19.84 2.00
C ASP B 316 -18.52 -20.14 2.98
N VAL B 317 -18.10 -21.40 3.02
CA VAL B 317 -17.00 -21.85 3.87
C VAL B 317 -15.67 -21.23 3.44
N ALA B 318 -15.43 -21.20 2.14
CA ALA B 318 -14.21 -20.61 1.59
C ALA B 318 -14.12 -19.11 1.87
N ASN B 319 -15.23 -18.40 1.74
CA ASN B 319 -15.26 -16.96 1.96
C ASN B 319 -15.13 -16.58 3.44
N ALA B 320 -15.56 -17.48 4.32
CA ALA B 320 -15.34 -17.31 5.75
C ALA B 320 -13.85 -17.19 6.04
N VAL B 321 -13.06 -18.02 5.36
CA VAL B 321 -11.60 -17.98 5.46
C VAL B 321 -11.05 -16.68 4.85
N PHE B 322 -11.56 -16.30 3.67
CA PHE B 322 -11.15 -15.06 3.01
C PHE B 322 -11.48 -13.82 3.82
N ASN B 323 -12.60 -13.88 4.55
CA ASN B 323 -12.98 -12.83 5.51
C ASN B 323 -11.95 -12.70 6.62
N GLY B 324 -11.32 -13.82 6.98
CA GLY B 324 -10.27 -13.83 7.99
C GLY B 324 -10.65 -14.50 9.29
N ALA B 325 -11.55 -15.49 9.20
CA ALA B 325 -11.98 -16.24 10.39
C ALA B 325 -10.90 -17.22 10.85
N ASP B 326 -10.70 -17.29 12.16
CA ASP B 326 -9.81 -18.28 12.77
C ASP B 326 -10.40 -19.68 12.64
N CYS B 327 -11.72 -19.77 12.84
CA CYS B 327 -12.42 -21.03 12.95
C CYS B 327 -13.68 -21.13 12.11
N VAL B 328 -14.02 -22.36 11.77
CA VAL B 328 -15.28 -22.69 11.13
C VAL B 328 -15.95 -23.78 11.96
N MET B 329 -17.27 -23.73 12.09
CA MET B 329 -17.97 -24.61 13.03
C MET B 329 -19.01 -25.50 12.38
N LEU B 330 -19.05 -26.75 12.83
CA LEU B 330 -20.09 -27.69 12.43
C LEU B 330 -21.03 -27.95 13.61
N SER B 331 -22.33 -27.93 13.33
CA SER B 331 -23.37 -28.11 14.33
C SER B 331 -24.05 -29.47 14.17
N GLY B 332 -25.25 -29.46 13.59
CA GLY B 332 -26.03 -30.67 13.37
C GLY B 332 -25.37 -31.67 12.44
N GLU B 333 -24.50 -31.17 11.55
CA GLU B 333 -23.75 -32.01 10.60
C GLU B 333 -22.95 -33.11 11.29
N THR B 334 -22.37 -32.77 12.44
CA THR B 334 -21.61 -33.73 13.23
C THR B 334 -22.39 -34.27 14.44
N ALA B 335 -23.36 -33.49 14.93
CA ALA B 335 -24.13 -33.87 16.12
C ALA B 335 -25.11 -35.00 15.84
N LYS B 336 -25.91 -34.86 14.79
CA LYS B 336 -26.90 -35.87 14.42
C LYS B 336 -26.87 -36.23 12.94
N GLY B 337 -25.73 -35.94 12.29
CA GLY B 337 -25.58 -36.13 10.86
C GLY B 337 -25.31 -37.57 10.43
N LYS B 338 -25.43 -37.80 9.13
CA LYS B 338 -25.23 -39.11 8.53
C LYS B 338 -23.81 -39.30 8.00
N TYR B 339 -23.10 -38.18 7.80
CA TYR B 339 -21.75 -38.22 7.24
C TYR B 339 -20.75 -37.37 8.04
N PRO B 340 -20.56 -37.71 9.34
CA PRO B 340 -19.77 -36.84 10.22
C PRO B 340 -18.29 -36.75 9.82
N ASN B 341 -17.66 -37.89 9.54
CA ASN B 341 -16.26 -37.90 9.09
C ASN B 341 -16.10 -37.18 7.74
N GLU B 342 -17.03 -37.42 6.83
CA GLU B 342 -16.98 -36.87 5.48
C GLU B 342 -17.09 -35.34 5.45
N VAL B 343 -17.96 -34.79 6.29
CA VAL B 343 -18.17 -33.35 6.33
C VAL B 343 -17.00 -32.59 6.97
N VAL B 344 -16.36 -33.19 7.96
CA VAL B 344 -15.16 -32.61 8.58
C VAL B 344 -13.99 -32.66 7.60
N GLN B 345 -13.88 -33.76 6.87
CA GLN B 345 -12.85 -33.94 5.85
C GLN B 345 -13.02 -32.97 4.69
N TYR B 346 -14.27 -32.77 4.27
CA TYR B 346 -14.54 -31.88 3.15
C TYR B 346 -14.37 -30.41 3.54
N MET B 347 -14.71 -30.07 4.78
CA MET B 347 -14.49 -28.73 5.30
C MET B 347 -12.99 -28.41 5.37
N ALA B 348 -12.21 -29.41 5.78
CA ALA B 348 -10.75 -29.29 5.80
C ALA B 348 -10.20 -29.04 4.39
N ARG B 349 -10.77 -29.75 3.41
CA ARG B 349 -10.39 -29.60 2.01
C ARG B 349 -10.69 -28.20 1.49
N ILE B 350 -11.86 -27.67 1.86
CA ILE B 350 -12.27 -26.32 1.46
C ILE B 350 -11.34 -25.28 2.08
N CYS B 351 -11.09 -25.42 3.39
CA CYS B 351 -10.21 -24.51 4.13
C CYS B 351 -8.79 -24.48 3.58
N LEU B 352 -8.26 -25.65 3.28
CA LEU B 352 -6.92 -25.79 2.71
C LEU B 352 -6.83 -25.19 1.30
N GLU B 353 -7.88 -25.36 0.51
CA GLU B 353 -7.95 -24.82 -0.83
C GLU B 353 -8.02 -23.29 -0.80
N ALA B 354 -8.90 -22.77 0.05
CA ALA B 354 -9.07 -21.32 0.23
C ALA B 354 -7.77 -20.66 0.71
N GLN B 355 -7.11 -21.31 1.66
CA GLN B 355 -5.85 -20.81 2.20
C GLN B 355 -4.77 -20.65 1.12
N SER B 356 -4.75 -21.60 0.18
CA SER B 356 -3.80 -21.57 -0.94
C SER B 356 -3.99 -20.33 -1.81
N ALA B 357 -5.25 -19.87 -1.92
CA ALA B 357 -5.59 -18.68 -2.71
C ALA B 357 -5.49 -17.38 -1.91
N LEU B 358 -5.36 -17.48 -0.59
CA LEU B 358 -5.34 -16.32 0.29
C LEU B 358 -3.96 -15.66 0.38
N ASN B 359 -3.95 -14.33 0.26
CA ASN B 359 -2.72 -13.55 0.42
C ASN B 359 -2.61 -13.01 1.84
N GLU B 360 -1.78 -13.67 2.66
CA GLU B 360 -1.63 -13.33 4.08
C GLU B 360 -0.96 -11.97 4.29
N TYR B 361 -0.15 -11.55 3.33
CA TYR B 361 0.57 -10.29 3.41
C TYR B 361 -0.38 -9.09 3.49
N VAL B 362 -1.51 -9.18 2.78
CA VAL B 362 -2.57 -8.18 2.84
C VAL B 362 -3.10 -8.03 4.26
N PHE B 363 -3.32 -9.16 4.94
CA PHE B 363 -3.72 -9.18 6.34
C PHE B 363 -2.64 -8.56 7.23
N PHE B 364 -1.40 -9.01 7.03
CA PHE B 364 -0.25 -8.49 7.77
C PHE B 364 -0.10 -6.97 7.63
N ASN B 365 -0.18 -6.51 6.39
CA ASN B 365 0.05 -5.11 6.08
C ASN B 365 -1.05 -4.20 6.58
N SER B 366 -2.30 -4.66 6.48
CA SER B 366 -3.45 -3.90 6.95
C SER B 366 -3.41 -3.66 8.46
N ILE B 367 -3.13 -4.74 9.20
CA ILE B 367 -3.10 -4.68 10.66
C ILE B 367 -1.92 -3.84 11.19
N LYS B 368 -0.76 -3.99 10.55
CA LYS B 368 0.42 -3.20 10.89
C LYS B 368 0.20 -1.70 10.65
N LYS B 369 -0.45 -1.36 9.54
CA LYS B 369 -0.80 0.03 9.21
C LYS B 369 -1.72 0.70 10.24
N LEU B 370 -2.48 -0.11 10.97
CA LEU B 370 -3.44 0.41 11.95
C LEU B 370 -2.83 0.62 13.34
N GLN B 371 -1.55 0.28 13.50
CA GLN B 371 -0.85 0.41 14.78
C GLN B 371 -0.43 1.86 15.04
N HIS B 372 -0.69 2.32 16.27
CA HIS B 372 -0.32 3.66 16.68
C HIS B 372 1.16 3.71 17.03
N ILE B 373 1.90 4.62 16.39
CA ILE B 373 3.30 4.87 16.74
C ILE B 373 3.34 5.97 17.81
N PRO B 374 4.07 5.74 18.92
CA PRO B 374 4.91 4.56 19.20
C PRO B 374 4.15 3.32 19.65
N MET B 375 4.59 2.16 19.16
CA MET B 375 4.05 0.87 19.60
C MET B 375 4.71 0.48 20.92
N SER B 376 4.01 -0.34 21.71
CA SER B 376 4.61 -0.91 22.92
C SER B 376 5.46 -2.12 22.53
N ALA B 377 6.31 -2.56 23.45
CA ALA B 377 7.25 -3.65 23.21
C ALA B 377 6.59 -4.88 22.57
N ASP B 378 5.51 -5.38 23.19
CA ASP B 378 4.83 -6.60 22.72
C ASP B 378 4.41 -6.52 21.24
N GLU B 379 3.84 -5.38 20.87
CA GLU B 379 3.32 -5.18 19.52
C GLU B 379 4.46 -5.04 18.52
N ALA B 380 5.49 -4.30 18.92
CA ALA B 380 6.68 -4.10 18.09
C ALA B 380 7.46 -5.39 17.84
N VAL B 381 7.67 -6.18 18.89
CA VAL B 381 8.40 -7.45 18.79
C VAL B 381 7.70 -8.44 17.87
N CYS B 382 6.38 -8.59 18.03
CA CYS B 382 5.61 -9.56 17.25
C CYS B 382 5.43 -9.18 15.79
N SER B 383 5.16 -7.90 15.52
CA SER B 383 5.01 -7.41 14.15
C SER B 383 6.34 -7.47 13.40
N SER B 384 7.42 -7.15 14.12
CA SER B 384 8.76 -7.19 13.57
C SER B 384 9.18 -8.62 13.25
N ALA B 385 8.73 -9.57 14.07
CA ALA B 385 9.06 -10.99 13.89
C ALA B 385 8.39 -11.56 12.65
N VAL B 386 7.11 -11.24 12.46
CA VAL B 386 6.37 -11.65 11.27
C VAL B 386 6.93 -10.97 10.01
N ASN B 387 7.31 -9.70 10.14
CA ASN B 387 7.92 -8.97 9.02
C ASN B 387 9.24 -9.61 8.58
N SER B 388 9.97 -10.17 9.55
CA SER B 388 11.23 -10.89 9.29
C SER B 388 11.00 -12.14 8.46
N VAL B 389 9.86 -12.81 8.68
CA VAL B 389 9.48 -13.99 7.92
C VAL B 389 9.41 -13.65 6.44
N TYR B 390 8.65 -12.59 6.11
CA TYR B 390 8.44 -12.17 4.74
C TYR B 390 9.73 -11.70 4.06
N GLU B 391 10.59 -11.06 4.84
CA GLU B 391 11.81 -10.46 4.30
C GLU B 391 12.96 -11.45 4.13
N THR B 392 12.93 -12.55 4.89
CA THR B 392 13.95 -13.59 4.78
C THR B 392 13.38 -14.87 4.18
N LYS B 393 12.09 -14.86 3.85
CA LYS B 393 11.35 -16.03 3.36
C LYS B 393 11.51 -17.26 4.27
N ALA B 394 11.35 -17.03 5.57
CA ALA B 394 11.44 -18.09 6.58
C ALA B 394 10.29 -19.08 6.42
N LYS B 395 10.55 -20.34 6.74
CA LYS B 395 9.58 -21.41 6.50
C LYS B 395 8.79 -21.85 7.74
N ALA B 396 9.16 -21.31 8.91
CA ALA B 396 8.43 -21.57 10.16
C ALA B 396 8.69 -20.49 11.21
N MET B 397 7.82 -20.44 12.22
CA MET B 397 8.01 -19.58 13.39
C MET B 397 7.91 -20.41 14.66
N VAL B 398 8.79 -20.14 15.62
CA VAL B 398 8.73 -20.80 16.93
C VAL B 398 8.49 -19.77 18.03
N VAL B 399 7.36 -19.88 18.71
CA VAL B 399 6.99 -18.93 19.75
C VAL B 399 6.93 -19.62 21.12
N LEU B 400 7.66 -19.08 22.08
CA LEU B 400 7.61 -19.57 23.45
C LEU B 400 6.56 -18.78 24.22
N SER B 401 5.46 -19.44 24.54
CA SER B 401 4.31 -18.80 25.16
C SER B 401 3.67 -19.74 26.19
N ASN B 402 3.67 -19.31 27.46
CA ASN B 402 3.10 -20.12 28.53
C ASN B 402 1.58 -20.01 28.62
N THR B 403 1.06 -18.78 28.52
CA THR B 403 -0.38 -18.55 28.58
C THR B 403 -1.02 -18.59 27.19
N GLY B 404 -0.20 -18.42 26.15
CA GLY B 404 -0.69 -18.38 24.78
C GLY B 404 -0.82 -16.95 24.26
N ARG B 405 -0.62 -15.99 25.16
CA ARG B 405 -0.80 -14.57 24.88
C ARG B 405 0.03 -14.10 23.68
N SER B 406 1.34 -14.33 23.75
CA SER B 406 2.24 -13.93 22.67
C SER B 406 2.06 -14.78 21.41
N ALA B 407 1.59 -16.02 21.59
CA ALA B 407 1.25 -16.89 20.47
C ALA B 407 0.10 -16.32 19.65
N ARG B 408 -0.94 -15.85 20.34
CA ARG B 408 -2.09 -15.21 19.70
C ARG B 408 -1.71 -13.88 19.05
N LEU B 409 -0.75 -13.17 19.65
CA LEU B 409 -0.32 -11.87 19.14
C LEU B 409 0.49 -12.00 17.86
N VAL B 410 1.26 -13.08 17.73
CA VAL B 410 2.05 -13.36 16.53
C VAL B 410 1.12 -13.75 15.38
N ALA B 411 0.20 -14.68 15.67
CA ALA B 411 -0.78 -15.15 14.70
C ALA B 411 -1.64 -14.02 14.16
N LYS B 412 -1.85 -13.00 14.99
CA LYS B 412 -2.61 -11.81 14.59
C LYS B 412 -2.02 -11.21 13.32
N TYR B 413 -0.69 -11.15 13.26
CA TYR B 413 0.00 -10.52 12.14
C TYR B 413 0.10 -11.37 10.89
N ARG B 414 -0.44 -12.59 10.94
CA ARG B 414 -0.60 -13.46 9.77
C ARG B 414 0.69 -13.65 8.94
N PRO B 415 1.65 -14.45 9.45
CA PRO B 415 2.78 -14.80 8.61
C PRO B 415 2.37 -15.80 7.53
N ASN B 416 3.16 -15.94 6.48
CA ASN B 416 2.86 -16.89 5.41
C ASN B 416 3.51 -18.27 5.65
N CYS B 417 3.78 -18.56 6.92
CA CYS B 417 4.37 -19.84 7.31
C CYS B 417 3.72 -20.34 8.61
N PRO B 418 3.84 -21.65 8.91
CA PRO B 418 3.28 -22.19 10.15
C PRO B 418 3.91 -21.58 11.41
N ILE B 419 3.12 -21.49 12.48
CA ILE B 419 3.62 -21.05 13.78
C ILE B 419 3.59 -22.24 14.73
N VAL B 420 4.71 -22.48 15.41
CA VAL B 420 4.81 -23.54 16.41
C VAL B 420 5.00 -22.93 17.80
N CYS B 421 3.97 -23.06 18.62
CA CYS B 421 4.03 -22.57 19.99
C CYS B 421 4.53 -23.66 20.94
N VAL B 422 5.55 -23.33 21.70
CA VAL B 422 6.07 -24.24 22.73
C VAL B 422 5.67 -23.72 24.12
N THR B 423 4.80 -24.47 24.78
CA THR B 423 4.21 -24.06 26.05
C THR B 423 4.38 -25.12 27.14
N THR B 424 4.37 -24.67 28.39
CA THR B 424 4.51 -25.56 29.54
C THR B 424 3.15 -25.96 30.13
N ARG B 425 2.08 -25.39 29.60
CA ARG B 425 0.72 -25.69 30.04
C ARG B 425 -0.01 -26.52 29.00
N LEU B 426 -0.66 -27.59 29.44
CA LEU B 426 -1.50 -28.40 28.55
C LEU B 426 -2.77 -27.65 28.15
N GLN B 427 -3.24 -26.77 29.02
CA GLN B 427 -4.45 -25.99 28.75
C GLN B 427 -4.21 -24.93 27.66
N THR B 428 -2.97 -24.47 27.55
CA THR B 428 -2.60 -23.53 26.50
C THR B 428 -2.64 -24.23 25.15
N CYS B 429 -2.16 -25.47 25.11
CA CYS B 429 -2.27 -26.31 23.91
C CYS B 429 -3.70 -26.43 23.41
N ARG B 430 -4.62 -26.70 24.34
CA ARG B 430 -6.04 -26.84 24.02
C ARG B 430 -6.68 -25.52 23.57
N GLN B 431 -6.41 -24.45 24.30
CA GLN B 431 -7.02 -23.15 24.03
C GLN B 431 -6.52 -22.48 22.75
N LEU B 432 -5.29 -22.80 22.35
CA LEU B 432 -4.74 -22.30 21.08
C LEU B 432 -5.38 -22.96 19.85
N ASN B 433 -6.21 -23.98 20.09
CA ASN B 433 -6.92 -24.68 19.02
C ASN B 433 -7.99 -23.84 18.30
N ILE B 434 -8.28 -22.65 18.83
CA ILE B 434 -9.19 -21.71 18.15
C ILE B 434 -8.47 -20.52 17.53
N THR B 435 -7.13 -20.59 17.50
CA THR B 435 -6.31 -19.57 16.87
C THR B 435 -5.67 -20.15 15.62
N GLN B 436 -5.92 -19.51 14.48
CA GLN B 436 -5.46 -20.02 13.17
C GLN B 436 -3.94 -20.02 13.00
N GLY B 437 -3.45 -21.03 12.26
CA GLY B 437 -2.05 -21.11 11.88
C GLY B 437 -1.07 -21.32 13.01
N VAL B 438 -1.55 -21.90 14.11
CA VAL B 438 -0.70 -22.21 15.26
C VAL B 438 -0.82 -23.70 15.62
N GLU B 439 0.31 -24.33 15.90
CA GLU B 439 0.35 -25.69 16.43
C GLU B 439 1.14 -25.70 17.72
N SER B 440 0.67 -26.49 18.70
CA SER B 440 1.24 -26.44 20.03
C SER B 440 2.06 -27.67 20.39
N VAL B 441 3.23 -27.42 20.99
CA VAL B 441 4.10 -28.47 21.50
C VAL B 441 4.21 -28.34 23.01
N PHE B 442 3.76 -29.36 23.72
CA PHE B 442 3.80 -29.37 25.17
C PHE B 442 5.20 -29.70 25.68
N PHE B 443 5.72 -28.82 26.52
CA PHE B 443 7.00 -29.03 27.18
C PHE B 443 6.76 -29.27 28.67
N ASP B 444 7.07 -30.49 29.11
CA ASP B 444 6.82 -30.88 30.50
C ASP B 444 7.91 -30.35 31.43
N ALA B 445 7.62 -29.23 32.09
CA ALA B 445 8.56 -28.59 33.02
C ALA B 445 8.84 -29.42 34.27
N ASP B 446 7.85 -30.20 34.70
CA ASP B 446 7.99 -31.10 35.85
C ASP B 446 8.89 -32.29 35.52
N LYS B 447 8.84 -32.73 34.27
CA LYS B 447 9.57 -33.92 33.82
C LYS B 447 10.95 -33.57 33.25
N LEU B 448 11.07 -32.42 32.60
CA LEU B 448 12.31 -32.04 31.89
C LEU B 448 13.03 -30.80 32.43
N GLY B 449 12.55 -30.26 33.55
CA GLY B 449 13.15 -29.08 34.16
C GLY B 449 12.57 -27.77 33.67
N HIS B 450 12.84 -26.69 34.39
CA HIS B 450 12.23 -25.38 34.11
C HIS B 450 12.75 -24.69 32.85
N ASP B 451 13.94 -25.09 32.38
CA ASP B 451 14.54 -24.56 31.15
C ASP B 451 14.52 -23.03 31.08
N GLU B 452 15.21 -22.39 32.02
CA GLU B 452 15.29 -20.92 32.04
C GLU B 452 16.21 -20.37 30.95
N GLY B 453 17.05 -21.24 30.39
CA GLY B 453 17.88 -20.90 29.25
C GLY B 453 17.08 -20.81 27.95
N LYS B 454 15.93 -21.48 27.93
CA LYS B 454 14.98 -21.48 26.80
C LYS B 454 15.43 -22.32 25.59
N GLU B 455 16.63 -22.88 25.68
CA GLU B 455 17.23 -23.62 24.56
C GLU B 455 16.53 -24.94 24.27
N HIS B 456 16.09 -25.63 25.32
CA HIS B 456 15.41 -26.92 25.17
C HIS B 456 14.02 -26.76 24.55
N ARG B 457 13.34 -25.66 24.89
CA ARG B 457 12.04 -25.35 24.31
C ARG B 457 12.15 -24.91 22.85
N VAL B 458 13.20 -24.15 22.54
CA VAL B 458 13.50 -23.76 21.16
C VAL B 458 13.79 -25.01 20.31
N ALA B 459 14.61 -25.90 20.85
CA ALA B 459 14.98 -27.15 20.18
C ALA B 459 13.75 -28.03 19.91
N ALA B 460 12.87 -28.15 20.90
CA ALA B 460 11.64 -28.92 20.79
C ALA B 460 10.74 -28.40 19.68
N GLY B 461 10.65 -27.07 19.56
CA GLY B 461 9.85 -26.40 18.54
C GLY B 461 10.40 -26.58 17.14
N VAL B 462 11.72 -26.44 17.01
CA VAL B 462 12.41 -26.61 15.73
C VAL B 462 12.33 -28.07 15.26
N GLU B 463 12.47 -29.01 16.21
CA GLU B 463 12.37 -30.43 15.92
C GLU B 463 10.98 -30.81 15.37
N PHE B 464 9.94 -30.23 15.97
CA PHE B 464 8.57 -30.43 15.51
C PHE B 464 8.38 -29.91 14.09
N ALA B 465 8.92 -28.72 13.83
CA ALA B 465 8.84 -28.09 12.51
C ALA B 465 9.55 -28.91 11.44
N LYS B 466 10.63 -29.59 11.83
CA LYS B 466 11.36 -30.49 10.93
C LYS B 466 10.56 -31.76 10.63
N SER B 467 9.98 -32.35 11.67
CA SER B 467 9.22 -33.60 11.55
C SER B 467 7.96 -33.49 10.68
N LYS B 468 7.43 -32.27 10.59
CA LYS B 468 6.25 -31.99 9.78
C LYS B 468 6.62 -31.56 8.36
N GLY B 469 7.91 -31.33 8.15
CA GLY B 469 8.43 -30.95 6.83
C GLY B 469 8.30 -29.48 6.52
N TYR B 470 8.18 -28.64 7.56
CA TYR B 470 8.11 -27.18 7.37
C TYR B 470 9.50 -26.62 7.07
N VAL B 471 10.48 -27.00 7.88
CA VAL B 471 11.86 -26.57 7.70
C VAL B 471 12.81 -27.74 7.54
N GLN B 472 13.87 -27.52 6.75
CA GLN B 472 14.98 -28.46 6.63
C GLN B 472 16.29 -27.69 6.74
N THR B 473 17.41 -28.41 6.73
CA THR B 473 18.74 -27.80 6.83
C THR B 473 18.90 -26.71 5.76
N GLY B 474 19.24 -25.49 6.21
CA GLY B 474 19.43 -24.37 5.31
C GLY B 474 18.30 -23.36 5.34
N ASP B 475 17.12 -23.79 5.78
CA ASP B 475 15.96 -22.91 5.91
C ASP B 475 16.08 -21.98 7.11
N TYR B 476 15.40 -20.83 7.03
CA TYR B 476 15.34 -19.89 8.13
C TYR B 476 14.09 -20.11 8.98
N CYS B 477 14.24 -19.92 10.28
CA CYS B 477 13.15 -20.04 11.24
C CYS B 477 13.22 -18.89 12.23
N VAL B 478 12.16 -18.09 12.31
CA VAL B 478 12.11 -16.95 13.23
C VAL B 478 11.65 -17.43 14.61
N VAL B 479 12.59 -17.43 15.55
CA VAL B 479 12.33 -17.82 16.93
C VAL B 479 12.02 -16.57 17.75
N ILE B 480 10.91 -16.61 18.48
CA ILE B 480 10.49 -15.47 19.29
C ILE B 480 9.97 -15.88 20.67
N HIS B 481 10.50 -15.23 21.69
CA HIS B 481 10.00 -15.35 23.06
C HIS B 481 9.64 -13.96 23.57
N ALA B 482 8.40 -13.82 24.06
CA ALA B 482 7.92 -12.54 24.60
C ALA B 482 6.79 -12.76 25.60
N GLY B 488 8.20 -7.68 33.83
CA GLY B 488 7.84 -7.34 32.46
C GLY B 488 8.62 -6.15 31.91
N TYR B 489 8.76 -6.06 30.59
CA TYR B 489 8.24 -7.07 29.67
C TYR B 489 9.39 -7.71 28.87
N ALA B 490 9.78 -8.93 29.25
CA ALA B 490 10.90 -9.63 28.64
C ALA B 490 10.58 -10.15 27.25
N ASN B 491 11.50 -9.94 26.30
CA ASN B 491 11.34 -10.38 24.92
C ASN B 491 12.66 -10.70 24.23
N GLN B 492 12.58 -11.44 23.13
CA GLN B 492 13.75 -11.97 22.43
C GLN B 492 13.35 -12.45 21.04
N THR B 493 14.11 -12.05 20.03
CA THR B 493 13.87 -12.48 18.65
C THR B 493 15.16 -12.97 18.00
N ARG B 494 15.10 -14.16 17.42
CA ARG B 494 16.23 -14.74 16.70
C ARG B 494 15.81 -15.19 15.31
N ILE B 495 16.64 -14.89 14.32
CA ILE B 495 16.48 -15.48 12.99
C ILE B 495 17.43 -16.67 12.91
N LEU B 496 16.89 -17.86 13.14
CA LEU B 496 17.69 -19.07 13.27
C LEU B 496 17.88 -19.77 11.92
N LEU B 497 19.11 -20.23 11.68
CA LEU B 497 19.42 -21.05 10.53
C LEU B 497 19.36 -22.53 10.94
N VAL B 498 18.52 -23.30 10.25
CA VAL B 498 18.28 -24.70 10.58
C VAL B 498 19.45 -25.58 10.13
N GLU B 499 19.95 -26.38 11.08
CA GLU B 499 21.10 -27.26 10.85
C GLU B 499 20.68 -28.67 10.45
N SER C 2 14.71 8.13 -4.18
CA SER C 2 15.41 8.97 -3.18
C SER C 2 16.64 9.65 -3.80
N GLN C 3 17.15 10.68 -3.11
CA GLN C 3 18.36 11.38 -3.54
C GLN C 3 19.59 10.47 -3.44
N LEU C 4 19.64 9.68 -2.37
CA LEU C 4 20.73 8.73 -2.14
C LEU C 4 20.83 7.69 -3.26
N ALA C 5 19.69 7.13 -3.66
CA ALA C 5 19.63 6.16 -4.76
C ALA C 5 20.00 6.81 -6.10
N HIS C 6 19.65 8.09 -6.25
CA HIS C 6 19.96 8.84 -7.46
C HIS C 6 21.46 9.12 -7.61
N ASN C 7 22.11 9.37 -6.47
CA ASN C 7 23.55 9.60 -6.43
C ASN C 7 24.36 8.43 -7.00
N LEU C 8 23.97 7.22 -6.61
CA LEU C 8 24.65 5.99 -7.02
C LEU C 8 24.78 5.85 -8.53
N THR C 9 23.73 6.26 -9.24
CA THR C 9 23.64 6.08 -10.70
C THR C 9 24.34 7.19 -11.50
N LEU C 10 24.85 8.20 -10.80
CA LEU C 10 25.46 9.36 -11.44
C LEU C 10 26.89 9.13 -11.92
N SER C 11 27.26 9.81 -12.99
CA SER C 11 28.64 9.84 -13.48
C SER C 11 29.02 11.27 -13.84
N ILE C 12 30.13 11.74 -13.29
CA ILE C 12 30.60 13.12 -13.50
C ILE C 12 31.16 13.35 -14.91
N PHE C 13 31.40 12.26 -15.64
CA PHE C 13 31.98 12.34 -16.98
C PHE C 13 30.92 12.35 -18.08
N ASP C 14 29.68 12.02 -17.71
CA ASP C 14 28.53 12.06 -18.61
C ASP C 14 28.18 13.51 -19.02
N PRO C 15 27.49 13.68 -20.17
CA PRO C 15 27.05 15.01 -20.58
C PRO C 15 26.06 15.62 -19.59
N VAL C 16 26.10 16.95 -19.47
CA VAL C 16 25.18 17.68 -18.58
C VAL C 16 23.78 17.79 -19.19
N ALA C 17 22.85 18.37 -18.42
CA ALA C 17 21.49 18.59 -18.89
C ALA C 17 21.43 19.66 -19.99
N ASN C 18 20.52 19.47 -20.93
CA ASN C 18 20.31 20.44 -22.01
C ASN C 18 19.48 21.65 -21.55
N TYR C 19 19.21 21.71 -20.25
CA TYR C 19 18.43 22.81 -19.69
CA TYR C 19 18.33 22.73 -19.66
C TYR C 19 18.81 23.15 -18.25
N ARG C 20 18.70 24.44 -17.95
CA ARG C 20 19.00 24.96 -16.62
C ARG C 20 17.72 25.47 -15.95
N ALA C 21 17.45 24.96 -14.74
CA ALA C 21 16.24 25.31 -14.00
C ALA C 21 16.42 26.57 -13.16
N ALA C 22 17.49 26.59 -12.34
CA ALA C 22 17.79 27.72 -11.46
C ALA C 22 18.02 29.03 -12.23
N ARG C 23 17.73 30.15 -11.57
CA ARG C 23 17.79 31.46 -12.22
C ARG C 23 18.79 32.39 -11.54
N ILE C 24 19.45 33.23 -12.34
CA ILE C 24 20.51 34.12 -11.85
C ILE C 24 20.07 35.59 -11.86
N ILE C 25 20.25 36.24 -10.70
CA ILE C 25 19.99 37.66 -10.54
C ILE C 25 21.33 38.41 -10.40
N CYS C 26 21.50 39.48 -11.19
CA CYS C 26 22.73 40.27 -11.17
C CYS C 26 22.51 41.70 -10.73
N THR C 27 23.32 42.16 -9.79
CA THR C 27 23.31 43.56 -9.35
C THR C 27 24.04 44.42 -10.38
N ILE C 28 23.40 45.51 -10.79
CA ILE C 28 24.00 46.43 -11.75
C ILE C 28 24.76 47.54 -11.03
N GLY C 29 26.00 47.79 -11.46
CA GLY C 29 26.84 48.85 -10.92
C GLY C 29 27.70 49.50 -11.98
N PRO C 30 28.82 50.13 -11.57
CA PRO C 30 29.78 50.75 -12.50
C PRO C 30 30.33 49.79 -13.56
N SER C 31 30.52 48.53 -13.18
CA SER C 31 31.09 47.50 -14.07
C SER C 31 30.11 47.01 -15.14
N THR C 32 28.82 47.31 -14.98
CA THR C 32 27.79 46.64 -15.79
C THR C 32 26.61 47.52 -16.24
N GLN C 33 26.69 48.83 -16.02
CA GLN C 33 25.57 49.72 -16.35
C GLN C 33 25.38 49.95 -17.85
N SER C 34 26.46 49.90 -18.62
CA SER C 34 26.39 50.16 -20.05
C SER C 34 25.61 49.07 -20.79
N VAL C 35 25.05 49.42 -21.94
CA VAL C 35 24.31 48.48 -22.78
C VAL C 35 25.18 47.29 -23.17
N GLU C 36 26.42 47.55 -23.56
CA GLU C 36 27.37 46.49 -23.96
C GLU C 36 27.66 45.48 -22.85
N ALA C 37 27.89 45.98 -21.64
CA ALA C 37 28.18 45.12 -20.49
C ALA C 37 26.93 44.39 -20.02
N LEU C 38 25.76 44.99 -20.25
CA LEU C 38 24.48 44.36 -19.92
C LEU C 38 24.16 43.20 -20.87
N LYS C 39 24.44 43.40 -22.16
CA LYS C 39 24.28 42.35 -23.16
C LYS C 39 25.16 41.14 -22.83
N GLY C 40 26.36 41.42 -22.32
CA GLY C 40 27.29 40.39 -21.87
C GLY C 40 26.72 39.58 -20.72
N LEU C 41 26.13 40.28 -19.75
CA LEU C 41 25.48 39.65 -18.61
C LEU C 41 24.31 38.75 -19.01
N ILE C 42 23.50 39.23 -19.96
CA ILE C 42 22.34 38.47 -20.45
C ILE C 42 22.79 37.15 -21.09
N GLN C 43 23.77 37.22 -21.99
CA GLN C 43 24.28 36.03 -22.67
C GLN C 43 25.07 35.12 -21.74
N SER C 44 25.51 35.66 -20.60
CA SER C 44 26.19 34.88 -19.57
C SER C 44 25.19 34.15 -18.66
N GLY C 45 23.92 34.58 -18.69
CA GLY C 45 22.86 33.88 -17.98
C GLY C 45 22.05 34.69 -16.97
N MET C 46 22.04 36.01 -17.13
CA MET C 46 21.24 36.87 -16.26
C MET C 46 19.77 36.81 -16.64
N SER C 47 18.92 36.58 -15.64
CA SER C 47 17.47 36.59 -15.83
C SER C 47 16.83 37.82 -15.20
N VAL C 48 17.44 38.33 -14.13
CA VAL C 48 16.92 39.48 -13.41
C VAL C 48 18.04 40.49 -13.12
N ALA C 49 17.77 41.75 -13.45
CA ALA C 49 18.69 42.84 -13.16
C ALA C 49 18.26 43.57 -11.88
N ARG C 50 19.15 43.58 -10.88
CA ARG C 50 18.86 44.19 -9.59
C ARG C 50 19.47 45.58 -9.44
N MET C 51 18.65 46.54 -9.01
CA MET C 51 19.10 47.89 -8.69
C MET C 51 19.17 48.06 -7.18
N ASN C 52 20.35 48.37 -6.68
CA ASN C 52 20.53 48.65 -5.26
C ASN C 52 20.31 50.13 -4.95
N PHE C 53 19.14 50.44 -4.38
CA PHE C 53 18.76 51.82 -4.08
C PHE C 53 19.37 52.35 -2.78
N SER C 54 20.33 51.61 -2.23
CA SER C 54 21.13 52.09 -1.11
C SER C 54 22.17 53.11 -1.60
N HIS C 55 22.35 53.14 -2.92
CA HIS C 55 23.29 54.06 -3.56
C HIS C 55 22.71 54.57 -4.87
N GLY C 56 23.22 55.71 -5.35
CA GLY C 56 22.83 56.26 -6.64
C GLY C 56 21.52 57.02 -6.62
N SER C 57 21.42 58.03 -7.47
CA SER C 57 20.22 58.85 -7.59
C SER C 57 19.20 58.18 -8.50
N HIS C 58 18.01 58.79 -8.59
CA HIS C 58 16.95 58.33 -9.50
C HIS C 58 17.39 58.35 -10.96
N GLU C 59 18.29 59.26 -11.30
CA GLU C 59 18.84 59.37 -12.66
C GLU C 59 19.76 58.20 -12.99
N TYR C 60 20.50 57.73 -11.97
CA TYR C 60 21.41 56.60 -12.12
C TYR C 60 20.66 55.30 -12.41
N HIS C 61 19.60 55.06 -11.64
CA HIS C 61 18.79 53.86 -11.81
C HIS C 61 17.90 53.93 -13.06
N GLN C 62 17.58 55.16 -13.47
CA GLN C 62 16.87 55.39 -14.73
C GLN C 62 17.74 54.95 -15.92
N THR C 63 19.04 55.24 -15.85
CA THR C 63 19.98 54.79 -16.86
C THR C 63 20.04 53.27 -16.89
N THR C 64 20.06 52.66 -15.70
CA THR C 64 20.01 51.21 -15.57
C THR C 64 18.75 50.65 -16.24
N ILE C 65 17.60 51.16 -15.82
CA ILE C 65 16.30 50.75 -16.39
C ILE C 65 16.29 50.86 -17.91
N ASN C 66 16.70 52.01 -18.43
CA ASN C 66 16.71 52.26 -19.87
C ASN C 66 17.62 51.30 -20.64
N ASN C 67 18.84 51.11 -20.13
CA ASN C 67 19.84 50.26 -20.78
C ASN C 67 19.49 48.77 -20.73
N VAL C 68 18.96 48.33 -19.59
CA VAL C 68 18.49 46.94 -19.43
C VAL C 68 17.46 46.60 -20.50
N ARG C 69 16.46 47.47 -20.66
CA ARG C 69 15.40 47.28 -21.65
C ARG C 69 15.94 47.28 -23.08
N GLN C 70 16.90 48.16 -23.36
CA GLN C 70 17.49 48.27 -24.70
C GLN C 70 18.34 47.05 -25.05
N ALA C 71 19.14 46.60 -24.08
CA ALA C 71 19.97 45.40 -24.24
C ALA C 71 19.10 44.17 -24.50
N ALA C 72 18.03 44.04 -23.71
CA ALA C 72 17.10 42.92 -23.83
C ALA C 72 16.34 42.95 -25.15
N ALA C 73 15.90 44.14 -25.55
CA ALA C 73 15.16 44.34 -26.80
C ALA C 73 16.00 44.01 -28.02
N GLU C 74 17.30 44.31 -27.94
CA GLU C 74 18.24 44.04 -29.02
C GLU C 74 18.56 42.56 -29.14
N LEU C 75 18.55 41.85 -28.01
CA LEU C 75 18.80 40.41 -27.99
C LEU C 75 17.53 39.56 -28.17
N GLY C 76 16.38 40.22 -28.09
CA GLY C 76 15.09 39.56 -28.28
C GLY C 76 14.69 38.66 -27.12
N VAL C 77 14.97 39.11 -25.90
CA VAL C 77 14.62 38.38 -24.68
C VAL C 77 13.96 39.30 -23.65
N ASN C 78 13.31 38.72 -22.65
CA ASN C 78 12.67 39.47 -21.57
C ASN C 78 13.44 39.36 -20.26
N ILE C 79 13.88 40.51 -19.73
CA ILE C 79 14.66 40.54 -18.49
C ILE C 79 13.91 41.33 -17.43
N ALA C 80 13.79 40.74 -16.24
CA ALA C 80 13.10 41.38 -15.12
C ALA C 80 13.96 42.47 -14.47
N ILE C 81 13.31 43.57 -14.09
CA ILE C 81 13.99 44.65 -13.37
C ILE C 81 13.51 44.71 -11.92
N ALA C 82 14.47 44.62 -11.00
CA ALA C 82 14.16 44.57 -9.57
C ALA C 82 14.65 45.80 -8.82
N LEU C 83 13.86 46.23 -7.83
CA LEU C 83 14.16 47.39 -7.01
C LEU C 83 14.43 46.96 -5.57
N ASP C 84 15.70 46.95 -5.19
CA ASP C 84 16.10 46.61 -3.82
C ASP C 84 16.18 47.88 -3.00
N THR C 85 15.25 48.02 -2.04
CA THR C 85 15.13 49.25 -1.23
C THR C 85 16.31 49.44 -0.27
N LYS C 86 16.53 50.69 0.13
CA LYS C 86 17.57 51.03 1.10
C LYS C 86 17.18 50.55 2.50
N GLY C 87 15.94 50.82 2.90
CA GLY C 87 15.45 50.44 4.22
C GLY C 87 15.86 51.40 5.33
N PRO C 88 15.36 51.17 6.56
CA PRO C 88 15.64 52.02 7.73
C PRO C 88 17.12 52.08 8.11
N LEU C 187 11.71 50.18 14.69
CA LEU C 187 11.71 50.93 13.43
C LEU C 187 10.52 50.55 12.55
N PRO C 188 10.04 51.50 11.71
CA PRO C 188 8.94 51.22 10.79
C PRO C 188 9.40 50.40 9.59
N ALA C 189 8.43 49.85 8.84
CA ALA C 189 8.71 49.01 7.67
C ALA C 189 9.51 49.75 6.61
N VAL C 190 8.84 50.64 5.88
CA VAL C 190 9.49 51.45 4.86
C VAL C 190 9.91 52.82 5.44
N SER C 191 11.01 53.35 4.92
CA SER C 191 11.46 54.70 5.29
C SER C 191 10.78 55.73 4.38
N ALA C 192 11.04 57.01 4.66
CA ALA C 192 10.56 58.09 3.82
C ALA C 192 11.16 58.00 2.41
N LYS C 193 12.45 57.71 2.33
CA LYS C 193 13.13 57.50 1.05
C LYS C 193 12.56 56.30 0.30
N ASP C 194 12.26 55.23 1.05
CA ASP C 194 11.65 54.04 0.47
C ASP C 194 10.34 54.39 -0.25
N ARG C 195 9.49 55.17 0.43
CA ARG C 195 8.21 55.60 -0.14
C ARG C 195 8.38 56.42 -1.43
N VAL C 196 9.40 57.28 -1.47
CA VAL C 196 9.73 58.04 -2.66
C VAL C 196 10.24 57.10 -3.77
N ASP C 197 11.12 56.18 -3.39
CA ASP C 197 11.72 55.22 -4.33
C ASP C 197 10.70 54.25 -4.91
N LEU C 198 9.81 53.75 -4.06
CA LEU C 198 8.76 52.82 -4.47
C LEU C 198 7.79 53.45 -5.46
N GLN C 199 7.51 54.74 -5.29
CA GLN C 199 6.67 55.49 -6.23
C GLN C 199 7.36 55.67 -7.58
N PHE C 200 8.68 55.91 -7.52
CA PHE C 200 9.51 56.02 -8.72
C PHE C 200 9.54 54.71 -9.51
N GLY C 201 9.58 53.58 -8.78
CA GLY C 201 9.56 52.26 -9.38
C GLY C 201 8.26 51.94 -10.10
N VAL C 202 7.14 52.33 -9.50
CA VAL C 202 5.81 52.12 -10.10
C VAL C 202 5.70 52.85 -11.44
N GLU C 203 6.07 54.13 -11.45
CA GLU C 203 6.05 54.96 -12.65
C GLU C 203 6.89 54.34 -13.77
N GLN C 204 8.10 53.92 -13.42
CA GLN C 204 9.02 53.35 -14.40
C GLN C 204 8.70 51.91 -14.76
N GLY C 205 7.76 51.32 -14.03
CA GLY C 205 7.23 50.00 -14.32
C GLY C 205 8.17 48.85 -14.01
N VAL C 206 8.69 48.82 -12.79
CA VAL C 206 9.53 47.72 -12.32
C VAL C 206 8.68 46.45 -12.11
N ASP C 207 9.34 45.30 -12.08
CA ASP C 207 8.65 44.02 -12.00
C ASP C 207 8.46 43.50 -10.57
N MET C 208 9.44 43.78 -9.72
CA MET C 208 9.44 43.27 -8.36
C MET C 208 10.22 44.16 -7.41
N ILE C 209 9.87 44.12 -6.12
CA ILE C 209 10.57 44.86 -5.09
C ILE C 209 11.26 43.89 -4.14
N PHE C 210 12.56 44.10 -3.92
CA PHE C 210 13.27 43.37 -2.90
C PHE C 210 13.26 44.20 -1.61
N ALA C 211 12.17 44.04 -0.84
CA ALA C 211 11.93 44.85 0.36
C ALA C 211 12.87 44.48 1.51
N SER C 212 13.68 45.45 1.91
CA SER C 212 14.72 45.24 2.93
C SER C 212 14.19 45.18 4.36
N PHE C 213 14.90 44.43 5.20
CA PHE C 213 14.70 44.40 6.65
C PHE C 213 13.26 44.10 7.12
N ILE C 214 12.60 43.16 6.45
CA ILE C 214 11.24 42.73 6.81
C ILE C 214 11.26 41.87 8.07
N ARG C 215 10.49 42.27 9.07
CA ARG C 215 10.50 41.63 10.39
C ARG C 215 9.17 41.00 10.78
N SER C 216 8.08 41.44 10.16
CA SER C 216 6.74 40.93 10.46
C SER C 216 5.81 41.06 9.25
N ALA C 217 4.68 40.35 9.30
CA ALA C 217 3.70 40.33 8.22
C ALA C 217 3.02 41.68 8.02
N GLU C 218 2.84 42.41 9.11
CA GLU C 218 2.21 43.73 9.10
C GLU C 218 2.99 44.69 8.19
N GLN C 219 4.31 44.51 8.17
CA GLN C 219 5.21 45.34 7.38
C GLN C 219 5.09 45.14 5.87
N VAL C 220 4.59 43.96 5.48
CA VAL C 220 4.40 43.63 4.06
C VAL C 220 3.30 44.51 3.45
N GLY C 221 2.24 44.75 4.22
CA GLY C 221 1.15 45.64 3.81
C GLY C 221 1.57 47.09 3.67
N ASP C 222 2.58 47.50 4.45
CA ASP C 222 3.13 48.85 4.36
C ASP C 222 3.83 49.10 3.04
N VAL C 223 4.58 48.10 2.56
CA VAL C 223 5.24 48.15 1.25
C VAL C 223 4.17 48.18 0.15
N ARG C 224 3.13 47.36 0.34
CA ARG C 224 1.98 47.28 -0.56
C ARG C 224 1.27 48.64 -0.69
N LYS C 225 1.03 49.30 0.44
CA LYS C 225 0.42 50.62 0.47
C LYS C 225 1.27 51.68 -0.22
N ALA C 226 2.59 51.59 -0.02
CA ALA C 226 3.55 52.52 -0.61
C ALA C 226 3.63 52.42 -2.14
N LEU C 227 3.12 51.32 -2.68
CA LEU C 227 3.08 51.12 -4.13
C LEU C 227 1.76 51.64 -4.72
N GLY C 228 0.73 51.69 -3.87
CA GLY C 228 -0.58 52.21 -4.27
C GLY C 228 -1.35 51.35 -5.27
N PRO C 229 -2.48 51.86 -5.79
CA PRO C 229 -3.34 51.16 -6.74
C PRO C 229 -2.65 50.82 -8.06
N LYS C 230 -1.75 51.70 -8.52
CA LYS C 230 -1.03 51.48 -9.77
C LYS C 230 0.13 50.49 -9.64
N GLY C 231 0.47 50.15 -8.39
CA GLY C 231 1.53 49.17 -8.13
C GLY C 231 1.01 47.87 -7.56
N ARG C 232 -0.20 47.49 -7.98
CA ARG C 232 -0.84 46.25 -7.53
C ARG C 232 -0.17 45.01 -8.10
N ASP C 233 0.22 45.07 -9.37
CA ASP C 233 0.76 43.92 -10.11
C ASP C 233 2.25 43.65 -9.88
N ILE C 234 2.88 44.45 -9.01
CA ILE C 234 4.31 44.31 -8.73
C ILE C 234 4.53 43.37 -7.54
N MET C 235 5.41 42.39 -7.73
CA MET C 235 5.69 41.37 -6.70
C MET C 235 6.50 41.96 -5.55
N ILE C 236 6.15 41.56 -4.33
CA ILE C 236 6.92 41.97 -3.14
C ILE C 236 7.71 40.77 -2.62
N ILE C 237 9.02 40.82 -2.81
CA ILE C 237 9.93 39.81 -2.28
C ILE C 237 10.53 40.36 -0.98
N CYS C 238 10.24 39.70 0.13
CA CYS C 238 10.71 40.12 1.44
C CYS C 238 12.12 39.62 1.74
N LYS C 239 13.00 40.53 2.13
CA LYS C 239 14.35 40.18 2.51
C LYS C 239 14.40 39.83 3.99
N ILE C 240 14.86 38.61 4.30
CA ILE C 240 14.99 38.18 5.68
C ILE C 240 16.43 38.41 6.13
N GLU C 241 16.58 39.33 7.09
CA GLU C 241 17.89 39.85 7.49
C GLU C 241 18.21 39.67 8.97
N ASN C 242 17.21 39.33 9.77
CA ASN C 242 17.40 39.13 11.21
C ASN C 242 16.51 38.04 11.82
N HIS C 243 16.64 37.83 13.13
CA HIS C 243 15.92 36.77 13.85
C HIS C 243 14.40 36.93 13.84
N GLN C 244 13.94 38.18 13.80
CA GLN C 244 12.50 38.48 13.78
C GLN C 244 11.85 37.98 12.50
N GLY C 245 12.52 38.21 11.37
CA GLY C 245 12.07 37.71 10.07
C GLY C 245 12.01 36.20 10.02
N VAL C 246 12.98 35.55 10.67
CA VAL C 246 13.02 34.10 10.78
C VAL C 246 11.88 33.59 11.67
N GLN C 247 11.66 34.29 12.78
CA GLN C 247 10.62 33.92 13.76
C GLN C 247 9.21 34.02 13.17
N ASN C 248 8.96 35.07 12.38
CA ASN C 248 7.64 35.33 11.81
C ASN C 248 7.54 34.93 10.35
N ILE C 249 8.41 34.02 9.92
CA ILE C 249 8.53 33.63 8.51
C ILE C 249 7.22 33.12 7.88
N ASP C 250 6.44 32.36 8.64
CA ASP C 250 5.19 31.79 8.15
C ASP C 250 4.17 32.85 7.73
N SER C 251 4.01 33.87 8.56
CA SER C 251 3.10 34.97 8.29
C SER C 251 3.66 35.90 7.20
N ILE C 252 4.99 36.04 7.18
CA ILE C 252 5.68 36.85 6.18
C ILE C 252 5.54 36.25 4.77
N ILE C 253 5.77 34.94 4.66
CA ILE C 253 5.59 34.20 3.39
C ILE C 253 4.15 34.31 2.89
N GLU C 254 3.20 34.19 3.81
CA GLU C 254 1.77 34.25 3.49
C GLU C 254 1.36 35.58 2.89
N GLU C 255 1.97 36.67 3.36
CA GLU C 255 1.66 38.02 2.89
C GLU C 255 2.47 38.43 1.66
N SER C 256 3.68 37.89 1.53
CA SER C 256 4.57 38.27 0.44
C SER C 256 4.37 37.45 -0.83
N ASP C 257 5.10 37.82 -1.87
CA ASP C 257 5.10 37.11 -3.14
C ASP C 257 6.37 36.26 -3.29
N GLY C 258 7.19 36.25 -2.24
CA GLY C 258 8.45 35.52 -2.25
C GLY C 258 9.39 35.95 -1.13
N ILE C 259 10.53 35.27 -1.02
CA ILE C 259 11.50 35.51 0.05
C ILE C 259 12.92 35.57 -0.48
N MET C 260 13.73 36.46 0.10
CA MET C 260 15.18 36.48 -0.13
C MET C 260 15.92 36.13 1.15
N VAL C 261 16.69 35.06 1.12
CA VAL C 261 17.52 34.65 2.26
C VAL C 261 18.85 35.42 2.20
N ALA C 262 18.97 36.44 3.05
CA ALA C 262 20.16 37.27 3.10
C ALA C 262 21.14 36.76 4.15
N ARG C 263 21.97 35.78 3.75
CA ARG C 263 22.87 35.08 4.67
C ARG C 263 23.81 36.01 5.44
N GLY C 264 24.45 36.93 4.72
CA GLY C 264 25.41 37.85 5.30
C GLY C 264 24.82 38.68 6.42
N ASP C 265 23.65 39.26 6.16
CA ASP C 265 22.91 40.06 7.13
C ASP C 265 22.50 39.24 8.35
N LEU C 266 21.99 38.03 8.10
CA LEU C 266 21.61 37.10 9.15
C LEU C 266 22.81 36.67 9.99
N GLY C 267 23.99 36.63 9.35
CA GLY C 267 25.23 36.22 10.00
C GLY C 267 25.78 37.20 11.02
N VAL C 268 25.32 38.44 10.96
CA VAL C 268 25.78 39.48 11.88
C VAL C 268 25.46 39.13 13.34
N GLU C 269 24.22 38.70 13.60
CA GLU C 269 23.76 38.39 14.96
C GLU C 269 23.50 36.91 15.21
N ILE C 270 23.35 36.13 14.14
CA ILE C 270 23.11 34.68 14.24
C ILE C 270 24.38 33.93 13.82
N PRO C 271 24.80 32.92 14.63
CA PRO C 271 25.95 32.08 14.28
C PRO C 271 25.82 31.46 12.88
N ALA C 272 26.94 31.36 12.18
CA ALA C 272 26.99 30.92 10.79
C ALA C 272 26.37 29.54 10.56
N GLU C 273 26.57 28.63 11.50
CA GLU C 273 26.02 27.28 11.42
C GLU C 273 24.50 27.25 11.50
N LYS C 274 23.93 28.20 12.24
CA LYS C 274 22.49 28.33 12.37
C LYS C 274 21.86 29.03 11.16
N VAL C 275 22.67 29.83 10.46
CA VAL C 275 22.25 30.50 9.23
C VAL C 275 22.11 29.47 8.10
N VAL C 276 23.01 28.49 8.09
CA VAL C 276 22.95 27.37 7.14
C VAL C 276 21.65 26.59 7.31
N VAL C 277 21.29 26.33 8.57
CA VAL C 277 20.04 25.65 8.91
C VAL C 277 18.85 26.53 8.56
N ALA C 278 18.93 27.81 8.91
CA ALA C 278 17.89 28.78 8.59
C ALA C 278 17.64 28.86 7.09
N GLN C 279 18.69 28.70 6.30
CA GLN C 279 18.59 28.67 4.85
C GLN C 279 17.75 27.48 4.38
N LYS C 280 17.97 26.32 5.00
CA LYS C 280 17.19 25.12 4.68
C LYS C 280 15.71 25.32 4.99
N ILE C 281 15.42 25.94 6.13
CA ILE C 281 14.06 26.19 6.58
C ILE C 281 13.27 27.10 5.64
N LEU C 282 13.82 28.28 5.35
CA LEU C 282 13.11 29.27 4.54
C LEU C 282 12.88 28.79 3.11
N ILE C 283 13.88 28.12 2.54
CA ILE C 283 13.79 27.59 1.18
C ILE C 283 12.70 26.53 1.07
N SER C 284 12.70 25.59 2.02
CA SER C 284 11.69 24.53 2.03
C SER C 284 10.27 25.06 2.26
N LYS C 285 10.15 26.08 3.13
CA LYS C 285 8.85 26.70 3.41
C LYS C 285 8.28 27.42 2.19
N CYS C 286 9.16 28.03 1.41
CA CYS C 286 8.75 28.67 0.15
C CYS C 286 8.38 27.65 -0.91
N ASN C 287 9.07 26.52 -0.92
CA ASN C 287 8.76 25.43 -1.85
C ASN C 287 7.35 24.88 -1.62
N VAL C 288 6.97 24.71 -0.35
CA VAL C 288 5.63 24.25 0.01
C VAL C 288 4.58 25.27 -0.41
N ALA C 289 4.88 26.55 -0.15
CA ALA C 289 3.98 27.65 -0.48
C ALA C 289 3.93 27.92 -1.99
N GLY C 290 4.99 27.52 -2.71
CA GLY C 290 5.07 27.71 -4.15
C GLY C 290 5.40 29.14 -4.54
N LYS C 291 6.13 29.82 -3.67
CA LYS C 291 6.56 31.19 -3.92
C LYS C 291 8.08 31.21 -4.11
N PRO C 292 8.58 32.06 -5.03
CA PRO C 292 10.00 32.15 -5.34
C PRO C 292 10.87 32.44 -4.12
N VAL C 293 12.04 31.82 -4.07
CA VAL C 293 12.99 32.06 -2.98
C VAL C 293 14.40 32.27 -3.54
N ILE C 294 15.07 33.31 -3.06
CA ILE C 294 16.38 33.71 -3.58
C ILE C 294 17.46 33.48 -2.52
N CYS C 295 18.54 32.83 -2.94
CA CYS C 295 19.73 32.69 -2.11
C CYS C 295 20.66 33.85 -2.46
N ALA C 296 20.90 34.72 -1.49
CA ALA C 296 21.61 35.98 -1.76
C ALA C 296 22.78 36.25 -0.82
N THR C 297 23.70 37.08 -1.29
CA THR C 297 24.95 37.47 -0.59
C THR C 297 25.95 36.32 -0.45
N GLN C 298 27.24 36.68 -0.47
CA GLN C 298 28.35 35.74 -0.21
C GLN C 298 28.33 34.47 -1.08
N MET C 299 27.94 34.62 -2.34
CA MET C 299 27.85 33.47 -3.26
C MET C 299 29.22 33.10 -3.83
N LEU C 300 29.67 33.86 -4.82
CA LEU C 300 31.01 33.70 -5.40
C LEU C 300 31.81 34.97 -5.18
N GLU C 301 31.90 35.40 -3.92
CA GLU C 301 32.40 36.74 -3.58
C GLU C 301 33.86 36.99 -3.94
N SER C 302 34.73 36.01 -3.65
CA SER C 302 36.17 36.15 -3.93
C SER C 302 36.46 36.40 -5.42
N MET C 303 35.51 36.01 -6.27
CA MET C 303 35.63 36.20 -7.73
C MET C 303 35.28 37.63 -8.15
N THR C 304 35.14 38.52 -7.17
CA THR C 304 35.00 39.95 -7.45
C THR C 304 36.30 40.50 -8.05
N TYR C 305 37.43 40.06 -7.51
CA TYR C 305 38.75 40.52 -7.97
C TYR C 305 39.68 39.39 -8.43
N ASN C 306 39.38 38.16 -8.04
CA ASN C 306 40.10 36.98 -8.52
C ASN C 306 39.42 36.38 -9.75
N PRO C 307 40.21 35.76 -10.66
CA PRO C 307 39.63 35.11 -11.85
C PRO C 307 38.89 33.81 -11.55
N ARG C 308 39.14 33.25 -10.36
CA ARG C 308 38.48 32.02 -9.91
C ARG C 308 38.07 32.11 -8.45
N PRO C 309 36.94 31.46 -8.07
CA PRO C 309 36.51 31.44 -6.68
C PRO C 309 37.05 30.22 -5.93
N THR C 310 36.96 30.24 -4.61
CA THR C 310 37.36 29.10 -3.79
C THR C 310 36.38 27.94 -3.95
N ARG C 311 36.87 26.72 -3.72
CA ARG C 311 36.05 25.51 -3.89
C ARG C 311 34.87 25.48 -2.92
N ALA C 312 35.03 26.09 -1.76
CA ALA C 312 33.97 26.20 -0.76
C ALA C 312 32.79 27.03 -1.27
N GLU C 313 33.11 28.10 -2.00
CA GLU C 313 32.10 28.97 -2.61
C GLU C 313 31.32 28.26 -3.70
N VAL C 314 31.96 27.30 -4.37
CA VAL C 314 31.32 26.52 -5.43
C VAL C 314 30.28 25.55 -4.85
N SER C 315 30.65 24.89 -3.75
CA SER C 315 29.72 23.99 -3.05
C SER C 315 28.57 24.76 -2.40
N ASP C 316 28.84 26.00 -2.00
CA ASP C 316 27.83 26.89 -1.45
C ASP C 316 26.73 27.19 -2.47
N VAL C 317 27.14 27.44 -3.73
CA VAL C 317 26.20 27.71 -4.82
C VAL C 317 25.41 26.45 -5.15
N ALA C 318 26.11 25.32 -5.25
CA ALA C 318 25.49 24.04 -5.58
C ALA C 318 24.45 23.60 -4.54
N ASN C 319 24.80 23.76 -3.26
CA ASN C 319 23.91 23.34 -2.18
C ASN C 319 22.68 24.23 -2.02
N ALA C 320 22.79 25.48 -2.46
CA ALA C 320 21.65 26.38 -2.55
C ALA C 320 20.61 25.80 -3.50
N VAL C 321 21.08 25.27 -4.63
CA VAL C 321 20.22 24.60 -5.61
C VAL C 321 19.70 23.26 -5.07
N PHE C 322 20.55 22.53 -4.35
CA PHE C 322 20.16 21.25 -3.74
C PHE C 322 19.11 21.44 -2.64
N ASN C 323 19.17 22.58 -1.95
CA ASN C 323 18.16 22.96 -0.97
C ASN C 323 16.80 23.24 -1.62
N GLY C 324 16.83 23.72 -2.86
CA GLY C 324 15.61 23.97 -3.63
C GLY C 324 15.33 25.44 -3.91
N ALA C 325 16.39 26.24 -3.99
CA ALA C 325 16.26 27.67 -4.29
C ALA C 325 15.88 27.88 -5.75
N ASP C 326 14.95 28.80 -5.98
CA ASP C 326 14.57 29.22 -7.31
C ASP C 326 15.70 30.03 -7.95
N CYS C 327 16.31 30.89 -7.14
CA CYS C 327 17.27 31.87 -7.64
C CYS C 327 18.56 31.95 -6.85
N VAL C 328 19.62 32.36 -7.54
CA VAL C 328 20.90 32.68 -6.93
C VAL C 328 21.30 34.11 -7.33
N MET C 329 21.79 34.89 -6.36
CA MET C 329 22.03 36.32 -6.59
C MET C 329 23.50 36.72 -6.51
N LEU C 330 23.92 37.61 -7.40
CA LEU C 330 25.26 38.18 -7.37
C LEU C 330 25.20 39.67 -7.01
N SER C 331 26.07 40.09 -6.09
CA SER C 331 26.12 41.48 -5.65
C SER C 331 27.33 42.22 -6.23
N GLY C 332 28.38 42.37 -5.42
CA GLY C 332 29.60 43.06 -5.82
C GLY C 332 30.36 42.43 -6.97
N GLU C 333 30.08 41.15 -7.22
CA GLU C 333 30.73 40.39 -8.30
C GLU C 333 30.39 40.96 -9.68
N THR C 334 29.18 41.48 -9.80
CA THR C 334 28.71 42.08 -11.06
C THR C 334 28.58 43.61 -10.95
N ALA C 335 28.48 44.10 -9.73
CA ALA C 335 28.36 45.54 -9.48
C ALA C 335 29.68 46.27 -9.71
N LYS C 336 30.70 45.90 -8.93
CA LYS C 336 32.00 46.59 -8.96
C LYS C 336 33.14 45.62 -9.33
N GLY C 337 32.78 44.43 -9.78
CA GLY C 337 33.74 43.34 -10.01
C GLY C 337 34.57 43.43 -11.28
N LYS C 338 35.67 42.69 -11.29
CA LYS C 338 36.60 42.63 -12.42
C LYS C 338 36.16 41.66 -13.51
N TYR C 339 35.36 40.66 -13.15
CA TYR C 339 34.98 39.60 -14.08
C TYR C 339 33.46 39.39 -14.15
N PRO C 340 32.71 40.39 -14.65
CA PRO C 340 31.25 40.32 -14.66
C PRO C 340 30.69 39.15 -15.46
N ASN C 341 31.14 38.98 -16.70
CA ASN C 341 30.67 37.90 -17.56
C ASN C 341 31.10 36.52 -17.08
N GLU C 342 32.34 36.43 -16.61
CA GLU C 342 32.92 35.17 -16.14
C GLU C 342 32.19 34.61 -14.92
N VAL C 343 31.87 35.48 -13.97
CA VAL C 343 31.20 35.05 -12.73
C VAL C 343 29.77 34.53 -12.96
N VAL C 344 29.07 35.13 -13.91
CA VAL C 344 27.71 34.71 -14.26
C VAL C 344 27.73 33.40 -15.06
N GLN C 345 28.70 33.28 -15.96
CA GLN C 345 28.91 32.05 -16.75
C GLN C 345 29.24 30.86 -15.85
N TYR C 346 30.10 31.11 -14.85
CA TYR C 346 30.52 30.06 -13.91
C TYR C 346 29.40 29.68 -12.95
N MET C 347 28.58 30.66 -12.57
CA MET C 347 27.41 30.40 -11.72
C MET C 347 26.38 29.53 -12.45
N ALA C 348 26.19 29.80 -13.74
CA ALA C 348 25.33 28.99 -14.59
C ALA C 348 25.88 27.58 -14.76
N ARG C 349 27.21 27.46 -14.80
CA ARG C 349 27.88 26.17 -14.93
C ARG C 349 27.67 25.30 -13.69
N ILE C 350 27.74 25.93 -12.51
CA ILE C 350 27.49 25.24 -11.24
C ILE C 350 26.03 24.83 -11.12
N CYS C 351 25.12 25.77 -11.41
CA CYS C 351 23.69 25.52 -11.36
C CYS C 351 23.24 24.37 -12.28
N LEU C 352 23.82 24.32 -13.48
CA LEU C 352 23.54 23.25 -14.44
C LEU C 352 24.08 21.91 -13.96
N GLU C 353 25.25 21.95 -13.30
CA GLU C 353 25.90 20.76 -12.78
C GLU C 353 25.12 20.16 -11.62
N ALA C 354 24.63 21.01 -10.72
CA ALA C 354 23.84 20.57 -9.57
C ALA C 354 22.52 19.97 -10.00
N GLN C 355 21.94 20.54 -11.06
CA GLN C 355 20.65 20.09 -11.60
C GLN C 355 20.71 18.67 -12.15
N SER C 356 21.85 18.30 -12.74
CA SER C 356 22.06 16.95 -13.22
C SER C 356 22.12 15.95 -12.06
N ALA C 357 22.61 16.41 -10.92
CA ALA C 357 22.73 15.58 -9.72
C ALA C 357 21.45 15.54 -8.89
N LEU C 358 20.63 16.58 -9.01
CA LEU C 358 19.41 16.73 -8.22
C LEU C 358 18.29 15.83 -8.72
N ASN C 359 17.61 15.17 -7.78
CA ASN C 359 16.45 14.34 -8.08
C ASN C 359 15.16 15.13 -7.84
N GLU C 360 14.48 15.50 -8.93
CA GLU C 360 13.26 16.29 -8.85
C GLU C 360 12.09 15.52 -8.24
N TYR C 361 12.06 14.21 -8.45
CA TYR C 361 10.98 13.37 -7.97
C TYR C 361 10.84 13.41 -6.44
N VAL C 362 11.95 13.61 -5.74
CA VAL C 362 11.97 13.74 -4.28
C VAL C 362 11.19 14.97 -3.84
N PHE C 363 11.46 16.10 -4.51
CA PHE C 363 10.72 17.35 -4.31
C PHE C 363 9.24 17.17 -4.60
N PHE C 364 8.94 16.58 -5.76
CA PHE C 364 7.55 16.32 -6.18
C PHE C 364 6.79 15.55 -5.11
N ASN C 365 7.35 14.40 -4.71
CA ASN C 365 6.72 13.51 -3.75
C ASN C 365 6.56 14.15 -2.37
N SER C 366 7.58 14.89 -1.94
CA SER C 366 7.56 15.57 -0.63
C SER C 366 6.42 16.58 -0.53
N ILE C 367 6.26 17.40 -1.56
CA ILE C 367 5.23 18.43 -1.58
C ILE C 367 3.84 17.83 -1.79
N LYS C 368 3.74 16.80 -2.64
CA LYS C 368 2.48 16.09 -2.85
C LYS C 368 1.98 15.43 -1.55
N LYS C 369 2.90 14.79 -0.82
CA LYS C 369 2.58 14.17 0.48
C LYS C 369 2.05 15.16 1.53
N LEU C 370 2.42 16.43 1.38
CA LEU C 370 2.01 17.48 2.33
C LEU C 370 0.65 18.09 2.00
N GLN C 371 0.05 17.68 0.90
CA GLN C 371 -1.25 18.21 0.47
C GLN C 371 -2.40 17.58 1.26
N HIS C 372 -3.36 18.42 1.65
CA HIS C 372 -4.52 17.98 2.41
C HIS C 372 -5.66 17.55 1.49
N ILE C 373 -6.31 16.44 1.83
CA ILE C 373 -7.44 15.91 1.07
C ILE C 373 -8.76 16.27 1.76
N PRO C 374 -9.75 16.78 0.99
CA PRO C 374 -9.73 16.98 -0.47
C PRO C 374 -9.01 18.24 -0.94
N MET C 375 -8.40 18.16 -2.11
CA MET C 375 -7.77 19.31 -2.75
C MET C 375 -8.80 20.11 -3.54
N SER C 376 -8.56 21.41 -3.68
CA SER C 376 -9.35 22.21 -4.59
C SER C 376 -8.90 21.93 -6.01
N ALA C 377 -9.81 22.13 -6.96
CA ALA C 377 -9.61 21.72 -8.36
C ALA C 377 -8.28 22.15 -8.99
N ASP C 378 -7.86 23.39 -8.73
CA ASP C 378 -6.64 23.94 -9.36
C ASP C 378 -5.36 23.29 -8.86
N GLU C 379 -5.31 23.03 -7.56
CA GLU C 379 -4.18 22.36 -6.91
C GLU C 379 -4.09 20.90 -7.35
N ALA C 380 -5.25 20.28 -7.54
CA ALA C 380 -5.33 18.89 -7.99
C ALA C 380 -4.87 18.74 -9.44
N VAL C 381 -5.36 19.62 -10.31
CA VAL C 381 -4.99 19.64 -11.72
C VAL C 381 -3.48 19.80 -11.93
N CYS C 382 -2.86 20.70 -11.16
CA CYS C 382 -1.45 21.00 -11.31
C CYS C 382 -0.52 19.87 -10.87
N SER C 383 -0.83 19.24 -9.73
CA SER C 383 -0.03 18.10 -9.26
C SER C 383 -0.27 16.86 -10.11
N SER C 384 -1.48 16.74 -10.66
CA SER C 384 -1.85 15.63 -11.53
C SER C 384 -1.10 15.71 -12.86
N ALA C 385 -0.95 16.93 -13.36
CA ALA C 385 -0.23 17.17 -14.61
C ALA C 385 1.27 16.85 -14.47
N VAL C 386 1.85 17.18 -13.33
CA VAL C 386 3.26 16.90 -13.06
C VAL C 386 3.48 15.39 -12.86
N ASN C 387 2.54 14.75 -12.16
CA ASN C 387 2.53 13.30 -12.01
C ASN C 387 2.49 12.58 -13.36
N SER C 388 1.67 13.10 -14.27
CA SER C 388 1.56 12.57 -15.64
C SER C 388 2.89 12.64 -16.39
N VAL C 389 3.67 13.68 -16.14
CA VAL C 389 5.00 13.83 -16.74
C VAL C 389 5.88 12.63 -16.39
N TYR C 390 5.94 12.29 -15.11
CA TYR C 390 6.75 11.17 -14.62
C TYR C 390 6.26 9.82 -15.12
N GLU C 391 4.94 9.64 -15.19
CA GLU C 391 4.35 8.35 -15.53
C GLU C 391 4.30 8.05 -17.04
N THR C 392 4.44 9.08 -17.86
CA THR C 392 4.50 8.91 -19.30
C THR C 392 5.89 9.25 -19.83
N LYS C 393 6.77 9.69 -18.92
CA LYS C 393 8.10 10.20 -19.27
C LYS C 393 8.00 11.30 -20.34
N ALA C 394 7.18 12.31 -20.06
CA ALA C 394 7.00 13.46 -20.93
C ALA C 394 8.23 14.34 -20.91
N LYS C 395 8.54 14.94 -22.05
CA LYS C 395 9.79 15.67 -22.22
C LYS C 395 9.63 17.19 -22.07
N ALA C 396 8.38 17.64 -21.98
CA ALA C 396 8.06 19.06 -21.78
C ALA C 396 6.64 19.28 -21.25
N MET C 397 6.46 20.37 -20.52
CA MET C 397 5.14 20.84 -20.10
C MET C 397 4.81 22.17 -20.77
N VAL C 398 3.52 22.38 -21.07
CA VAL C 398 3.07 23.67 -21.57
C VAL C 398 1.94 24.20 -20.69
N VAL C 399 2.16 25.35 -20.08
CA VAL C 399 1.16 25.99 -19.22
C VAL C 399 0.65 27.28 -19.86
N LEU C 400 -0.67 27.35 -20.04
CA LEU C 400 -1.31 28.58 -20.47
C LEU C 400 -1.74 29.39 -19.25
N SER C 401 -0.95 30.41 -18.91
CA SER C 401 -1.19 31.25 -17.75
C SER C 401 -0.85 32.72 -18.04
N ASN C 402 -1.88 33.57 -18.03
CA ASN C 402 -1.68 35.00 -18.26
C ASN C 402 -1.06 35.72 -17.06
N THR C 403 -1.54 35.40 -15.87
CA THR C 403 -1.04 36.01 -14.64
C THR C 403 0.25 35.35 -14.16
N GLY C 404 0.45 34.09 -14.54
CA GLY C 404 1.61 33.31 -14.13
C GLY C 404 1.39 32.47 -12.88
N ARG C 405 0.16 32.49 -12.36
CA ARG C 405 -0.18 31.80 -11.13
C ARG C 405 -0.07 30.28 -11.23
N SER C 406 -0.64 29.71 -12.30
CA SER C 406 -0.63 28.26 -12.49
C SER C 406 0.74 27.78 -12.96
N ALA C 407 1.51 28.66 -13.60
CA ALA C 407 2.89 28.37 -13.98
C ALA C 407 3.73 28.15 -12.72
N ARG C 408 3.62 29.06 -11.76
CA ARG C 408 4.30 28.95 -10.47
C ARG C 408 3.82 27.72 -9.69
N LEU C 409 2.52 27.42 -9.83
CA LEU C 409 1.90 26.29 -9.16
C LEU C 409 2.38 24.95 -9.72
N VAL C 410 2.50 24.87 -11.05
CA VAL C 410 3.05 23.69 -11.73
C VAL C 410 4.55 23.50 -11.40
N ALA C 411 5.28 24.62 -11.36
CA ALA C 411 6.71 24.61 -11.05
C ALA C 411 6.98 24.19 -9.60
N LYS C 412 6.01 24.44 -8.73
CA LYS C 412 6.09 24.06 -7.33
C LYS C 412 6.35 22.57 -7.19
N TYR C 413 5.67 21.78 -8.02
CA TYR C 413 5.73 20.32 -7.95
C TYR C 413 6.96 19.69 -8.63
N ARG C 414 7.82 20.53 -9.21
CA ARG C 414 9.12 20.11 -9.74
C ARG C 414 9.07 18.91 -10.71
N PRO C 415 8.61 19.14 -11.96
CA PRO C 415 8.70 18.08 -12.95
C PRO C 415 10.14 17.90 -13.45
N ASN C 416 10.45 16.74 -13.99
CA ASN C 416 11.79 16.46 -14.52
C ASN C 416 11.93 16.85 -16.01
N CYS C 417 11.26 17.94 -16.38
CA CYS C 417 11.28 18.44 -17.75
C CYS C 417 11.05 19.95 -17.75
N PRO C 418 11.44 20.65 -18.84
CA PRO C 418 11.16 22.08 -18.95
C PRO C 418 9.68 22.43 -18.87
N ILE C 419 9.37 23.59 -18.32
CA ILE C 419 8.02 24.13 -18.33
C ILE C 419 7.99 25.34 -19.23
N VAL C 420 7.14 25.29 -20.25
CA VAL C 420 6.97 26.40 -21.19
C VAL C 420 5.65 27.12 -20.88
N CYS C 421 5.75 28.36 -20.40
CA CYS C 421 4.56 29.14 -20.09
C CYS C 421 4.18 30.06 -21.23
N VAL C 422 2.93 29.95 -21.68
CA VAL C 422 2.41 30.81 -22.74
C VAL C 422 1.49 31.86 -22.12
N THR C 423 1.92 33.11 -22.18
CA THR C 423 1.20 34.23 -21.56
C THR C 423 0.97 35.38 -22.54
N THR C 424 -0.15 36.07 -22.37
CA THR C 424 -0.46 37.26 -23.19
C THR C 424 0.06 38.55 -22.55
N ARG C 425 0.84 38.41 -21.49
CA ARG C 425 1.45 39.55 -20.80
C ARG C 425 2.97 39.47 -20.77
N LEU C 426 3.62 40.55 -21.20
CA LEU C 426 5.07 40.65 -21.15
C LEU C 426 5.61 40.75 -19.72
N GLN C 427 4.83 41.36 -18.81
CA GLN C 427 5.25 41.45 -17.41
C GLN C 427 5.29 40.10 -16.70
N THR C 428 4.44 39.18 -17.16
CA THR C 428 4.45 37.80 -16.65
C THR C 428 5.73 37.10 -17.11
N CYS C 429 6.14 37.35 -18.35
CA CYS C 429 7.40 36.84 -18.87
C CYS C 429 8.56 37.26 -17.98
N ARG C 430 8.57 38.54 -17.59
CA ARG C 430 9.61 39.08 -16.73
C ARG C 430 9.53 38.53 -15.31
N GLN C 431 8.33 38.51 -14.74
CA GLN C 431 8.14 38.06 -13.36
C GLN C 431 8.42 36.57 -13.14
N LEU C 432 8.21 35.75 -14.16
CA LEU C 432 8.49 34.32 -14.08
C LEU C 432 9.99 34.00 -14.10
N ASN C 433 10.81 35.03 -14.38
CA ASN C 433 12.27 34.88 -14.36
C ASN C 433 12.85 34.61 -12.97
N ILE C 434 12.02 34.70 -11.93
CA ILE C 434 12.43 34.32 -10.58
C ILE C 434 11.85 32.97 -10.15
N THR C 435 11.20 32.28 -11.08
CA THR C 435 10.68 30.93 -10.84
C THR C 435 11.52 29.90 -11.61
N GLN C 436 12.04 28.91 -10.88
CA GLN C 436 12.91 27.89 -11.48
C GLN C 436 12.17 26.97 -12.45
N GLY C 437 12.87 26.58 -13.52
CA GLY C 437 12.38 25.59 -14.47
C GLY C 437 11.25 26.02 -15.38
N VAL C 438 11.05 27.33 -15.53
CA VAL C 438 10.01 27.88 -16.41
C VAL C 438 10.59 28.85 -17.45
N GLU C 439 10.13 28.72 -18.69
CA GLU C 439 10.45 29.66 -19.75
C GLU C 439 9.18 30.21 -20.38
N SER C 440 9.20 31.50 -20.70
CA SER C 440 7.99 32.22 -21.09
C SER C 440 7.93 32.56 -22.57
N VAL C 441 6.77 32.33 -23.17
CA VAL C 441 6.51 32.70 -24.55
C VAL C 441 5.39 33.74 -24.57
N PHE C 442 5.70 34.92 -25.09
CA PHE C 442 4.71 35.98 -25.22
C PHE C 442 3.82 35.76 -26.44
N PHE C 443 2.52 35.61 -26.20
CA PHE C 443 1.53 35.52 -27.27
C PHE C 443 0.84 36.87 -27.42
N ASP C 444 1.15 37.58 -28.51
CA ASP C 444 0.58 38.91 -28.74
C ASP C 444 -0.88 38.83 -29.20
N ALA C 445 -1.79 39.07 -28.25
CA ALA C 445 -3.23 39.00 -28.50
C ALA C 445 -3.72 40.10 -29.47
N ASP C 446 -3.09 41.27 -29.40
CA ASP C 446 -3.44 42.38 -30.29
C ASP C 446 -3.11 42.05 -31.74
N LYS C 447 -1.96 41.43 -31.95
CA LYS C 447 -1.49 41.07 -33.29
C LYS C 447 -2.17 39.80 -33.82
N LEU C 448 -2.23 38.76 -32.98
CA LEU C 448 -2.64 37.43 -33.44
C LEU C 448 -4.10 37.07 -33.14
N GLY C 449 -4.70 37.73 -32.15
CA GLY C 449 -6.05 37.40 -31.72
C GLY C 449 -6.08 36.90 -30.28
N HIS C 450 -7.27 36.86 -29.70
CA HIS C 450 -7.43 36.51 -28.28
C HIS C 450 -7.36 35.01 -28.01
N ASP C 451 -7.59 34.21 -29.05
CA ASP C 451 -7.42 32.75 -28.99
C ASP C 451 -8.18 32.14 -27.81
N GLU C 452 -9.49 32.39 -27.76
CA GLU C 452 -10.33 31.91 -26.67
C GLU C 452 -10.42 30.38 -26.63
N GLY C 453 -10.32 29.75 -27.80
CA GLY C 453 -10.31 28.29 -27.90
C GLY C 453 -8.99 27.66 -27.48
N LYS C 454 -7.96 28.49 -27.36
CA LYS C 454 -6.63 28.10 -26.82
C LYS C 454 -5.74 27.29 -27.75
N GLU C 455 -6.26 26.92 -28.93
CA GLU C 455 -5.56 26.06 -29.88
CA GLU C 455 -5.54 26.05 -29.85
C GLU C 455 -4.24 26.68 -30.37
N HIS C 456 -4.24 27.99 -30.58
CA HIS C 456 -3.07 28.69 -31.09
C HIS C 456 -1.97 28.86 -30.06
N ARG C 457 -2.34 29.08 -28.80
CA ARG C 457 -1.39 29.24 -27.72
C ARG C 457 -0.71 27.91 -27.36
N VAL C 458 -1.48 26.82 -27.43
CA VAL C 458 -0.94 25.47 -27.25
C VAL C 458 0.10 25.19 -28.34
N ALA C 459 -0.26 25.48 -29.59
CA ALA C 459 0.64 25.30 -30.73
C ALA C 459 1.94 26.10 -30.59
N ALA C 460 1.81 27.36 -30.16
CA ALA C 460 2.96 28.23 -29.92
C ALA C 460 3.89 27.68 -28.83
N GLY C 461 3.28 27.09 -27.80
CA GLY C 461 4.02 26.48 -26.71
C GLY C 461 4.80 25.24 -27.13
N VAL C 462 4.16 24.39 -27.93
CA VAL C 462 4.79 23.19 -28.45
C VAL C 462 5.90 23.54 -29.44
N GLU C 463 5.60 24.47 -30.34
CA GLU C 463 6.57 24.99 -31.31
C GLU C 463 7.86 25.47 -30.64
N PHE C 464 7.72 26.21 -29.55
CA PHE C 464 8.86 26.70 -28.78
C PHE C 464 9.68 25.55 -28.18
N ALA C 465 8.98 24.55 -27.65
CA ALA C 465 9.61 23.37 -27.07
C ALA C 465 10.37 22.54 -28.12
N LYS C 466 9.83 22.51 -29.34
CA LYS C 466 10.49 21.85 -30.46
C LYS C 466 11.73 22.61 -30.92
N SER C 467 11.62 23.94 -30.99
CA SER C 467 12.72 24.79 -31.44
C SER C 467 13.93 24.76 -30.50
N LYS C 468 13.68 24.53 -29.22
CA LYS C 468 14.74 24.41 -28.22
C LYS C 468 15.28 22.98 -28.15
N GLY C 469 14.58 22.05 -28.80
CA GLY C 469 14.97 20.64 -28.82
C GLY C 469 14.58 19.88 -27.58
N TYR C 470 13.58 20.37 -26.84
CA TYR C 470 13.05 19.68 -25.67
C TYR C 470 12.21 18.48 -26.08
N VAL C 471 11.45 18.64 -27.16
CA VAL C 471 10.64 17.56 -27.71
C VAL C 471 10.82 17.42 -29.21
N GLN C 472 10.65 16.19 -29.70
CA GLN C 472 10.59 15.90 -31.13
C GLN C 472 9.44 14.94 -31.40
N THR C 473 9.14 14.73 -32.68
CA THR C 473 8.07 13.81 -33.09
C THR C 473 8.14 12.49 -32.34
N GLY C 474 7.04 12.13 -31.68
CA GLY C 474 6.97 10.89 -30.91
C GLY C 474 6.96 11.07 -29.40
N ASP C 475 7.52 12.21 -28.95
CA ASP C 475 7.55 12.55 -27.52
C ASP C 475 6.17 12.92 -26.96
N TYR C 476 6.03 12.85 -25.64
CA TYR C 476 4.84 13.33 -24.96
C TYR C 476 5.05 14.73 -24.37
N CYS C 477 4.02 15.56 -24.51
CA CYS C 477 4.01 16.89 -23.92
C CYS C 477 2.72 17.09 -23.12
N VAL C 478 2.85 17.52 -21.87
CA VAL C 478 1.68 17.73 -21.01
C VAL C 478 1.23 19.19 -21.08
N VAL C 479 0.08 19.39 -21.73
CA VAL C 479 -0.52 20.72 -21.87
C VAL C 479 -1.50 20.95 -20.73
N ILE C 480 -1.37 22.09 -20.06
CA ILE C 480 -2.17 22.37 -18.88
C ILE C 480 -2.65 23.83 -18.80
N HIS C 481 -3.88 24.01 -18.34
CA HIS C 481 -4.46 25.31 -18.06
C HIS C 481 -5.30 25.20 -16.79
N ALA C 482 -5.08 26.11 -15.84
CA ALA C 482 -5.80 26.10 -14.56
C ALA C 482 -6.02 27.51 -14.01
N ASP C 483 -7.25 28.00 -14.11
CA ASP C 483 -7.63 29.29 -13.56
C ASP C 483 -7.87 29.22 -12.05
N HIS C 484 -7.87 30.41 -11.42
CA HIS C 484 -8.12 30.59 -9.99
C HIS C 484 -9.59 30.31 -9.63
N LYS C 485 -9.85 30.16 -8.32
CA LYS C 485 -11.20 29.98 -7.78
C LYS C 485 -12.23 30.99 -8.32
N VAL C 486 -11.81 32.25 -8.48
CA VAL C 486 -12.69 33.33 -8.98
C VAL C 486 -13.34 33.03 -10.33
N LYS C 487 -12.73 32.12 -11.09
CA LYS C 487 -13.26 31.71 -12.39
C LYS C 487 -13.75 30.27 -12.38
N GLY C 488 -14.12 29.79 -11.19
CA GLY C 488 -14.63 28.43 -11.02
C GLY C 488 -13.60 27.35 -11.26
N TYR C 489 -12.33 27.69 -11.06
CA TYR C 489 -11.21 26.79 -11.31
C TYR C 489 -11.13 26.23 -12.74
N ALA C 490 -11.68 26.97 -13.71
CA ALA C 490 -11.69 26.51 -15.11
C ALA C 490 -10.34 25.90 -15.50
N ASN C 491 -10.37 24.64 -15.93
CA ASN C 491 -9.14 23.89 -16.19
C ASN C 491 -9.22 22.90 -17.35
N GLN C 492 -8.05 22.55 -17.88
CA GLN C 492 -7.92 21.60 -18.98
C GLN C 492 -6.53 20.97 -18.95
N THR C 493 -6.48 19.65 -19.09
CA THR C 493 -5.21 18.94 -19.19
C THR C 493 -5.21 18.02 -20.40
N ARG C 494 -4.11 18.04 -21.16
CA ARG C 494 -3.93 17.18 -22.32
C ARG C 494 -2.58 16.49 -22.27
N ILE C 495 -2.58 15.18 -22.53
CA ILE C 495 -1.33 14.48 -22.78
C ILE C 495 -1.18 14.36 -24.30
N LEU C 496 -0.29 15.19 -24.85
CA LEU C 496 -0.18 15.40 -26.28
C LEU C 496 1.02 14.70 -26.92
N LEU C 497 0.75 13.95 -27.98
CA LEU C 497 1.78 13.32 -28.79
C LEU C 497 2.31 14.35 -29.80
N VAL C 498 3.61 14.63 -29.75
CA VAL C 498 4.21 15.65 -30.61
C VAL C 498 4.38 15.14 -32.04
N GLU C 499 4.06 16.01 -33.01
CA GLU C 499 4.13 15.67 -34.43
C GLU C 499 5.38 16.20 -35.11
N SER D 2 10.01 13.18 5.04
CA SER D 2 11.08 13.65 4.12
C SER D 2 11.95 14.73 4.77
N GLN D 3 13.08 15.04 4.14
CA GLN D 3 13.96 16.12 4.60
C GLN D 3 13.26 17.48 4.49
N LEU D 4 12.52 17.67 3.39
CA LEU D 4 11.74 18.88 3.16
C LEU D 4 10.70 19.09 4.27
N ALA D 5 10.01 18.02 4.66
CA ALA D 5 9.02 18.05 5.73
C ALA D 5 9.68 18.29 7.10
N HIS D 6 10.88 17.74 7.27
CA HIS D 6 11.65 17.92 8.49
C HIS D 6 12.10 19.37 8.64
N ASN D 7 12.51 19.96 7.52
CA ASN D 7 12.93 21.37 7.47
C ASN D 7 11.85 22.34 7.96
N LEU D 8 10.60 22.02 7.64
CA LEU D 8 9.46 22.87 8.00
C LEU D 8 9.29 23.03 9.50
N THR D 9 9.55 21.97 10.25
CA THR D 9 9.30 21.93 11.69
C THR D 9 10.50 22.37 12.54
N LEU D 10 11.62 22.69 11.89
CA LEU D 10 12.83 23.08 12.61
C LEU D 10 12.77 24.51 13.15
N SER D 11 13.50 24.74 14.23
CA SER D 11 13.69 26.07 14.80
C SER D 11 15.13 26.25 15.26
N ILE D 12 15.80 27.27 14.74
CA ILE D 12 17.21 27.53 15.07
C ILE D 12 17.40 28.04 16.50
N PHE D 13 16.31 28.43 17.15
CA PHE D 13 16.35 28.96 18.51
C PHE D 13 16.20 27.85 19.57
N ASP D 14 15.69 26.69 19.14
CA ASP D 14 15.56 25.52 20.01
C ASP D 14 16.91 25.05 20.55
N PRO D 15 16.92 24.47 21.77
CA PRO D 15 18.14 23.83 22.26
C PRO D 15 18.58 22.71 21.33
N VAL D 16 19.88 22.61 21.09
CA VAL D 16 20.45 21.62 20.16
C VAL D 16 20.46 20.20 20.72
N ALA D 17 20.78 19.23 19.86
CA ALA D 17 20.83 17.82 20.24
C ALA D 17 21.88 17.55 21.30
N ASN D 18 21.65 16.52 22.12
CA ASN D 18 22.56 16.16 23.21
C ASN D 18 23.63 15.14 22.80
N TYR D 19 23.74 14.90 21.49
CA TYR D 19 24.75 13.97 20.98
CA TYR D 19 24.67 13.90 20.95
C TYR D 19 25.16 14.30 19.55
N ARG D 20 26.44 14.10 19.28
CA ARG D 20 27.03 14.37 17.97
C ARG D 20 27.41 13.05 17.28
N ALA D 21 26.88 12.87 16.07
CA ALA D 21 27.04 11.60 15.33
C ALA D 21 28.32 11.56 14.52
N ALA D 22 28.58 12.62 13.75
CA ALA D 22 29.77 12.72 12.90
C ALA D 22 31.05 12.74 13.73
N ARG D 23 32.13 12.22 13.16
CA ARG D 23 33.40 12.07 13.88
C ARG D 23 34.51 12.92 13.26
N ILE D 24 35.35 13.49 14.12
CA ILE D 24 36.39 14.42 13.69
C ILE D 24 37.78 13.78 13.71
N ILE D 25 38.51 13.93 12.61
CA ILE D 25 39.89 13.47 12.49
C ILE D 25 40.83 14.67 12.42
N CYS D 26 41.85 14.69 13.28
CA CYS D 26 42.82 15.77 13.30
C CYS D 26 44.21 15.32 12.87
N THR D 27 44.85 16.12 12.02
CA THR D 27 46.24 15.88 11.62
C THR D 27 47.17 16.47 12.69
N ILE D 28 48.18 15.68 13.07
CA ILE D 28 49.12 16.08 14.11
C ILE D 28 50.38 16.69 13.50
N GLY D 29 50.75 17.87 14.00
CA GLY D 29 51.97 18.56 13.57
C GLY D 29 52.66 19.22 14.75
N PRO D 30 53.56 20.19 14.47
CA PRO D 30 54.27 20.93 15.53
C PRO D 30 53.34 21.65 16.51
N SER D 31 52.17 22.07 16.02
CA SER D 31 51.20 22.81 16.84
C SER D 31 50.44 21.94 17.85
N THR D 32 50.46 20.63 17.65
CA THR D 32 49.62 19.71 18.45
C THR D 32 50.28 18.40 18.90
N GLN D 33 51.59 18.26 18.71
CA GLN D 33 52.27 16.99 19.00
C GLN D 33 52.44 16.70 20.50
N SER D 34 52.59 17.75 21.31
CA SER D 34 52.82 17.60 22.75
C SER D 34 51.63 16.96 23.46
N VAL D 35 51.92 16.22 24.54
CA VAL D 35 50.90 15.53 25.34
C VAL D 35 49.75 16.47 25.71
N GLU D 36 50.10 17.65 26.23
CA GLU D 36 49.13 18.65 26.67
C GLU D 36 48.24 19.16 25.52
N ALA D 37 48.84 19.33 24.34
CA ALA D 37 48.11 19.79 23.16
C ALA D 37 47.09 18.76 22.66
N LEU D 38 47.48 17.49 22.73
CA LEU D 38 46.61 16.38 22.34
C LEU D 38 45.44 16.23 23.32
N LYS D 39 45.70 16.45 24.60
CA LYS D 39 44.67 16.51 25.64
C LYS D 39 43.63 17.59 25.27
N GLY D 40 44.11 18.66 24.63
CA GLY D 40 43.25 19.74 24.17
C GLY D 40 42.38 19.32 23.00
N LEU D 41 42.98 18.59 22.06
CA LEU D 41 42.27 18.08 20.88
C LEU D 41 41.16 17.09 21.24
N ILE D 42 41.48 16.12 22.10
CA ILE D 42 40.52 15.11 22.54
C ILE D 42 39.30 15.76 23.21
N GLN D 43 39.56 16.70 24.12
CA GLN D 43 38.49 17.42 24.81
C GLN D 43 37.72 18.37 23.88
N SER D 44 38.37 18.83 22.82
CA SER D 44 37.72 19.65 21.82
C SER D 44 36.87 18.81 20.85
N GLY D 45 37.10 17.50 20.84
CA GLY D 45 36.28 16.56 20.08
C GLY D 45 36.98 15.72 19.03
N MET D 46 38.26 15.42 19.26
CA MET D 46 39.03 14.57 18.35
C MET D 46 38.81 13.09 18.65
N SER D 47 38.40 12.33 17.64
CA SER D 47 38.24 10.88 17.77
C SER D 47 39.41 10.12 17.17
N VAL D 48 40.01 10.68 16.12
CA VAL D 48 41.11 10.04 15.40
C VAL D 48 42.26 11.04 15.22
N ALA D 49 43.47 10.58 15.51
CA ALA D 49 44.69 11.36 15.24
C ALA D 49 45.33 10.86 13.95
N ARG D 50 45.62 11.80 13.05
CA ARG D 50 46.20 11.48 11.75
C ARG D 50 47.69 11.83 11.70
N MET D 51 48.49 10.86 11.24
CA MET D 51 49.92 11.07 10.99
C MET D 51 50.16 11.15 9.49
N ASN D 52 50.71 12.28 9.04
CA ASN D 52 51.05 12.46 7.64
C ASN D 52 52.51 12.05 7.38
N PHE D 53 52.69 10.90 6.74
CA PHE D 53 54.02 10.34 6.50
C PHE D 53 54.70 10.90 5.25
N SER D 54 54.18 12.03 4.75
CA SER D 54 54.83 12.77 3.67
C SER D 54 55.98 13.61 4.23
N HIS D 55 55.89 13.95 5.50
CA HIS D 55 56.90 14.75 6.18
C HIS D 55 57.22 14.13 7.55
N GLY D 56 58.45 14.32 8.01
CA GLY D 56 58.87 13.81 9.31
C GLY D 56 59.40 12.39 9.26
N SER D 57 60.34 12.09 10.14
CA SER D 57 60.95 10.75 10.22
C SER D 57 60.15 9.82 11.12
N HIS D 58 60.55 8.56 11.16
CA HIS D 58 59.92 7.54 12.00
C HIS D 58 59.95 7.89 13.49
N GLU D 59 60.99 8.62 13.90
CA GLU D 59 61.13 9.05 15.29
C GLU D 59 60.16 10.19 15.64
N TYR D 60 59.81 11.01 14.65
CA TYR D 60 58.83 12.08 14.83
C TYR D 60 57.44 11.49 15.02
N HIS D 61 57.12 10.49 14.21
CA HIS D 61 55.81 9.83 14.28
C HIS D 61 55.68 8.87 15.45
N GLN D 62 56.82 8.38 15.95
CA GLN D 62 56.85 7.54 17.15
C GLN D 62 56.46 8.36 18.39
N THR D 63 56.91 9.60 18.42
CA THR D 63 56.54 10.54 19.48
C THR D 63 55.03 10.79 19.45
N THR D 64 54.50 11.00 18.24
CA THR D 64 53.07 11.20 18.02
C THR D 64 52.27 10.02 18.56
N ILE D 65 52.66 8.81 18.16
CA ILE D 65 52.03 7.58 18.64
C ILE D 65 52.06 7.47 20.16
N ASN D 66 53.24 7.68 20.74
CA ASN D 66 53.42 7.59 22.20
C ASN D 66 52.63 8.63 22.98
N ASN D 67 52.60 9.86 22.46
CA ASN D 67 51.90 10.96 23.12
C ASN D 67 50.37 10.84 23.03
N VAL D 68 49.89 10.37 21.88
CA VAL D 68 48.46 10.13 21.68
C VAL D 68 47.94 9.09 22.68
N ARG D 69 48.70 8.01 22.86
CA ARG D 69 48.34 6.95 23.80
C ARG D 69 48.34 7.42 25.26
N GLN D 70 49.30 8.30 25.60
CA GLN D 70 49.42 8.82 26.95
C GLN D 70 48.32 9.82 27.28
N ALA D 71 48.01 10.69 26.33
CA ALA D 71 46.94 11.68 26.48
C ALA D 71 45.57 11.00 26.58
N ALA D 72 45.39 9.93 25.81
CA ALA D 72 44.15 9.14 25.82
C ALA D 72 43.97 8.40 27.14
N ALA D 73 45.03 7.77 27.63
CA ALA D 73 44.99 7.02 28.89
C ALA D 73 44.71 7.92 30.09
N GLU D 74 45.32 9.09 30.11
CA GLU D 74 45.14 10.07 31.18
C GLU D 74 43.71 10.59 31.23
N LEU D 75 43.04 10.64 30.08
CA LEU D 75 41.65 11.09 29.99
C LEU D 75 40.65 9.92 30.03
N GLY D 76 41.19 8.69 30.05
CA GLY D 76 40.38 7.48 30.16
C GLY D 76 39.54 7.15 28.95
N VAL D 77 40.03 7.55 27.77
CA VAL D 77 39.33 7.33 26.49
C VAL D 77 40.20 6.58 25.48
N ASN D 78 39.58 6.11 24.40
CA ASN D 78 40.30 5.44 23.32
C ASN D 78 40.37 6.32 22.08
N ILE D 79 41.58 6.50 21.55
CA ILE D 79 41.79 7.32 20.36
C ILE D 79 42.45 6.50 19.25
N ALA D 80 41.87 6.58 18.05
CA ALA D 80 42.40 5.90 16.88
C ALA D 80 43.61 6.62 16.31
N ILE D 81 44.64 5.85 15.94
CA ILE D 81 45.83 6.39 15.30
C ILE D 81 45.85 5.96 13.83
N ALA D 82 45.96 6.94 12.94
CA ALA D 82 45.92 6.70 11.51
C ALA D 82 47.24 7.05 10.82
N LEU D 83 47.66 6.18 9.90
CA LEU D 83 48.88 6.40 9.13
C LEU D 83 48.55 6.78 7.68
N ASP D 84 48.75 8.05 7.35
CA ASP D 84 48.52 8.55 6.00
C ASP D 84 49.84 8.49 5.21
N THR D 85 49.87 7.63 4.20
CA THR D 85 51.09 7.36 3.42
C THR D 85 51.47 8.53 2.51
N LYS D 86 52.74 8.59 2.12
CA LYS D 86 53.22 9.59 1.17
C LYS D 86 52.72 9.26 -0.24
N GLY D 87 52.97 8.02 -0.68
CA GLY D 87 52.49 7.56 -1.98
C GLY D 87 53.20 8.16 -3.18
N PRO D 88 52.97 7.59 -4.38
CA PRO D 88 53.56 8.07 -5.63
C PRO D 88 53.03 9.44 -6.04
N VAL D 185 47.45 7.35 -15.70
CA VAL D 185 48.60 7.32 -14.81
C VAL D 185 48.95 5.88 -14.43
N ASP D 186 50.24 5.55 -14.53
CA ASP D 186 50.72 4.17 -14.46
C ASP D 186 51.32 3.77 -13.11
N LEU D 187 51.89 4.73 -12.38
CA LEU D 187 52.67 4.49 -11.15
C LEU D 187 52.13 3.39 -10.21
N PRO D 188 53.03 2.65 -9.54
CA PRO D 188 52.63 1.57 -8.62
C PRO D 188 51.77 2.07 -7.45
N ALA D 189 51.07 1.14 -6.80
CA ALA D 189 50.21 1.46 -5.65
C ALA D 189 51.02 2.05 -4.51
N VAL D 190 51.81 1.19 -3.86
CA VAL D 190 52.72 1.61 -2.81
C VAL D 190 54.12 1.87 -3.39
N SER D 191 54.82 2.85 -2.83
CA SER D 191 56.20 3.12 -3.22
C SER D 191 57.15 2.34 -2.31
N ALA D 192 58.45 2.49 -2.54
CA ALA D 192 59.46 1.86 -1.69
C ALA D 192 59.40 2.43 -0.28
N LYS D 193 59.17 3.74 -0.17
CA LYS D 193 59.01 4.39 1.13
C LYS D 193 57.75 3.91 1.83
N ASP D 194 56.68 3.70 1.07
CA ASP D 194 55.41 3.23 1.60
C ASP D 194 55.54 1.87 2.28
N ARG D 195 56.20 0.93 1.59
CA ARG D 195 56.43 -0.42 2.13
C ARG D 195 57.21 -0.39 3.44
N VAL D 196 58.21 0.49 3.52
CA VAL D 196 58.99 0.70 4.73
C VAL D 196 58.16 1.33 5.85
N ASP D 197 57.32 2.29 5.48
CA ASP D 197 56.46 3.00 6.43
C ASP D 197 55.31 2.13 6.96
N LEU D 198 54.76 1.28 6.10
CA LEU D 198 53.66 0.40 6.49
C LEU D 198 54.10 -0.72 7.43
N GLN D 199 55.32 -1.20 7.26
CA GLN D 199 55.92 -2.18 8.16
C GLN D 199 56.08 -1.60 9.57
N PHE D 200 56.48 -0.33 9.62
CA PHE D 200 56.61 0.42 10.87
C PHE D 200 55.25 0.57 11.56
N GLY D 201 54.21 0.80 10.76
CA GLY D 201 52.84 0.93 11.25
C GLY D 201 52.32 -0.34 11.89
N VAL D 202 52.55 -1.47 11.23
CA VAL D 202 52.17 -2.79 11.76
C VAL D 202 52.86 -3.07 13.09
N GLU D 203 54.16 -2.77 13.14
CA GLU D 203 54.97 -2.96 14.35
C GLU D 203 54.49 -2.12 15.53
N GLN D 204 54.09 -0.88 15.24
CA GLN D 204 53.63 0.04 16.28
C GLN D 204 52.13 -0.06 16.57
N GLY D 205 51.46 -0.98 15.87
CA GLY D 205 50.06 -1.28 16.11
C GLY D 205 49.09 -0.16 15.79
N VAL D 206 49.20 0.39 14.57
CA VAL D 206 48.26 1.43 14.12
C VAL D 206 46.89 0.82 13.82
N ASP D 207 45.86 1.64 13.91
CA ASP D 207 44.48 1.18 13.75
C ASP D 207 44.02 1.16 12.30
N MET D 208 44.50 2.13 11.51
CA MET D 208 44.06 2.30 10.13
C MET D 208 45.11 2.94 9.23
N ILE D 209 45.00 2.68 7.93
CA ILE D 209 45.89 3.24 6.92
C ILE D 209 45.09 4.13 5.96
N PHE D 210 45.56 5.36 5.79
CA PHE D 210 45.01 6.22 4.73
C PHE D 210 45.90 6.06 3.49
N ALA D 211 45.53 5.08 2.66
CA ALA D 211 46.31 4.75 1.46
C ALA D 211 46.13 5.79 0.37
N SER D 212 47.22 6.51 0.07
CA SER D 212 47.19 7.62 -0.88
C SER D 212 47.10 7.18 -2.34
N PHE D 213 46.47 8.03 -3.15
CA PHE D 213 46.46 7.90 -4.62
C PHE D 213 45.98 6.54 -5.15
N ILE D 214 44.92 6.01 -4.55
CA ILE D 214 44.33 4.74 -4.98
C ILE D 214 43.49 4.95 -6.24
N ARG D 215 43.76 4.14 -7.27
CA ARG D 215 43.13 4.28 -8.58
C ARG D 215 42.40 3.02 -9.05
N SER D 216 42.78 1.87 -8.50
CA SER D 216 42.12 0.60 -8.83
C SER D 216 42.04 -0.34 -7.64
N ALA D 217 41.21 -1.37 -7.77
CA ALA D 217 41.02 -2.38 -6.73
C ALA D 217 42.25 -3.27 -6.55
N GLU D 218 43.02 -3.45 -7.62
CA GLU D 218 44.24 -4.25 -7.61
C GLU D 218 45.30 -3.59 -6.73
N GLN D 219 45.23 -2.26 -6.64
CA GLN D 219 46.14 -1.47 -5.82
C GLN D 219 45.82 -1.57 -4.33
N VAL D 220 44.56 -1.90 -4.01
CA VAL D 220 44.14 -2.13 -2.62
C VAL D 220 44.80 -3.39 -2.08
N GLY D 221 44.98 -4.38 -2.95
CA GLY D 221 45.65 -5.64 -2.61
C GLY D 221 47.14 -5.48 -2.38
N ASP D 222 47.74 -4.47 -3.01
CA ASP D 222 49.16 -4.17 -2.83
C ASP D 222 49.43 -3.63 -1.43
N VAL D 223 48.50 -2.82 -0.93
CA VAL D 223 48.57 -2.28 0.43
C VAL D 223 48.36 -3.40 1.44
N ARG D 224 47.53 -4.38 1.08
CA ARG D 224 47.24 -5.54 1.93
C ARG D 224 48.48 -6.39 2.16
N LYS D 225 49.20 -6.71 1.08
CA LYS D 225 50.43 -7.50 1.15
C LYS D 225 51.55 -6.80 1.89
N ALA D 226 51.61 -5.47 1.74
CA ALA D 226 52.63 -4.65 2.39
C ALA D 226 52.48 -4.64 3.91
N LEU D 227 51.23 -4.75 4.37
CA LEU D 227 50.95 -4.84 5.81
C LEU D 227 51.30 -6.24 6.33
N GLY D 228 51.26 -7.23 5.44
CA GLY D 228 51.64 -8.60 5.77
C GLY D 228 50.61 -9.34 6.60
N PRO D 229 50.94 -10.58 7.02
CA PRO D 229 50.03 -11.40 7.82
C PRO D 229 49.82 -10.85 9.24
N LYS D 230 50.77 -10.07 9.74
CA LYS D 230 50.68 -9.49 11.08
C LYS D 230 49.73 -8.29 11.16
N GLY D 231 49.43 -7.69 10.00
CA GLY D 231 48.56 -6.52 9.94
C GLY D 231 47.28 -6.73 9.15
N ARG D 232 46.71 -7.92 9.28
CA ARG D 232 45.48 -8.30 8.58
C ARG D 232 44.23 -7.61 9.15
N ASP D 233 44.32 -7.16 10.41
CA ASP D 233 43.20 -6.52 11.10
C ASP D 233 43.27 -4.99 11.08
N ILE D 234 44.16 -4.44 10.25
CA ILE D 234 44.28 -3.00 10.09
C ILE D 234 43.45 -2.53 8.90
N MET D 235 42.60 -1.53 9.14
CA MET D 235 41.68 -1.03 8.12
C MET D 235 42.39 -0.21 7.06
N ILE D 236 42.11 -0.51 5.79
CA ILE D 236 42.65 0.27 4.67
C ILE D 236 41.60 1.24 4.16
N ILE D 237 41.82 2.52 4.43
CA ILE D 237 40.98 3.59 3.90
C ILE D 237 41.65 4.14 2.64
N CYS D 238 41.00 3.94 1.50
CA CYS D 238 41.55 4.41 0.23
C CYS D 238 41.29 5.91 0.01
N LYS D 239 42.31 6.60 -0.50
CA LYS D 239 42.20 8.02 -0.80
C LYS D 239 41.95 8.23 -2.29
N ILE D 240 40.78 8.78 -2.62
CA ILE D 240 40.43 9.11 -4.00
C ILE D 240 40.97 10.50 -4.32
N GLU D 241 41.88 10.56 -5.29
CA GLU D 241 42.63 11.78 -5.59
C GLU D 241 42.50 12.23 -7.05
N ASN D 242 42.09 11.32 -7.93
CA ASN D 242 41.94 11.62 -9.36
C ASN D 242 40.71 10.98 -10.01
N HIS D 243 40.56 11.18 -11.31
CA HIS D 243 39.42 10.65 -12.07
C HIS D 243 39.38 9.12 -12.09
N GLN D 244 40.55 8.49 -12.10
CA GLN D 244 40.66 7.02 -12.12
C GLN D 244 40.01 6.42 -10.88
N GLY D 245 40.28 7.02 -9.73
CA GLY D 245 39.65 6.62 -8.47
C GLY D 245 38.14 6.72 -8.50
N VAL D 246 37.65 7.81 -9.09
CA VAL D 246 36.21 8.03 -9.26
C VAL D 246 35.62 7.02 -10.25
N GLN D 247 36.36 6.73 -11.30
CA GLN D 247 35.92 5.78 -12.33
C GLN D 247 35.79 4.35 -11.79
N ASN D 248 36.79 3.91 -11.03
CA ASN D 248 36.82 2.54 -10.52
C ASN D 248 36.27 2.40 -9.09
N ILE D 249 35.48 3.38 -8.66
CA ILE D 249 35.03 3.47 -7.26
C ILE D 249 34.31 2.22 -6.71
N ASP D 250 33.49 1.56 -7.54
CA ASP D 250 32.74 0.38 -7.11
C ASP D 250 33.66 -0.76 -6.68
N SER D 251 34.62 -1.09 -7.54
CA SER D 251 35.59 -2.15 -7.24
C SER D 251 36.50 -1.78 -6.08
N ILE D 252 36.84 -0.50 -5.96
CA ILE D 252 37.69 0.00 -4.87
C ILE D 252 36.99 -0.11 -3.52
N ILE D 253 35.74 0.34 -3.46
CA ILE D 253 34.92 0.25 -2.24
C ILE D 253 34.75 -1.21 -1.79
N GLU D 254 34.54 -2.08 -2.76
CA GLU D 254 34.34 -3.52 -2.52
C GLU D 254 35.54 -4.17 -1.85
N GLU D 255 36.74 -3.70 -2.21
CA GLU D 255 37.99 -4.24 -1.68
C GLU D 255 38.51 -3.51 -0.44
N SER D 256 38.26 -2.21 -0.36
CA SER D 256 38.75 -1.40 0.74
C SER D 256 37.91 -1.57 2.01
N ASP D 257 38.38 -0.99 3.11
CA ASP D 257 37.64 -0.95 4.36
C ASP D 257 36.92 0.39 4.53
N GLY D 258 37.15 1.30 3.58
CA GLY D 258 36.57 2.63 3.61
C GLY D 258 37.16 3.55 2.56
N ILE D 259 36.67 4.78 2.50
CA ILE D 259 37.07 5.76 1.49
C ILE D 259 37.30 7.13 2.11
N MET D 260 38.26 7.87 1.57
CA MET D 260 38.46 9.28 1.90
C MET D 260 38.29 10.13 0.64
N VAL D 261 37.46 11.15 0.72
CA VAL D 261 37.24 12.06 -0.40
C VAL D 261 38.16 13.28 -0.27
N ALA D 262 39.22 13.30 -1.06
CA ALA D 262 40.21 14.38 -1.04
C ALA D 262 39.86 15.43 -2.09
N ARG D 263 39.06 16.42 -1.68
CA ARG D 263 38.55 17.46 -2.59
C ARG D 263 39.67 18.25 -3.26
N GLY D 264 40.68 18.64 -2.49
CA GLY D 264 41.82 19.40 -2.98
C GLY D 264 42.54 18.70 -4.12
N ASP D 265 42.90 17.44 -3.90
CA ASP D 265 43.59 16.63 -4.91
C ASP D 265 42.72 16.42 -6.14
N LEU D 266 41.45 16.06 -5.93
CA LEU D 266 40.49 15.86 -7.02
C LEU D 266 40.30 17.13 -7.85
N GLY D 267 40.30 18.28 -7.18
CA GLY D 267 40.05 19.57 -7.80
C GLY D 267 41.13 20.09 -8.73
N VAL D 268 42.29 19.45 -8.72
CA VAL D 268 43.41 19.82 -9.59
C VAL D 268 43.09 19.51 -11.07
N GLU D 269 42.49 18.35 -11.31
CA GLU D 269 42.21 17.87 -12.66
C GLU D 269 40.71 17.92 -13.02
N ILE D 270 39.87 18.05 -12.00
CA ILE D 270 38.41 18.05 -12.19
C ILE D 270 37.83 19.39 -11.72
N PRO D 271 36.98 20.02 -12.57
CA PRO D 271 36.31 21.28 -12.22
C PRO D 271 35.61 21.19 -10.87
N ALA D 272 35.71 22.26 -10.08
CA ALA D 272 35.19 22.31 -8.70
C ALA D 272 33.73 21.86 -8.58
N GLU D 273 32.91 22.19 -9.56
CA GLU D 273 31.48 21.86 -9.54
C GLU D 273 31.22 20.36 -9.73
N LYS D 274 32.11 19.68 -10.45
CA LYS D 274 32.00 18.25 -10.64
C LYS D 274 32.57 17.48 -9.44
N VAL D 275 33.46 18.14 -8.68
CA VAL D 275 34.01 17.57 -7.45
C VAL D 275 32.93 17.49 -6.37
N VAL D 276 32.08 18.52 -6.30
CA VAL D 276 30.95 18.55 -5.36
C VAL D 276 30.02 17.38 -5.60
N VAL D 277 29.71 17.12 -6.87
CA VAL D 277 28.89 15.98 -7.29
C VAL D 277 29.59 14.65 -6.99
N ALA D 278 30.90 14.61 -7.28
CA ALA D 278 31.72 13.43 -6.99
C ALA D 278 31.66 13.08 -5.51
N GLN D 279 31.73 14.10 -4.66
CA GLN D 279 31.60 13.92 -3.21
C GLN D 279 30.27 13.25 -2.85
N LYS D 280 29.17 13.75 -3.44
CA LYS D 280 27.85 13.16 -3.24
C LYS D 280 27.83 11.68 -3.64
N ILE D 281 28.45 11.37 -4.77
CA ILE D 281 28.50 10.01 -5.31
C ILE D 281 29.29 9.07 -4.38
N LEU D 282 30.49 9.47 -3.99
CA LEU D 282 31.36 8.59 -3.18
C LEU D 282 30.81 8.36 -1.77
N ILE D 283 30.23 9.41 -1.18
CA ILE D 283 29.64 9.29 0.16
C ILE D 283 28.43 8.34 0.15
N SER D 284 27.55 8.52 -0.84
CA SER D 284 26.33 7.71 -0.93
C SER D 284 26.64 6.23 -1.18
N LYS D 285 27.64 5.96 -2.00
CA LYS D 285 28.07 4.59 -2.29
C LYS D 285 28.67 3.89 -1.06
N CYS D 286 29.35 4.67 -0.21
CA CYS D 286 29.91 4.15 1.03
C CYS D 286 28.84 3.92 2.08
N ASN D 287 27.77 4.71 2.02
CA ASN D 287 26.61 4.52 2.89
C ASN D 287 25.90 3.20 2.56
N VAL D 288 25.67 2.95 1.28
CA VAL D 288 25.05 1.69 0.81
C VAL D 288 25.96 0.49 1.10
N ALA D 289 27.27 0.68 0.99
CA ALA D 289 28.24 -0.37 1.29
C ALA D 289 28.35 -0.66 2.78
N GLY D 290 28.09 0.36 3.60
CA GLY D 290 28.24 0.24 5.05
C GLY D 290 29.68 0.38 5.49
N LYS D 291 30.43 1.20 4.77
CA LYS D 291 31.84 1.44 5.06
C LYS D 291 32.08 2.93 5.27
N PRO D 292 32.95 3.29 6.24
CA PRO D 292 33.19 4.69 6.62
C PRO D 292 33.68 5.56 5.46
N VAL D 293 33.21 6.79 5.40
CA VAL D 293 33.66 7.75 4.39
C VAL D 293 34.09 9.06 5.05
N ILE D 294 35.29 9.52 4.69
CA ILE D 294 35.88 10.73 5.28
C ILE D 294 35.87 11.88 4.27
N CYS D 295 35.36 13.02 4.70
CA CYS D 295 35.41 14.23 3.91
C CYS D 295 36.64 15.03 4.35
N ALA D 296 37.62 15.12 3.47
CA ALA D 296 38.94 15.66 3.82
C ALA D 296 39.43 16.77 2.89
N THR D 297 40.41 17.53 3.38
CA THR D 297 41.02 18.69 2.69
C THR D 297 40.04 19.85 2.50
N GLN D 298 40.56 21.07 2.65
CA GLN D 298 39.80 22.30 2.41
C GLN D 298 38.48 22.38 3.19
N MET D 299 38.53 22.03 4.47
CA MET D 299 37.35 22.02 5.32
C MET D 299 37.14 23.37 6.01
N LEU D 300 38.09 23.76 6.84
CA LEU D 300 38.09 25.06 7.50
C LEU D 300 39.47 25.71 7.40
N GLU D 301 39.99 25.76 6.18
CA GLU D 301 41.38 26.13 5.93
C GLU D 301 41.75 27.53 6.42
N SER D 302 40.86 28.50 6.21
CA SER D 302 41.16 29.89 6.57
C SER D 302 41.24 30.12 8.08
N MET D 303 40.86 29.11 8.87
CA MET D 303 40.96 29.17 10.32
C MET D 303 42.32 28.64 10.82
N THR D 304 43.25 28.46 9.89
CA THR D 304 44.64 28.12 10.23
C THR D 304 45.33 29.30 10.91
N TYR D 305 45.10 30.51 10.37
CA TYR D 305 45.69 31.72 10.93
C TYR D 305 44.67 32.76 11.41
N ASN D 306 43.41 32.58 11.01
CA ASN D 306 42.32 33.47 11.45
C ASN D 306 41.52 32.87 12.61
N PRO D 307 40.97 33.72 13.49
CA PRO D 307 40.20 33.24 14.65
C PRO D 307 38.86 32.61 14.29
N ARG D 308 38.37 32.89 13.09
CA ARG D 308 37.12 32.32 12.58
C ARG D 308 37.14 32.16 11.06
N PRO D 309 36.42 31.14 10.54
CA PRO D 309 36.43 30.87 9.10
C PRO D 309 35.38 31.68 8.34
N THR D 310 35.40 31.59 7.01
CA THR D 310 34.37 32.22 6.19
C THR D 310 33.06 31.43 6.28
N ARG D 311 31.95 32.10 5.99
CA ARG D 311 30.63 31.47 6.06
C ARG D 311 30.51 30.31 5.07
N ALA D 312 31.13 30.49 3.90
CA ALA D 312 31.14 29.46 2.86
C ALA D 312 31.77 28.16 3.36
N GLU D 313 32.85 28.29 4.13
CA GLU D 313 33.57 27.16 4.72
C GLU D 313 32.73 26.43 5.77
N VAL D 314 31.90 27.18 6.49
CA VAL D 314 31.03 26.60 7.51
C VAL D 314 29.96 25.73 6.87
N SER D 315 29.37 26.21 5.77
CA SER D 315 28.33 25.46 5.06
C SER D 315 28.88 24.20 4.40
N ASP D 316 30.16 24.23 4.04
CA ASP D 316 30.85 23.08 3.46
C ASP D 316 30.97 21.92 4.44
N VAL D 317 31.25 22.24 5.70
CA VAL D 317 31.32 21.25 6.77
C VAL D 317 29.94 20.67 7.05
N ALA D 318 28.93 21.54 7.10
CA ALA D 318 27.55 21.14 7.37
C ALA D 318 26.98 20.25 6.27
N ASN D 319 27.21 20.63 5.02
CA ASN D 319 26.71 19.88 3.87
C ASN D 319 27.40 18.52 3.69
N ALA D 320 28.62 18.39 4.22
CA ALA D 320 29.29 17.10 4.26
C ALA D 320 28.54 16.13 5.18
N VAL D 321 28.06 16.65 6.31
CA VAL D 321 27.25 15.87 7.24
C VAL D 321 25.88 15.55 6.60
N PHE D 322 25.31 16.55 5.92
CA PHE D 322 24.05 16.36 5.18
C PHE D 322 24.17 15.35 4.04
N ASN D 323 25.34 15.27 3.43
CA ASN D 323 25.64 14.24 2.44
C ASN D 323 25.63 12.83 3.03
N GLY D 324 25.93 12.75 4.32
CA GLY D 324 25.93 11.49 5.06
C GLY D 324 27.32 10.93 5.31
N ALA D 325 28.30 11.81 5.42
CA ALA D 325 29.68 11.40 5.70
C ALA D 325 29.84 10.97 7.15
N ASP D 326 30.69 9.96 7.37
CA ASP D 326 30.98 9.51 8.72
C ASP D 326 31.92 10.51 9.40
N CYS D 327 32.92 10.97 8.64
CA CYS D 327 34.00 11.78 9.21
C CYS D 327 34.30 13.07 8.48
N VAL D 328 34.62 14.08 9.27
CA VAL D 328 35.17 15.34 8.77
C VAL D 328 36.62 15.46 9.25
N MET D 329 37.51 15.89 8.37
CA MET D 329 38.95 15.86 8.66
C MET D 329 39.62 17.22 8.59
N LEU D 330 40.52 17.47 9.53
CA LEU D 330 41.30 18.70 9.56
C LEU D 330 42.77 18.43 9.28
N SER D 331 43.34 19.14 8.31
CA SER D 331 44.74 18.97 7.92
C SER D 331 45.65 19.97 8.65
N GLY D 332 46.07 21.02 7.95
CA GLY D 332 46.97 22.02 8.51
C GLY D 332 46.39 22.89 9.61
N GLU D 333 45.06 22.83 9.76
CA GLU D 333 44.35 23.58 10.79
C GLU D 333 44.80 23.19 12.19
N THR D 334 45.10 21.90 12.37
CA THR D 334 45.58 21.36 13.63
C THR D 334 47.07 21.06 13.60
N ALA D 335 47.63 20.89 12.40
CA ALA D 335 49.05 20.55 12.23
C ALA D 335 49.96 21.76 12.43
N LYS D 336 49.71 22.84 11.69
CA LYS D 336 50.53 24.06 11.74
C LYS D 336 49.72 25.28 12.19
N GLY D 337 48.43 25.08 12.43
CA GLY D 337 47.49 26.17 12.73
C GLY D 337 47.69 26.88 14.05
N LYS D 338 47.19 28.12 14.11
CA LYS D 338 47.33 28.97 15.30
C LYS D 338 46.23 28.70 16.34
N TYR D 339 45.06 28.26 15.88
CA TYR D 339 43.93 27.98 16.77
C TYR D 339 43.48 26.52 16.67
N PRO D 340 44.24 25.60 17.31
CA PRO D 340 43.95 24.17 17.15
C PRO D 340 42.72 23.71 17.94
N ASN D 341 42.63 24.09 19.22
CA ASN D 341 41.49 23.73 20.05
C ASN D 341 40.20 24.39 19.59
N GLU D 342 40.32 25.62 19.10
CA GLU D 342 39.17 26.41 18.66
C GLU D 342 38.54 25.88 17.39
N VAL D 343 39.38 25.42 16.46
CA VAL D 343 38.89 24.89 15.17
C VAL D 343 38.18 23.54 15.33
N VAL D 344 38.62 22.73 16.28
CA VAL D 344 38.00 21.43 16.55
C VAL D 344 36.68 21.62 17.30
N GLN D 345 36.65 22.57 18.23
CA GLN D 345 35.44 22.93 18.96
C GLN D 345 34.36 23.48 18.03
N TYR D 346 34.78 24.30 17.07
CA TYR D 346 33.88 24.94 16.12
C TYR D 346 33.31 23.95 15.11
N MET D 347 34.14 23.04 14.61
CA MET D 347 33.70 21.99 13.69
C MET D 347 32.72 21.03 14.38
N ALA D 348 32.97 20.73 15.64
CA ALA D 348 32.06 19.92 16.46
C ALA D 348 30.70 20.59 16.61
N ARG D 349 30.69 21.92 16.70
CA ARG D 349 29.44 22.67 16.80
C ARG D 349 28.67 22.68 15.48
N ILE D 350 29.40 22.78 14.37
CA ILE D 350 28.79 22.73 13.03
C ILE D 350 28.16 21.36 12.75
N CYS D 351 28.85 20.30 13.17
CA CYS D 351 28.34 18.94 13.02
C CYS D 351 27.10 18.70 13.87
N LEU D 352 27.14 19.16 15.12
CA LEU D 352 26.03 19.04 16.07
C LEU D 352 24.79 19.79 15.57
N GLU D 353 25.02 20.95 14.97
CA GLU D 353 23.94 21.79 14.44
C GLU D 353 23.31 21.17 13.20
N ALA D 354 24.15 20.67 12.30
CA ALA D 354 23.70 20.02 11.08
C ALA D 354 22.90 18.75 11.38
N GLN D 355 23.35 17.98 12.36
CA GLN D 355 22.68 16.76 12.75
C GLN D 355 21.25 17.01 13.23
N SER D 356 21.07 18.08 14.00
CA SER D 356 19.74 18.49 14.48
C SER D 356 18.79 18.76 13.32
N ALA D 357 19.34 19.31 12.23
CA ALA D 357 18.59 19.58 11.02
C ALA D 357 18.41 18.33 10.15
N LEU D 358 19.29 17.36 10.34
CA LEU D 358 19.31 16.16 9.51
C LEU D 358 18.22 15.17 9.88
N ASN D 359 17.49 14.69 8.86
CA ASN D 359 16.48 13.65 9.03
C ASN D 359 17.10 12.27 8.80
N GLU D 360 17.34 11.56 9.89
CA GLU D 360 17.94 10.21 9.84
C GLU D 360 17.02 9.19 9.15
N TYR D 361 15.72 9.37 9.31
CA TYR D 361 14.74 8.43 8.75
C TYR D 361 14.80 8.35 7.22
N VAL D 362 15.11 9.48 6.58
CA VAL D 362 15.34 9.52 5.14
C VAL D 362 16.46 8.55 4.74
N PHE D 363 17.55 8.57 5.52
CA PHE D 363 18.67 7.65 5.32
C PHE D 363 18.27 6.20 5.54
N PHE D 364 17.60 5.93 6.66
CA PHE D 364 17.16 4.58 6.99
C PHE D 364 16.29 3.98 5.89
N ASN D 365 15.32 4.76 5.41
CA ASN D 365 14.38 4.29 4.41
C ASN D 365 15.01 4.12 3.03
N SER D 366 15.94 5.02 2.69
CA SER D 366 16.66 4.95 1.42
C SER D 366 17.51 3.69 1.30
N ILE D 367 18.19 3.33 2.38
CA ILE D 367 19.08 2.17 2.40
C ILE D 367 18.29 0.86 2.47
N LYS D 368 17.20 0.85 3.24
CA LYS D 368 16.33 -0.32 3.34
C LYS D 368 15.65 -0.66 2.01
N LYS D 369 15.23 0.37 1.27
CA LYS D 369 14.61 0.21 -0.05
C LYS D 369 15.55 -0.41 -1.10
N LEU D 370 16.86 -0.27 -0.89
CA LEU D 370 17.84 -0.79 -1.82
C LEU D 370 18.24 -2.24 -1.52
N GLN D 371 17.61 -2.83 -0.51
CA GLN D 371 17.93 -4.20 -0.10
C GLN D 371 17.21 -5.23 -0.95
N HIS D 372 17.98 -6.16 -1.51
CA HIS D 372 17.45 -7.24 -2.34
CA HIS D 372 17.44 -7.23 -2.34
C HIS D 372 16.81 -8.33 -1.48
N ILE D 373 15.52 -8.55 -1.69
CA ILE D 373 14.75 -9.57 -0.97
C ILE D 373 14.76 -10.90 -1.75
N PRO D 374 14.99 -12.05 -1.06
CA PRO D 374 15.20 -12.24 0.38
C PRO D 374 16.50 -11.64 0.92
N MET D 375 16.42 -11.04 2.10
CA MET D 375 17.59 -10.55 2.82
C MET D 375 18.24 -11.72 3.55
N SER D 376 19.54 -11.60 3.84
CA SER D 376 20.20 -12.57 4.70
C SER D 376 20.02 -12.17 6.16
N ALA D 377 20.26 -13.12 7.06
CA ALA D 377 20.03 -12.93 8.50
C ALA D 377 20.65 -11.66 9.07
N ASP D 378 21.93 -11.43 8.76
CA ASP D 378 22.66 -10.26 9.27
C ASP D 378 22.00 -8.94 8.88
N GLU D 379 21.65 -8.83 7.60
CA GLU D 379 21.04 -7.63 7.04
C GLU D 379 19.66 -7.38 7.63
N ALA D 380 18.88 -8.46 7.75
CA ALA D 380 17.51 -8.41 8.26
C ALA D 380 17.44 -8.10 9.75
N VAL D 381 18.41 -8.60 10.52
CA VAL D 381 18.47 -8.36 11.97
C VAL D 381 18.73 -6.88 12.29
N CYS D 382 19.73 -6.29 11.62
CA CYS D 382 20.13 -4.91 11.88
C CYS D 382 19.11 -3.88 11.42
N SER D 383 18.59 -4.05 10.21
CA SER D 383 17.57 -3.16 9.65
C SER D 383 16.28 -3.21 10.47
N SER D 384 15.94 -4.40 10.94
CA SER D 384 14.75 -4.62 11.76
C SER D 384 14.90 -4.01 13.15
N ALA D 385 16.13 -3.99 13.65
CA ALA D 385 16.44 -3.41 14.95
C ALA D 385 16.35 -1.88 14.90
N VAL D 386 16.91 -1.29 13.85
CA VAL D 386 16.83 0.14 13.62
C VAL D 386 15.37 0.56 13.38
N ASN D 387 14.64 -0.26 12.63
CA ASN D 387 13.20 -0.02 12.42
C ASN D 387 12.41 0.00 13.72
N SER D 388 12.75 -0.93 14.61
CA SER D 388 12.12 -1.00 15.93
C SER D 388 12.41 0.21 16.81
N VAL D 389 13.56 0.85 16.57
CA VAL D 389 13.91 2.10 17.26
C VAL D 389 12.92 3.21 16.91
N TYR D 390 12.64 3.36 15.62
CA TYR D 390 11.70 4.38 15.13
C TYR D 390 10.27 4.07 15.54
N GLU D 391 9.92 2.79 15.58
CA GLU D 391 8.54 2.38 15.85
C GLU D 391 8.16 2.40 17.33
N THR D 392 9.15 2.42 18.21
CA THR D 392 8.92 2.52 19.66
C THR D 392 9.46 3.82 20.25
N LYS D 393 10.10 4.63 19.40
CA LYS D 393 10.81 5.84 19.85
C LYS D 393 11.82 5.50 20.95
N ALA D 394 12.67 4.51 20.68
CA ALA D 394 13.75 4.12 21.58
C ALA D 394 14.82 5.21 21.64
N LYS D 395 15.40 5.41 22.81
CA LYS D 395 16.33 6.53 23.02
C LYS D 395 17.81 6.13 22.89
N ALA D 396 18.06 4.83 22.79
CA ALA D 396 19.42 4.31 22.58
C ALA D 396 19.40 2.88 22.00
N MET D 397 20.51 2.49 21.38
CA MET D 397 20.75 1.11 20.98
C MET D 397 21.96 0.56 21.71
N VAL D 398 21.95 -0.75 21.97
CA VAL D 398 23.09 -1.45 22.56
C VAL D 398 23.47 -2.60 21.64
N VAL D 399 24.67 -2.53 21.07
CA VAL D 399 25.16 -3.56 20.16
C VAL D 399 26.35 -4.30 20.75
N LEU D 400 26.24 -5.63 20.81
CA LEU D 400 27.34 -6.49 21.22
C LEU D 400 28.09 -7.00 19.99
N SER D 401 29.27 -6.44 19.75
CA SER D 401 30.08 -6.76 18.58
C SER D 401 31.56 -6.78 18.94
N ASN D 402 32.23 -7.89 18.64
CA ASN D 402 33.65 -8.05 18.99
C ASN D 402 34.59 -7.42 17.96
N THR D 403 34.34 -7.68 16.68
CA THR D 403 35.17 -7.14 15.60
C THR D 403 34.75 -5.72 15.20
N GLY D 404 33.50 -5.37 15.51
CA GLY D 404 32.93 -4.08 15.11
C GLY D 404 32.16 -4.17 13.81
N ARG D 405 31.92 -5.41 13.35
CA ARG D 405 31.23 -5.65 12.09
C ARG D 405 29.76 -5.25 12.16
N SER D 406 29.01 -5.88 13.07
CA SER D 406 27.58 -5.62 13.22
C SER D 406 27.30 -4.24 13.82
N ALA D 407 28.28 -3.69 14.53
CA ALA D 407 28.20 -2.31 15.03
C ALA D 407 28.16 -1.33 13.85
N ARG D 408 28.96 -1.63 12.82
CA ARG D 408 28.96 -0.84 11.59
C ARG D 408 27.70 -1.06 10.76
N LEU D 409 27.20 -2.30 10.77
CA LEU D 409 26.01 -2.67 9.99
C LEU D 409 24.74 -2.03 10.55
N VAL D 410 24.68 -1.89 11.87
CA VAL D 410 23.58 -1.19 12.53
C VAL D 410 23.65 0.30 12.22
N ALA D 411 24.85 0.87 12.36
CA ALA D 411 25.11 2.28 12.12
C ALA D 411 24.78 2.70 10.69
N LYS D 412 24.92 1.76 9.77
CA LYS D 412 24.56 1.96 8.36
C LYS D 412 23.11 2.41 8.21
N TYR D 413 22.21 1.71 8.91
CA TYR D 413 20.77 1.95 8.78
C TYR D 413 20.26 3.20 9.52
N ARG D 414 21.17 3.90 10.21
CA ARG D 414 20.92 5.25 10.73
C ARG D 414 19.69 5.40 11.64
N PRO D 415 19.80 4.95 12.89
CA PRO D 415 18.73 5.22 13.86
C PRO D 415 18.78 6.66 14.34
N ASN D 416 17.64 7.18 14.82
CA ASN D 416 17.59 8.56 15.33
C ASN D 416 17.98 8.66 16.82
N CYS D 417 18.80 7.72 17.26
CA CYS D 417 19.31 7.67 18.63
C CYS D 417 20.77 7.23 18.62
N PRO D 418 21.51 7.47 19.72
CA PRO D 418 22.88 6.99 19.81
C PRO D 418 23.00 5.48 19.84
N ILE D 419 24.10 4.97 19.28
CA ILE D 419 24.42 3.54 19.31
C ILE D 419 25.59 3.33 20.26
N VAL D 420 25.44 2.36 21.16
CA VAL D 420 26.49 2.03 22.12
C VAL D 420 26.98 0.61 21.84
N CYS D 421 28.21 0.49 21.37
CA CYS D 421 28.80 -0.80 21.08
C CYS D 421 29.64 -1.30 22.26
N VAL D 422 29.29 -2.48 22.76
CA VAL D 422 30.07 -3.13 23.80
C VAL D 422 30.94 -4.22 23.17
N THR D 423 32.26 -4.04 23.28
CA THR D 423 33.23 -4.94 22.67
C THR D 423 34.29 -5.39 23.67
N THR D 424 34.87 -6.57 23.41
CA THR D 424 35.87 -7.16 24.29
C THR D 424 37.30 -6.77 23.90
N ARG D 425 37.43 -6.05 22.79
CA ARG D 425 38.74 -5.70 22.23
C ARG D 425 38.90 -4.20 22.04
N LEU D 426 40.02 -3.67 22.54
CA LEU D 426 40.31 -2.24 22.48
C LEU D 426 40.51 -1.70 21.07
N GLN D 427 41.00 -2.55 20.17
CA GLN D 427 41.23 -2.13 18.78
C GLN D 427 39.92 -1.82 18.06
N THR D 428 38.87 -2.56 18.42
CA THR D 428 37.52 -2.30 17.92
C THR D 428 37.02 -0.94 18.39
N CYS D 429 37.29 -0.61 19.65
CA CYS D 429 36.95 0.70 20.21
C CYS D 429 37.55 1.82 19.37
N ARG D 430 38.84 1.69 19.06
CA ARG D 430 39.57 2.69 18.29
C ARG D 430 39.13 2.72 16.83
N GLN D 431 38.93 1.54 16.24
CA GLN D 431 38.56 1.45 14.83
C GLN D 431 37.15 1.97 14.53
N LEU D 432 36.25 1.86 15.49
CA LEU D 432 34.88 2.36 15.32
C LEU D 432 34.79 3.89 15.43
N ASN D 433 35.92 4.53 15.71
CA ASN D 433 35.99 6.00 15.79
C ASN D 433 35.82 6.70 14.45
N ILE D 434 35.82 5.94 13.36
CA ILE D 434 35.52 6.48 12.03
C ILE D 434 34.11 6.13 11.56
N THR D 435 33.30 5.58 12.46
CA THR D 435 31.91 5.24 12.20
C THR D 435 30.99 6.20 12.95
N GLN D 436 30.05 6.82 12.23
CA GLN D 436 29.16 7.82 12.81
C GLN D 436 28.10 7.23 13.75
N GLY D 437 27.78 7.98 14.80
CA GLY D 437 26.69 7.63 15.72
C GLY D 437 26.95 6.45 16.63
N VAL D 438 28.21 6.02 16.73
CA VAL D 438 28.59 4.89 17.58
C VAL D 438 29.54 5.35 18.69
N GLU D 439 29.32 4.82 19.89
CA GLU D 439 30.26 4.99 20.99
C GLU D 439 30.63 3.62 21.56
N SER D 440 31.91 3.43 21.88
CA SER D 440 32.42 2.12 22.27
C SER D 440 32.64 1.98 23.77
N VAL D 441 32.27 0.81 24.30
CA VAL D 441 32.49 0.47 25.70
C VAL D 441 33.31 -0.82 25.78
N PHE D 442 34.51 -0.71 26.35
CA PHE D 442 35.41 -1.86 26.47
C PHE D 442 35.00 -2.77 27.62
N PHE D 443 34.89 -4.06 27.33
CA PHE D 443 34.54 -5.07 28.32
C PHE D 443 35.70 -6.04 28.50
N ASP D 444 36.40 -5.91 29.63
CA ASP D 444 37.60 -6.70 29.91
C ASP D 444 37.25 -8.15 30.23
N ALA D 445 37.42 -9.02 29.22
CA ALA D 445 37.08 -10.44 29.33
C ALA D 445 38.03 -11.21 30.26
N ASP D 446 39.29 -10.78 30.29
CA ASP D 446 40.30 -11.40 31.16
C ASP D 446 40.14 -10.99 32.61
N LYS D 447 39.42 -9.89 32.85
CA LYS D 447 39.26 -9.33 34.18
C LYS D 447 37.86 -9.54 34.75
N LEU D 448 36.89 -9.83 33.86
CA LEU D 448 35.49 -9.95 34.27
C LEU D 448 34.78 -11.20 33.72
N GLY D 449 35.54 -12.13 33.16
CA GLY D 449 34.98 -13.37 32.62
C GLY D 449 34.50 -13.23 31.18
N HIS D 450 34.17 -14.37 30.57
CA HIS D 450 33.81 -14.40 29.14
C HIS D 450 32.36 -14.03 28.84
N ASP D 451 31.50 -14.06 29.86
CA ASP D 451 30.09 -13.63 29.76
C ASP D 451 29.36 -14.22 28.55
N GLU D 452 29.28 -15.55 28.50
CA GLU D 452 28.58 -16.25 27.41
C GLU D 452 27.06 -16.14 27.55
N GLY D 453 26.60 -15.72 28.73
CA GLY D 453 25.19 -15.39 28.97
C GLY D 453 24.85 -14.02 28.42
N LYS D 454 25.88 -13.20 28.23
CA LYS D 454 25.78 -11.87 27.60
C LYS D 454 25.10 -10.79 28.45
N GLU D 455 24.70 -11.14 29.68
CA GLU D 455 23.99 -10.20 30.55
C GLU D 455 24.86 -9.03 31.00
N HIS D 456 26.12 -9.31 31.34
CA HIS D 456 27.04 -8.31 31.86
C HIS D 456 27.44 -7.26 30.82
N ARG D 457 27.61 -7.70 29.57
CA ARG D 457 27.92 -6.80 28.47
C ARG D 457 26.74 -5.90 28.10
N VAL D 458 25.54 -6.48 28.13
CA VAL D 458 24.31 -5.73 27.88
C VAL D 458 24.06 -4.73 29.01
N ALA D 459 24.27 -5.16 30.25
CA ALA D 459 24.10 -4.29 31.42
C ALA D 459 25.07 -3.10 31.40
N ALA D 460 26.31 -3.36 31.00
CA ALA D 460 27.33 -2.31 30.86
C ALA D 460 26.96 -1.31 29.75
N GLY D 461 26.38 -1.83 28.67
CA GLY D 461 25.89 -1.00 27.57
C GLY D 461 24.79 -0.05 28.00
N VAL D 462 23.78 -0.61 28.68
CA VAL D 462 22.67 0.17 29.23
C VAL D 462 23.18 1.17 30.27
N GLU D 463 24.15 0.74 31.08
CA GLU D 463 24.78 1.58 32.10
C GLU D 463 25.44 2.82 31.49
N PHE D 464 26.20 2.63 30.41
CA PHE D 464 26.85 3.73 29.70
C PHE D 464 25.82 4.72 29.15
N ALA D 465 24.69 4.20 28.69
CA ALA D 465 23.62 5.00 28.12
C ALA D 465 22.90 5.83 29.19
N LYS D 466 22.86 5.31 30.41
CA LYS D 466 22.28 6.05 31.55
C LYS D 466 23.22 7.15 32.04
N SER D 467 24.51 6.84 32.14
CA SER D 467 25.53 7.79 32.59
C SER D 467 25.71 8.96 31.62
N LYS D 468 25.55 8.68 30.33
CA LYS D 468 25.59 9.70 29.29
C LYS D 468 24.25 10.42 29.15
N GLY D 469 23.22 9.89 29.81
CA GLY D 469 21.91 10.52 29.87
C GLY D 469 21.04 10.34 28.64
N TYR D 470 21.28 9.27 27.90
CA TYR D 470 20.48 8.95 26.71
C TYR D 470 19.16 8.32 27.10
N VAL D 471 19.20 7.37 28.03
CA VAL D 471 18.01 6.70 28.53
C VAL D 471 17.87 6.87 30.05
N GLN D 472 16.64 6.81 30.51
CA GLN D 472 16.33 6.73 31.94
C GLN D 472 15.22 5.71 32.18
N THR D 473 14.82 5.54 33.44
CA THR D 473 13.76 4.60 33.79
C THR D 473 12.48 4.93 33.02
N GLY D 474 12.00 3.95 32.26
CA GLY D 474 10.79 4.12 31.44
C GLY D 474 11.01 4.18 29.95
N ASP D 475 12.24 4.53 29.54
CA ASP D 475 12.62 4.58 28.13
C ASP D 475 12.82 3.18 27.55
N TYR D 476 12.72 3.08 26.22
CA TYR D 476 13.04 1.83 25.51
C TYR D 476 14.47 1.82 24.98
N CYS D 477 15.10 0.65 25.01
CA CYS D 477 16.44 0.46 24.49
C CYS D 477 16.52 -0.82 23.66
N VAL D 478 17.00 -0.70 22.43
CA VAL D 478 17.09 -1.84 21.51
C VAL D 478 18.45 -2.52 21.59
N VAL D 479 18.44 -3.75 22.12
CA VAL D 479 19.65 -4.55 22.29
C VAL D 479 19.79 -5.54 21.14
N ILE D 480 21.00 -5.64 20.59
CA ILE D 480 21.27 -6.53 19.46
C ILE D 480 22.66 -7.18 19.53
N HIS D 481 22.68 -8.50 19.39
CA HIS D 481 23.91 -9.28 19.23
C HIS D 481 23.84 -10.06 17.93
N ALA D 482 24.93 -10.02 17.15
CA ALA D 482 24.99 -10.74 15.86
C ALA D 482 26.43 -11.08 15.46
N ASP D 483 26.82 -12.34 15.70
CA ASP D 483 28.17 -12.82 15.42
C ASP D 483 28.22 -13.57 14.09
N GLY D 488 27.14 -20.60 12.06
CA GLY D 488 26.07 -20.29 11.12
C GLY D 488 25.36 -18.98 11.41
N TYR D 489 26.10 -18.02 11.94
CA TYR D 489 25.62 -16.67 12.28
C TYR D 489 24.53 -16.64 13.38
N ALA D 490 24.97 -16.53 14.62
CA ALA D 490 24.06 -16.45 15.76
C ALA D 490 23.65 -15.00 16.04
N ASN D 491 22.34 -14.77 16.15
CA ASN D 491 21.81 -13.42 16.36
C ASN D 491 20.73 -13.35 17.43
N GLN D 492 20.49 -12.14 17.93
CA GLN D 492 19.54 -11.89 19.02
C GLN D 492 19.12 -10.42 19.02
N THR D 493 17.83 -10.17 19.29
CA THR D 493 17.33 -8.80 19.40
C THR D 493 16.36 -8.68 20.57
N ARG D 494 16.60 -7.66 21.41
CA ARG D 494 15.73 -7.37 22.56
C ARG D 494 15.26 -5.93 22.54
N ILE D 495 13.98 -5.73 22.79
CA ILE D 495 13.46 -4.40 23.10
C ILE D 495 13.30 -4.33 24.62
N LEU D 496 14.25 -3.64 25.26
CA LEU D 496 14.36 -3.63 26.71
C LEU D 496 13.75 -2.38 27.32
N LEU D 497 13.09 -2.56 28.47
CA LEU D 497 12.57 -1.44 29.25
C LEU D 497 13.56 -1.14 30.37
N VAL D 498 14.06 0.11 30.38
CA VAL D 498 15.12 0.54 31.30
C VAL D 498 14.59 0.70 32.73
N GLU D 499 15.32 0.13 33.69
CA GLU D 499 14.98 0.22 35.10
C GLU D 499 15.67 1.40 35.80
S SO4 E . -19.89 -30.76 -23.43
O1 SO4 E . -18.96 -31.53 -22.59
O2 SO4 E . -19.16 -30.24 -24.59
O3 SO4 E . -20.97 -31.61 -23.87
O4 SO4 E . -20.42 -29.64 -22.66
S SO4 F . -13.59 5.99 -27.63
O1 SO4 F . -12.23 5.78 -28.12
O2 SO4 F . -14.55 5.43 -28.57
O3 SO4 F . -13.73 5.33 -26.33
O4 SO4 F . -13.84 7.42 -27.47
K K G . -26.19 -22.63 -23.23
K K H . -23.43 -26.13 -21.94
OAA QV7 I . -36.53 -25.16 -19.51
OAB QV7 I . -34.54 -26.54 -19.17
OAC QV7 I . -39.74 -24.50 -30.83
OAD QV7 I . -41.69 -23.08 -31.29
OAE QV7 I . -40.57 -27.41 -27.52
OAF QV7 I . -40.06 -29.80 -27.45
OAG QV7 I . -44.09 -19.72 -24.33
OAH QV7 I . -46.06 -21.10 -24.70
OAI QV7 I . -43.83 -23.72 -23.00
OAJ QV7 I . -35.00 -25.54 -21.30
OAK QV7 I . -39.70 -22.16 -30.33
OAL QV7 I . -42.30 -29.03 -27.18
OAM QV7 I . -44.77 -21.34 -22.71
CAN QV7 I . -40.29 -28.66 -22.39
CAO QV7 I . -38.58 -28.76 -20.81
CAP QV7 I . -36.54 -29.75 -21.64
CAQ QV7 I . -40.78 -27.52 -23.02
CAR QV7 I . -37.87 -27.63 -20.42
CAS QV7 I . -35.83 -28.62 -21.25
CAT QV7 I . -40.82 -24.81 -28.10
CAU QV7 I . -41.29 -25.07 -26.82
CAV QV7 I . -40.22 -29.77 -24.52
CAW QV7 I . -41.94 -22.69 -28.10
CAX QV7 I . -43.22 -22.01 -26.17
NAY QV7 I . -38.59 -30.91 -21.79
NAZ QV7 I . -39.54 -30.90 -22.57
NBA QV7 I . -41.46 -26.36 -24.95
NBB QV7 I . -42.21 -25.57 -24.33
CBC QV7 I . -37.92 -29.82 -21.43
CBD QV7 I . -40.00 -29.79 -23.15
CBE QV7 I . -43.36 -23.47 -24.25
CBF QV7 I . -41.01 -27.50 -24.40
CBG QV7 I . -36.49 -27.56 -20.64
CBH QV7 I . -41.14 -23.62 -28.74
CBI QV7 I . -40.70 -28.63 -25.15
CBJ QV7 I . -43.69 -22.28 -24.89
CBK QV7 I . -42.57 -24.42 -24.90
CBL QV7 I . -42.42 -22.95 -26.82
CBM QV7 I . -42.09 -24.14 -26.18
SBN QV7 I . -35.59 -26.14 -20.15
SBO QV7 I . -40.53 -23.32 -30.36
SBP QV7 I . -40.93 -28.72 -26.89
SBQ QV7 I . -44.70 -21.07 -24.11
OAA QV7 J . -36.35 -50.43 25.83
OAB QV7 J . -34.35 -50.47 27.24
OAC QV7 J . -32.51 -32.33 26.96
OAD QV7 J . -33.29 -30.86 25.15
OAE QV7 J . -32.52 -40.16 19.78
OAF QV7 J . -30.42 -41.15 20.55
OAG QV7 J . -32.04 -33.51 18.25
OAH QV7 J . -30.85 -35.66 18.17
OAI QV7 J . -32.44 -37.57 19.89
OAJ QV7 J . -36.33 -49.28 27.92
OAK QV7 J . -34.81 -32.23 26.36
OAL QV7 J . -32.28 -42.53 19.90
OAM QV7 J . -33.21 -35.54 17.77
CAN QV7 J . -33.45 -41.36 24.80
CAO QV7 J . -34.84 -45.79 25.82
CAP QV7 J . -33.58 -47.15 24.26
CAQ QV7 J . -33.09 -40.15 24.22
CAR QV7 J . -35.31 -46.93 26.45
CAS QV7 J . -34.06 -48.30 24.90
CAT QV7 J . -33.41 -34.78 25.18
CAU QV7 J . -33.26 -35.86 24.32
CAV QV7 J . -32.88 -42.51 22.76
CAW QV7 J . -33.03 -33.26 23.34
CAX QV7 J . -32.61 -34.13 21.11
NAY QV7 J . -33.53 -44.79 24.12
NAZ QV7 J . -33.70 -43.69 24.64
NBA QV7 J . -32.27 -38.94 22.36
NBB QV7 J . -33.00 -37.98 22.60
CBC QV7 J . -33.97 -45.89 24.73
CBD QV7 J . -33.34 -42.54 24.08
CBE QV7 J . -32.59 -36.52 20.75
CBF QV7 J . -32.61 -40.11 22.91
CBG QV7 J . -34.92 -48.20 25.99
CBH QV7 J . -33.29 -33.49 24.70
CBI QV7 J . -32.51 -41.30 22.18
CBJ QV7 J . -32.47 -35.22 20.25
CBK QV7 J . -32.84 -36.73 22.11
CBL QV7 J . -32.88 -34.34 22.48
CBM QV7 J . -33.00 -35.65 22.96
SBN QV7 J . -35.51 -49.64 26.79
SBO QV7 J . -33.49 -32.17 25.84
SBP QV7 J . -31.92 -41.29 20.53
SBQ QV7 J . -32.14 -34.98 18.54
S SO4 K . 3.14 -15.62 27.43
O1 SO4 K . 4.41 -15.65 26.72
O2 SO4 K . 2.05 -15.87 26.49
O3 SO4 K . 3.12 -16.65 28.46
O4 SO4 K . 2.95 -14.30 28.04
K K L . -30.02 -19.35 20.99
K K M . -1.06 -18.53 0.62
OAA QV7 N . -14.79 47.95 -18.59
OAB QV7 N . -16.83 47.26 -17.45
OAC QV7 N . -6.99 38.44 -5.30
OAD QV7 N . -8.89 36.88 -5.19
OAE QV7 N . -10.09 36.55 -15.89
OAF QV7 N . -10.10 38.13 -17.76
OAG QV7 N . -6.88 32.64 -12.99
OAH QV7 N . -5.00 34.06 -13.65
OAI QV7 N . -7.32 35.94 -13.79
OAJ QV7 N . -15.19 48.60 -16.32
OAK QV7 N . -6.63 36.07 -5.35
OAL QV7 N . -8.13 37.81 -16.44
OAM QV7 N . -5.01 32.91 -11.56
CAN QV7 N . -10.81 41.23 -13.64
CAO QV7 N . -14.32 43.69 -16.76
CAP QV7 N . -12.92 45.04 -15.31
CAQ QV7 N . -10.24 40.07 -13.09
CAR QV7 N . -14.96 44.85 -17.20
CAS QV7 N . -13.56 46.18 -15.76
CAT QV7 N . -8.31 38.15 -8.21
CAU QV7 N . -8.39 38.14 -9.61
CAV QV7 N . -10.58 40.29 -15.85
CAW QV7 N . -7.07 36.10 -8.26
CAX QV7 N . -6.55 35.04 -10.34
NAY QV7 N . -12.71 42.68 -15.36
NAZ QV7 N . -11.52 42.44 -15.54
NBA QV7 N . -9.30 37.93 -13.35
NBB QV7 N . -8.50 38.05 -12.41
CBC QV7 N . -13.30 43.79 -15.80
CBD QV7 N . -10.98 41.33 -15.02
CBE QV7 N . -7.26 35.99 -12.43
CBF QV7 N . -9.84 39.02 -13.92
CBG QV7 N . -14.58 46.09 -16.70
CBH QV7 N . -7.64 37.13 -7.54
CBI QV7 N . -10.02 39.13 -15.29
CBJ QV7 N . -6.61 34.98 -11.72
CBK QV7 N . -7.87 37.06 -11.74
CBL QV7 N . -7.14 36.09 -9.65
CBM QV7 N . -7.80 37.10 -10.35
SBN QV7 N . -15.37 47.55 -17.28
SBO QV7 N . -7.53 37.12 -5.77
SBP QV7 N . -9.55 37.86 -16.39
SBQ QV7 N . -5.83 33.59 -12.49
OAA QV8 O . -2.18 39.77 -13.02
OAB QV8 O . -4.13 44.62 -12.46
OAC QV8 O . -5.35 40.21 -18.09
OAD QV8 O . -3.51 41.58 -18.94
OAE QV8 O . -3.09 39.51 -17.78
CAF QV8 O . -5.78 47.60 -17.66
CAG QV8 O . -5.02 46.48 -18.04
CAH QV8 O . -6.21 47.72 -16.34
CAI QV8 O . -1.90 41.52 -9.33
CAJ QV8 O . -2.42 42.81 -9.19
CAK QV8 O . -4.70 45.50 -17.10
CAL QV8 O . -5.88 46.74 -15.40
CAM QV8 O . -1.98 40.89 -10.57
CAN QV8 O . -3.00 43.46 -10.27
CAO QV8 O . -4.39 42.80 -16.18
CAP QV8 O . -3.29 40.89 -15.21
NAQ QV8 O . -4.83 44.72 -14.82
CAR QV8 O . -5.13 45.63 -15.78
CAS QV8 O . -3.87 41.51 -16.31
CAT QV8 O . -4.34 43.48 -14.97
CAU QV8 O . -2.64 40.90 -12.90
CAV QV8 O . -3.67 43.48 -12.60
CAW QV8 O . -2.57 41.54 -11.66
CAX QV8 O . -3.08 42.83 -11.51
CAY QV8 O . -3.23 41.55 -13.99
CAZ QV8 O . -3.75 42.85 -13.85
SBA QV8 O . -3.94 40.66 -17.84
OAA QV7 P . 11.32 10.15 -4.22
OAB QV7 P . 10.67 10.81 -1.96
OAC QV7 P . 2.27 -3.68 -5.34
OAD QV7 P . 1.47 -5.17 -3.56
OAE QV7 P . 0.93 4.32 0.86
OAF QV7 P . 2.37 2.52 1.72
OAG QV7 P . -4.99 -0.25 -1.24
OAH QV7 P . -4.17 -0.45 1.06
OAI QV7 P . -1.58 2.04 0.27
OAJ QV7 P . 12.17 9.00 -2.31
OAK QV7 P . -0.03 -4.32 -5.22
OAL QV7 P . 3.04 4.82 1.86
OAM QV7 P . -4.24 1.68 -0.04
CAN QV7 P . 4.55 3.80 -2.95
CAO QV7 P . 7.69 7.59 -1.86
CAP QV7 P . 8.39 6.81 -4.03
CAQ QV7 P . 3.42 3.01 -2.81
CAR QV7 P . 8.77 8.48 -1.82
CAS QV7 P . 9.47 7.69 -4.00
CAT QV7 P . 1.79 -1.71 -3.11
CAU QV7 P . 1.53 -0.60 -2.31
CAV QV7 P . 4.27 4.56 -0.69
CAW QV7 P . -0.52 -2.38 -2.92
CAX QV7 P . -2.07 -1.06 -1.63
NAY QV7 P . 6.45 5.92 -2.98
NAZ QV7 P . 6.07 5.37 -1.95
NBA QV7 P . 1.61 2.15 -1.65
NBB QV7 P . 1.00 1.60 -0.72
CBC QV7 P . 7.49 6.75 -2.96
CBD QV7 P . 4.98 4.58 -1.89
CBE QV7 P . -1.31 0.96 -0.52
CBF QV7 P . 2.68 2.97 -1.62
CBG QV7 P . 9.67 8.53 -2.89
CBH QV7 P . 0.77 -2.61 -3.42
CBI QV7 P . 3.13 3.77 -0.53
CBJ QV7 P . -2.33 0.05 -0.83
CBK QV7 P . -0.01 0.76 -1.01
CBL QV7 P . -0.78 -1.27 -2.12
CBM QV7 P . 0.25 -0.37 -1.81
SBN QV7 P . 11.02 9.65 -2.84
SBO QV7 P . 1.12 -4.00 -4.43
SBP QV7 P . 2.35 3.86 1.04
SBQ QV7 P . -3.99 0.28 -0.24
K K Q . 20.54 46.34 3.81
K K R . 17.87 15.66 -13.05
OAA QV7 S . -1.60 -5.05 1.72
OAB QV7 S . -1.82 -4.78 -0.71
OAC QV7 S . 10.50 8.77 4.53
OAD QV7 S . 12.60 8.95 3.31
OAE QV7 S . 8.67 0.31 -2.86
OAF QV7 S . 6.47 0.34 -3.93
OAG QV7 S . 13.63 5.78 -3.34
OAH QV7 S . 12.99 3.43 -3.29
OAI QV7 S . 9.90 3.47 -2.66
OAJ QV7 S . -0.43 -6.49 0.22
OAK QV7 S . 10.72 10.27 2.69
OAL QV7 S . 7.63 2.38 -3.51
OAM QV7 S . 11.72 5.00 -4.55
CAN QV7 S . 5.28 1.27 1.05
CAO QV7 S . 1.49 -1.91 1.00
CAP QV7 S . 2.78 -3.54 -0.23
CAQ QV7 S . 6.43 2.04 0.86
CAR QV7 S . 0.40 -2.78 1.01
CAS QV7 S . 1.69 -4.41 -0.23
CAT QV7 S . 9.39 7.00 2.29
CAU QV7 S . 9.00 6.00 1.39
CAV QV7 S . 5.46 0.44 -1.20
CAW QV7 S . 11.35 7.41 0.95
CAX QV7 S . 11.78 6.14 -1.04
NAY QV7 S . 3.76 -1.48 0.33
NAZ QV7 S . 3.68 -0.27 0.15
NBA QV7 S . 8.24 2.74 -0.53
NBB QV7 S . 8.26 3.98 -0.47
CBC QV7 S . 2.69 -2.29 0.38
CBD QV7 S . 4.78 0.48 0.03
CBE QV7 S . 10.23 4.43 -1.75
CBF QV7 S . 7.12 2.02 -0.36
CBG QV7 S . 0.50 -4.04 0.40
CBH QV7 S . 10.58 7.71 2.07
CBI QV7 S . 6.62 1.20 -1.40
CBJ QV7 S . 11.41 5.15 -1.95
CBK QV7 S . 9.40 4.68 -0.65
CBL QV7 S . 10.97 6.41 0.06
CBM QV7 S . 9.78 5.69 0.27
SBN QV7 S . -0.88 -5.15 0.41
SBO QV7 S . 11.11 8.98 3.18
SBP QV7 S . 7.38 1.07 -2.98
SBQ QV7 S . 12.46 4.83 -3.35
S SO4 T . 30.71 -9.20 15.17
O1 SO4 T . 32.01 -8.95 15.78
O2 SO4 T . 30.87 -10.05 14.00
O3 SO4 T . 29.84 -9.87 16.13
O4 SO4 T . 30.11 -7.93 14.77
K K U . 49.71 12.41 2.08
K K V . 17.94 14.75 14.12
#